data_2P5T
#
_entry.id   2P5T
#
_cell.length_a   80.520
_cell.length_b   102.860
_cell.length_c   254.440
_cell.angle_alpha   90.00
_cell.angle_beta   90.00
_cell.angle_gamma   90.00
#
_symmetry.space_group_name_H-M   'P 21 21 21'
#
loop_
_entity.id
_entity.type
_entity.pdbx_description
1 polymer 'fragment of PezA helix-turn-helix motif'
2 polymer 'Putative transcriptional regulator PezA'
3 polymer PezT
#
loop_
_entity_poly.entity_id
_entity_poly.type
_entity_poly.pdbx_seq_one_letter_code
_entity_poly.pdbx_strand_id
1 'polypeptide(L)'
;(UNK)(UNK)(UNK)(UNK)(UNK)(UNK)(UNK)(UNK)(UNK)(UNK)(UNK)(UNK)(UNK)(UNK)(UNK)(UNK)
(UNK)(UNK)(UNK)(UNK)(UNK)(UNK)(UNK)(UNK)(UNK)(UNK)(UNK)(UNK)(UNK)(UNK)(UNK)(UNK)
(UNK)
;
X
2 'polypeptide(L)'
;MIGKNIKSLRKTHDLTQLEFARIVGISRNSLSRYENGTSSVSTELIDIICQKFNVSYVDIVGEDKMLNPVEDYELTLKIE
IVKERGANLLSRLYRYQDSQGISIDDESNPWILMSDDLSDLIHTNIYLVETFDEIERYSGYLDGIERMLEISEKRMVA
;
A,C,E,G
3 'polypeptide(L)'
;MEIQDYTDSEFKHALARNLRSLTRGKKSSKQPIAILLGGQSGAGKTTIHRIKQKEFQGNIVIIDGDSFRSQHPHYLELQQ
EYGKDSVEYTKDFAGKMVESLVTKLSSLGYNLLIEGTLRTVDVPKKTAQLLKNKGYEVQLALIATKPELSYLSTLIRYEE
LYIINPNQARATPKEHHDFIVNHLVDNTRKLEELAIFERIQIYQRDRSCVYDSKENTTSAADVLQELFFGEWSQVEKEML
QVGEKRLNELLEK
;
B,D,F,H
#
# COMPACT_ATOMS: atom_id res chain seq x y z
N UNK A 1 24.43 13.11 -2.37
CA UNK A 1 24.57 13.61 -0.97
C UNK A 1 24.97 12.53 0.02
N UNK A 2 25.36 12.95 1.22
CA UNK A 2 25.72 12.02 2.29
C UNK A 2 24.51 11.54 3.08
N UNK A 3 23.38 12.20 2.84
CA UNK A 3 22.11 11.86 3.49
C UNK A 3 21.49 10.60 2.92
N UNK A 4 21.47 10.50 1.58
CA UNK A 4 20.98 9.31 0.88
C UNK A 4 21.88 8.09 1.05
N UNK A 5 23.18 8.34 1.14
CA UNK A 5 24.19 7.31 1.38
C UNK A 5 24.24 6.88 2.83
N UNK A 6 24.04 7.84 3.73
CA UNK A 6 23.86 7.58 5.15
C UNK A 6 22.52 6.89 5.43
N UNK A 7 21.57 7.09 4.51
CA UNK A 7 20.25 6.46 4.58
C UNK A 7 20.16 5.11 3.88
N UNK A 8 20.96 4.93 2.82
CA UNK A 8 21.05 3.66 2.10
C UNK A 8 21.83 2.62 2.87
N UNK A 9 22.91 3.06 3.52
CA UNK A 9 23.76 2.19 4.35
C UNK A 9 23.09 1.78 5.65
N UNK A 10 22.21 2.64 6.16
CA UNK A 10 21.40 2.34 7.35
C UNK A 10 20.16 1.57 6.97
N UNK A 11 19.64 1.85 5.77
CA UNK A 11 18.49 1.13 5.20
C UNK A 11 18.84 -0.30 4.86
N UNK A 12 20.12 -0.57 4.62
CA UNK A 12 20.63 -1.92 4.40
C UNK A 12 20.57 -2.74 5.68
N UNK A 13 21.51 -2.46 6.60
CA UNK A 13 21.60 -3.19 7.86
C UNK A 13 20.40 -3.00 8.78
N UNK A 14 20.46 -1.93 9.57
CA UNK A 14 19.47 -1.68 10.63
C UNK A 14 18.14 -1.09 10.19
N UNK A 15 17.60 -0.23 11.04
CA UNK A 15 16.28 0.37 10.84
C UNK A 15 16.26 1.89 10.97
N UNK A 16 15.33 2.40 11.78
CA UNK A 16 15.07 3.84 11.86
C UNK A 16 15.54 4.49 13.14
N UNK A 17 14.66 4.55 14.13
CA UNK A 17 15.00 5.08 15.46
C UNK A 17 16.16 4.32 16.09
N UNK A 18 16.06 2.99 16.02
CA UNK A 18 17.15 2.09 16.46
C UNK A 18 18.37 2.18 15.55
N UNK A 19 18.16 2.61 14.31
CA UNK A 19 19.23 2.78 13.32
C UNK A 19 20.25 3.86 13.69
N UNK A 20 19.78 4.86 14.44
CA UNK A 20 20.66 5.84 15.09
C UNK A 20 20.94 5.47 16.54
N UNK A 21 20.43 4.31 16.95
CA UNK A 21 20.59 3.78 18.32
C UNK A 21 22.03 3.48 18.64
N UNK A 22 22.70 2.72 17.77
CA UNK A 22 24.13 2.47 17.89
C UNK A 22 24.98 3.72 17.77
N UNK A 23 24.32 4.85 17.47
CA UNK A 23 24.98 6.16 17.30
C UNK A 23 24.73 7.14 18.43
N UNK A 24 23.47 7.29 18.83
CA UNK A 24 23.10 8.18 19.94
C UNK A 24 22.76 9.58 19.49
N UNK A 25 22.45 9.73 18.20
CA UNK A 25 22.16 11.03 17.60
C UNK A 25 20.77 11.55 17.89
N UNK A 26 19.90 10.67 18.38
CA UNK A 26 18.51 11.03 18.67
C UNK A 26 17.61 10.78 17.46
N UNK A 27 16.31 10.93 17.66
CA UNK A 27 15.32 10.69 16.61
C UNK A 27 15.47 11.67 15.45
N UNK A 28 15.16 12.93 15.69
CA UNK A 28 15.35 14.00 14.71
C UNK A 28 16.82 14.36 14.54
N UNK A 29 17.55 14.33 15.64
CA UNK A 29 18.96 14.72 15.67
C UNK A 29 19.85 13.94 14.71
N UNK A 30 19.52 12.67 14.52
CA UNK A 30 20.22 11.82 13.55
C UNK A 30 19.53 11.89 12.19
N UNK A 31 18.20 11.74 12.20
CA UNK A 31 17.40 11.78 10.98
C UNK A 31 17.51 13.08 10.20
N UNK A 32 18.18 14.07 10.78
CA UNK A 32 18.43 15.35 10.12
C UNK A 32 19.54 15.26 9.08
N UNK A 33 20.61 14.55 9.41
CA UNK A 33 21.78 14.42 8.53
C UNK A 33 21.61 13.37 7.46
N LEU B 67 33.46 18.26 -8.76
CA LEU B 67 33.97 19.35 -9.66
C LEU B 67 35.48 19.59 -9.45
N ASN B 68 36.20 19.66 -10.57
CA ASN B 68 37.61 20.06 -10.59
C ASN B 68 37.79 21.29 -11.49
N PRO B 69 38.95 21.97 -11.39
CA PRO B 69 39.28 23.16 -12.20
C PRO B 69 38.80 23.17 -13.66
N VAL B 70 38.89 22.05 -14.37
CA VAL B 70 38.45 22.01 -15.78
C VAL B 70 36.93 21.93 -15.91
N GLU B 71 36.32 21.02 -15.15
CA GLU B 71 34.85 20.91 -15.06
C GLU B 71 34.26 22.28 -14.73
N ASP B 72 34.82 22.89 -13.67
CA ASP B 72 34.36 24.16 -13.13
C ASP B 72 34.40 25.27 -14.16
N TYR B 73 35.45 25.29 -14.98
CA TYR B 73 35.57 26.29 -16.04
C TYR B 73 34.64 25.98 -17.19
N GLU B 74 34.53 24.70 -17.53
CA GLU B 74 33.63 24.25 -18.60
C GLU B 74 32.18 24.60 -18.26
N LEU B 75 31.87 24.58 -16.96
CA LEU B 75 30.62 25.11 -16.45
C LEU B 75 30.55 26.61 -16.72
N THR B 76 31.56 27.36 -16.26
CA THR B 76 31.63 28.81 -16.53
C THR B 76 31.41 29.13 -18.01
N LEU B 77 31.90 28.26 -18.88
CA LEU B 77 31.71 28.40 -20.32
C LEU B 77 30.27 28.15 -20.74
N LYS B 78 29.62 27.14 -20.18
CA LYS B 78 28.20 26.86 -20.45
C LYS B 78 27.34 28.02 -19.93
N ILE B 79 27.68 28.51 -18.73
CA ILE B 79 27.05 29.70 -18.13
C ILE B 79 27.11 30.88 -19.11
N GLU B 80 28.28 31.04 -19.72
CA GLU B 80 28.53 32.11 -20.69
C GLU B 80 27.64 31.91 -21.91
N ILE B 81 27.77 30.74 -22.56
CA ILE B 81 26.95 30.38 -23.72
C ILE B 81 25.47 30.69 -23.47
N VAL B 82 24.95 30.21 -22.34
CA VAL B 82 23.56 30.50 -21.96
C VAL B 82 23.26 31.99 -21.78
N LYS B 83 24.10 32.72 -21.04
CA LYS B 83 23.91 34.17 -20.88
C LYS B 83 23.76 34.88 -22.23
N GLU B 84 24.70 34.65 -23.14
CA GLU B 84 24.69 35.25 -24.49
C GLU B 84 23.39 34.90 -25.17
N ARG B 85 23.11 33.59 -25.25
CA ARG B 85 21.93 33.08 -25.94
C ARG B 85 20.66 33.71 -25.39
N GLY B 86 20.63 33.86 -24.07
CA GLY B 86 19.50 34.48 -23.38
C GLY B 86 19.35 35.93 -23.73
N ALA B 87 20.45 36.67 -23.62
CA ALA B 87 20.47 38.10 -23.93
C ALA B 87 19.97 38.33 -25.36
N ASN B 88 20.39 37.45 -26.28
CA ASN B 88 19.89 37.49 -27.66
C ASN B 88 18.37 37.42 -27.73
N LEU B 89 17.77 36.46 -27.00
CA LEU B 89 16.32 36.27 -26.95
C LEU B 89 15.57 37.41 -26.27
N LEU B 90 16.14 37.94 -25.20
CA LEU B 90 15.55 39.07 -24.48
C LEU B 90 15.45 40.29 -25.39
N SER B 91 16.53 40.57 -26.12
CA SER B 91 16.53 41.67 -27.08
C SER B 91 15.47 41.46 -28.16
N ARG B 92 15.26 40.21 -28.57
CA ARG B 92 14.20 39.86 -29.51
C ARG B 92 12.81 40.01 -28.89
N LEU B 93 12.68 39.61 -27.63
CA LEU B 93 11.44 39.81 -26.88
C LEU B 93 11.09 41.29 -26.84
N TYR B 94 12.07 42.13 -26.51
CA TYR B 94 11.88 43.57 -26.49
C TYR B 94 11.47 44.07 -27.86
N ARG B 95 12.07 43.52 -28.90
CA ARG B 95 11.71 43.85 -30.27
C ARG B 95 10.24 43.53 -30.50
N TYR B 96 9.83 42.33 -30.10
CA TYR B 96 8.44 41.92 -30.29
C TYR B 96 7.47 42.75 -29.46
N GLN B 97 7.81 42.97 -28.19
CA GLN B 97 6.94 43.69 -27.26
C GLN B 97 6.61 45.12 -27.72
N ASP B 98 7.61 45.81 -28.27
CA ASP B 98 7.44 47.17 -28.77
C ASP B 98 6.55 47.19 -29.99
N SER B 99 6.75 46.24 -30.89
CA SER B 99 5.97 46.11 -32.10
C SER B 99 4.53 45.68 -31.83
N GLN B 100 4.17 45.58 -30.55
CA GLN B 100 2.82 45.22 -30.14
C GLN B 100 2.19 46.28 -29.24
N GLY B 101 3.01 47.25 -28.85
CA GLY B 101 2.58 48.33 -27.96
C GLY B 101 2.43 47.90 -26.50
N ILE B 102 2.92 46.70 -26.19
CA ILE B 102 2.86 46.18 -24.83
C ILE B 102 3.74 47.02 -23.90
N SER B 103 3.08 47.72 -22.98
CA SER B 103 3.73 48.53 -21.95
C SER B 103 4.71 47.69 -21.13
N ILE B 104 5.79 48.30 -20.66
CA ILE B 104 6.90 47.53 -20.07
C ILE B 104 6.52 46.75 -18.81
N ASP B 105 5.77 47.40 -17.93
CA ASP B 105 5.40 46.80 -16.64
C ASP B 105 4.02 46.14 -16.66
N ASP B 106 3.47 45.95 -17.86
CA ASP B 106 2.20 45.24 -18.06
C ASP B 106 2.35 43.77 -17.65
N GLU B 107 2.58 43.55 -16.36
CA GLU B 107 2.92 42.24 -15.80
C GLU B 107 1.87 41.18 -16.08
N SER B 108 0.67 41.63 -16.46
CA SER B 108 -0.44 40.76 -16.86
C SER B 108 -0.20 40.10 -18.22
N ASN B 109 0.59 40.75 -19.06
CA ASN B 109 0.91 40.23 -20.39
C ASN B 109 1.96 39.11 -20.33
N PRO B 110 1.63 37.93 -20.91
CA PRO B 110 2.50 36.74 -20.93
C PRO B 110 3.89 37.00 -21.50
N TRP B 111 4.00 37.98 -22.39
CA TRP B 111 5.29 38.33 -22.97
C TRP B 111 6.15 39.07 -21.94
N ILE B 112 5.52 39.94 -21.17
CA ILE B 112 6.20 40.62 -20.06
C ILE B 112 6.71 39.63 -19.03
N LEU B 113 5.90 38.63 -18.70
CA LEU B 113 6.33 37.58 -17.78
C LEU B 113 7.58 36.88 -18.27
N MET B 114 7.60 36.48 -19.54
CA MET B 114 8.76 35.79 -20.11
C MET B 114 10.01 36.64 -20.09
N SER B 115 9.87 37.91 -20.49
CA SER B 115 11.00 38.82 -20.48
C SER B 115 11.51 39.01 -19.06
N ASP B 116 10.57 39.10 -18.11
CA ASP B 116 10.90 39.30 -16.70
C ASP B 116 11.60 38.09 -16.07
N ASP B 117 11.07 36.89 -16.32
CA ASP B 117 11.68 35.66 -15.82
C ASP B 117 13.11 35.53 -16.34
N LEU B 118 13.22 35.45 -17.67
CA LEU B 118 14.50 35.37 -18.36
C LEU B 118 15.50 36.42 -17.88
N SER B 119 15.04 37.68 -17.81
CA SER B 119 15.85 38.78 -17.27
C SER B 119 16.43 38.46 -15.89
N ASP B 120 15.59 37.95 -15.00
CA ASP B 120 16.01 37.55 -13.66
C ASP B 120 17.08 36.45 -13.68
N LEU B 121 17.09 35.64 -14.73
CA LEU B 121 18.08 34.56 -14.86
C LEU B 121 19.39 35.10 -15.41
N ILE B 122 19.38 35.67 -16.61
CA ILE B 122 20.58 36.29 -17.21
C ILE B 122 21.30 37.22 -16.24
N HIS B 123 20.55 38.00 -15.46
CA HIS B 123 21.16 39.02 -14.61
C HIS B 123 21.59 38.53 -13.24
N THR B 124 21.19 37.31 -12.89
CA THR B 124 21.46 36.79 -11.54
C THR B 124 21.61 35.27 -11.48
N ASN B 125 20.59 34.54 -11.88
CA ASN B 125 20.49 33.12 -11.56
C ASN B 125 21.47 32.18 -12.24
N ILE B 126 21.91 32.52 -13.46
CA ILE B 126 22.81 31.63 -14.21
C ILE B 126 24.15 31.56 -13.47
N TYR B 127 24.57 32.71 -12.96
CA TYR B 127 25.80 32.81 -12.19
C TYR B 127 25.75 31.98 -10.92
N LEU B 128 24.54 31.67 -10.46
CA LEU B 128 24.37 30.93 -9.23
C LEU B 128 24.24 29.42 -9.46
N VAL B 129 24.22 29.02 -10.72
CA VAL B 129 24.15 27.60 -11.13
C VAL B 129 25.44 26.84 -10.75
N GLU B 130 25.27 25.60 -10.26
CA GLU B 130 26.39 24.80 -9.76
C GLU B 130 26.57 23.44 -10.45
N THR B 131 25.62 23.05 -11.31
CA THR B 131 25.66 21.77 -12.03
C THR B 131 25.29 21.86 -13.51
N PHE B 132 25.79 20.90 -14.30
CA PHE B 132 25.51 20.82 -15.74
C PHE B 132 24.05 20.49 -16.05
N ASP B 133 23.34 19.93 -15.07
CA ASP B 133 21.94 19.62 -15.25
C ASP B 133 21.10 20.88 -15.24
N GLU B 134 21.38 21.77 -14.29
CA GLU B 134 20.68 23.05 -14.20
C GLU B 134 20.76 23.81 -15.52
N ILE B 135 21.93 23.73 -16.15
CA ILE B 135 22.14 24.34 -17.46
C ILE B 135 21.22 23.76 -18.52
N GLU B 136 21.14 22.44 -18.62
CA GLU B 136 20.25 21.81 -19.60
C GLU B 136 18.79 22.23 -19.41
N ARG B 137 18.41 22.46 -18.16
CA ARG B 137 17.07 22.90 -17.81
C ARG B 137 16.83 24.32 -18.30
N TYR B 138 17.77 25.21 -18.03
CA TYR B 138 17.69 26.58 -18.47
C TYR B 138 17.72 26.65 -20.00
N SER B 139 18.43 25.71 -20.62
CA SER B 139 18.57 25.67 -22.07
C SER B 139 17.24 25.30 -22.76
N GLY B 140 16.63 24.22 -22.31
CA GLY B 140 15.31 23.83 -22.79
C GLY B 140 14.20 24.81 -22.44
N TYR B 141 14.49 25.68 -21.47
CA TYR B 141 13.58 26.77 -21.15
C TYR B 141 13.69 27.86 -22.20
N LEU B 142 14.92 28.23 -22.54
CA LEU B 142 15.18 29.15 -23.65
C LEU B 142 14.61 28.60 -24.96
N ASP B 143 14.92 27.33 -25.23
CA ASP B 143 14.31 26.59 -26.33
C ASP B 143 12.81 26.84 -26.41
N GLY B 144 12.13 26.76 -25.27
CA GLY B 144 10.69 26.98 -25.19
C GLY B 144 10.31 28.39 -25.61
N ILE B 145 11.02 29.37 -25.06
CA ILE B 145 10.81 30.78 -25.40
C ILE B 145 10.91 30.99 -26.91
N GLU B 146 12.09 30.64 -27.45
CA GLU B 146 12.38 30.81 -28.86
C GLU B 146 11.29 30.25 -29.76
N ARG B 147 10.79 29.06 -29.43
CA ARG B 147 9.76 28.41 -30.22
C ARG B 147 8.51 29.28 -30.31
N MET B 148 8.13 29.87 -29.19
CA MET B 148 6.98 30.76 -29.13
C MET B 148 7.27 32.10 -29.83
N LEU B 149 8.49 32.60 -29.65
CA LEU B 149 8.91 33.86 -30.27
C LEU B 149 8.95 33.76 -31.80
N GLU B 150 9.48 32.65 -32.31
CA GLU B 150 9.52 32.41 -33.75
C GLU B 150 8.15 32.33 -34.42
N ILE B 151 7.17 31.74 -33.72
CA ILE B 151 5.83 31.59 -34.26
C ILE B 151 5.10 32.93 -34.32
N SER B 152 5.46 33.84 -33.41
CA SER B 152 4.83 35.16 -33.34
C SER B 152 5.34 36.18 -34.37
N GLU B 153 6.59 36.04 -34.79
CA GLU B 153 7.20 36.94 -35.78
C GLU B 153 6.81 36.56 -37.21
N LYS B 154 6.41 35.30 -37.40
CA LYS B 154 6.05 34.78 -38.72
C LYS B 154 4.57 34.99 -39.02
N ARG B 155 3.78 35.11 -37.96
CA ARG B 155 2.39 35.56 -38.07
C ARG B 155 2.40 37.06 -38.33
N MET B 156 3.52 37.70 -37.99
CA MET B 156 3.67 39.15 -38.01
C MET B 156 4.11 39.69 -39.38
N VAL B 157 5.22 39.17 -39.91
CA VAL B 157 5.69 39.52 -41.26
C VAL B 157 4.97 38.64 -42.31
N ALA B 158 3.83 38.08 -41.90
CA ALA B 158 2.98 37.26 -42.77
C ALA B 158 2.33 38.13 -43.83
N ILE C 3 19.28 55.53 -41.32
CA ILE C 3 20.74 55.46 -41.01
C ILE C 3 20.98 54.66 -39.71
N GLN C 4 21.41 55.32 -38.64
CA GLN C 4 21.65 54.65 -37.35
C GLN C 4 21.30 55.53 -36.14
N ASP C 5 20.67 56.67 -36.41
CA ASP C 5 20.22 57.62 -35.38
C ASP C 5 19.26 56.98 -34.39
N TYR C 6 19.22 57.51 -33.17
CA TYR C 6 18.18 57.15 -32.20
C TYR C 6 17.58 58.40 -31.54
N THR C 7 16.25 58.52 -31.59
CA THR C 7 15.56 59.64 -30.94
C THR C 7 15.64 59.51 -29.41
N ASP C 8 15.40 60.60 -28.71
CA ASP C 8 15.62 60.67 -27.28
C ASP C 8 14.57 59.91 -26.45
N SER C 9 13.39 59.71 -27.02
CA SER C 9 12.34 58.91 -26.34
C SER C 9 12.66 57.41 -26.40
N GLU C 10 13.54 57.03 -27.32
CA GLU C 10 13.95 55.62 -27.50
C GLU C 10 15.00 55.21 -26.48
N PHE C 11 15.90 56.14 -26.16
CA PHE C 11 16.89 55.94 -25.10
C PHE C 11 16.19 55.82 -23.74
N LYS C 12 15.34 56.80 -23.42
CA LYS C 12 14.57 56.83 -22.16
C LYS C 12 13.67 55.61 -22.01
N HIS C 13 13.23 55.09 -23.15
CA HIS C 13 12.40 53.90 -23.22
C HIS C 13 13.21 52.66 -22.82
N ALA C 14 14.28 52.40 -23.55
CA ALA C 14 15.15 51.26 -23.30
C ALA C 14 15.90 51.39 -21.97
N LEU C 15 16.16 52.64 -21.57
CA LEU C 15 16.80 52.91 -20.29
C LEU C 15 15.85 52.63 -19.13
N ALA C 16 14.62 53.15 -19.20
CA ALA C 16 13.60 52.92 -18.18
C ALA C 16 13.35 51.42 -18.01
N ARG C 17 13.28 50.73 -19.14
CA ARG C 17 13.13 49.29 -19.15
C ARG C 17 14.29 48.60 -18.44
N ASN C 18 15.51 49.04 -18.73
CA ASN C 18 16.71 48.43 -18.16
C ASN C 18 16.83 48.64 -16.65
N LEU C 19 16.34 49.78 -16.19
CA LEU C 19 16.33 50.11 -14.76
C LEU C 19 15.28 49.29 -14.01
N ARG C 20 14.14 49.05 -14.63
CA ARG C 20 13.18 48.08 -14.12
C ARG C 20 13.83 46.69 -14.11
N SER C 21 14.44 46.32 -15.24
CA SER C 21 15.16 45.04 -15.42
C SER C 21 16.17 44.71 -14.34
N LEU C 22 17.15 45.60 -14.15
CA LEU C 22 18.31 45.29 -13.33
C LEU C 22 18.05 45.43 -11.82
N THR C 23 17.06 46.26 -11.46
CA THR C 23 16.67 46.48 -10.06
C THR C 23 16.06 45.24 -9.39
N ARG C 24 15.45 44.39 -10.21
CA ARG C 24 14.73 43.19 -9.80
C ARG C 24 15.45 42.29 -8.79
N GLY C 25 14.83 42.11 -7.63
CA GLY C 25 15.33 41.19 -6.60
C GLY C 25 16.60 41.64 -5.93
N LYS C 26 16.94 42.91 -6.11
CA LYS C 26 18.13 43.51 -5.50
C LYS C 26 17.71 44.56 -4.47
N LYS C 27 18.47 44.69 -3.39
CA LYS C 27 18.16 45.69 -2.37
C LYS C 27 19.30 46.67 -2.11
N SER C 28 18.92 47.93 -1.87
CA SER C 28 19.87 49.04 -1.73
C SER C 28 20.76 48.90 -0.49
N SER C 29 21.79 49.74 -0.41
CA SER C 29 22.74 49.66 0.70
C SER C 29 23.23 51.02 1.15
N LYS C 30 23.18 51.24 2.48
CA LYS C 30 23.87 52.35 3.13
C LYS C 30 25.40 52.17 3.00
N GLN C 31 25.83 50.92 2.77
CA GLN C 31 27.25 50.61 2.54
C GLN C 31 27.43 49.89 1.18
N PRO C 32 27.23 50.62 0.06
CA PRO C 32 27.27 49.94 -1.24
C PRO C 32 28.68 49.73 -1.79
N ILE C 33 28.82 48.73 -2.66
CA ILE C 33 30.11 48.31 -3.21
C ILE C 33 30.07 48.31 -4.75
N ALA C 34 31.09 48.91 -5.37
CA ALA C 34 31.25 48.89 -6.83
C ALA C 34 32.51 48.14 -7.21
N ILE C 35 32.39 47.16 -8.10
CA ILE C 35 33.54 46.35 -8.53
C ILE C 35 33.76 46.45 -10.04
N LEU C 36 34.97 46.89 -10.42
CA LEU C 36 35.36 46.98 -11.84
C LEU C 36 36.12 45.73 -12.26
N LEU C 37 35.90 45.31 -13.51
CA LEU C 37 36.50 44.10 -14.07
C LEU C 37 37.55 44.42 -15.10
N GLY C 38 38.76 43.90 -14.87
CA GLY C 38 39.82 43.96 -15.87
C GLY C 38 40.19 42.58 -16.34
N GLY C 39 40.97 42.52 -17.41
CA GLY C 39 41.54 41.26 -17.88
C GLY C 39 41.23 40.95 -19.32
N GLN C 40 42.16 40.22 -19.96
CA GLN C 40 42.02 39.81 -21.35
C GLN C 40 40.63 39.27 -21.66
N SER C 41 40.16 39.57 -22.88
CA SER C 41 38.80 39.23 -23.32
C SER C 41 38.42 37.77 -23.05
N GLY C 42 39.16 36.85 -23.63
CA GLY C 42 38.85 35.42 -23.50
C GLY C 42 39.43 34.70 -22.28
N ALA C 43 39.73 35.46 -21.23
CA ALA C 43 40.21 34.88 -19.99
C ALA C 43 39.07 34.27 -19.19
N GLY C 44 37.85 34.70 -19.49
CA GLY C 44 36.68 34.19 -18.79
C GLY C 44 36.33 35.02 -17.58
N LYS C 45 36.01 36.30 -17.84
CA LYS C 45 35.47 37.20 -16.82
C LYS C 45 34.15 36.68 -16.24
N THR C 46 33.40 35.92 -17.03
CA THR C 46 32.20 35.22 -16.57
C THR C 46 32.41 34.40 -15.29
N THR C 47 33.67 34.11 -14.97
CA THR C 47 34.05 33.44 -13.72
C THR C 47 33.82 34.37 -12.53
N ILE C 48 34.23 35.63 -12.69
CA ILE C 48 34.13 36.62 -11.60
C ILE C 48 32.67 36.91 -11.27
N HIS C 49 31.84 36.94 -12.32
CA HIS C 49 30.39 37.02 -12.17
C HIS C 49 29.89 35.94 -11.19
N ARG C 50 30.30 34.70 -11.42
CA ARG C 50 29.91 33.57 -10.56
C ARG C 50 30.35 33.78 -9.12
N ILE C 51 31.60 34.23 -8.93
CA ILE C 51 32.13 34.46 -7.58
C ILE C 51 31.35 35.56 -6.87
N LYS C 52 31.22 36.72 -7.51
CA LYS C 52 30.65 37.90 -6.88
C LYS C 52 29.13 37.87 -6.78
N GLN C 53 28.48 37.05 -7.60
CA GLN C 53 27.03 36.89 -7.47
C GLN C 53 26.70 36.01 -6.27
N LYS C 54 27.48 34.95 -6.08
CA LYS C 54 27.36 34.07 -4.92
C LYS C 54 27.83 34.78 -3.66
N GLU C 55 28.88 35.60 -3.80
CA GLU C 55 29.46 36.35 -2.70
C GLU C 55 28.54 37.45 -2.17
N PHE C 56 27.67 37.96 -3.03
CA PHE C 56 26.68 38.94 -2.61
C PHE C 56 25.30 38.32 -2.51
N GLN C 57 25.27 36.99 -2.59
CA GLN C 57 24.07 36.17 -2.48
C GLN C 57 22.92 36.71 -3.33
N GLY C 58 23.17 36.87 -4.63
CA GLY C 58 22.18 37.40 -5.55
C GLY C 58 22.04 38.92 -5.57
N ASN C 59 22.60 39.60 -4.59
CA ASN C 59 22.40 41.05 -4.46
C ASN C 59 23.56 41.91 -5.01
N ILE C 60 23.77 41.81 -6.32
CA ILE C 60 24.69 42.70 -7.04
C ILE C 60 24.24 42.85 -8.50
N VAL C 61 24.16 44.08 -8.98
CA VAL C 61 23.78 44.37 -10.37
C VAL C 61 25.00 44.33 -11.30
N ILE C 62 24.96 43.47 -12.31
CA ILE C 62 26.02 43.37 -13.31
C ILE C 62 25.63 44.19 -14.53
N ILE C 63 26.54 45.05 -14.97
CA ILE C 63 26.31 45.90 -16.11
C ILE C 63 27.35 45.58 -17.17
N ASP C 64 26.94 44.83 -18.20
CA ASP C 64 27.86 44.48 -19.30
C ASP C 64 27.54 45.23 -20.57
N GLY C 65 28.36 46.22 -20.87
CA GLY C 65 28.12 47.13 -22.00
C GLY C 65 27.75 46.40 -23.29
N ASP C 66 28.41 45.27 -23.52
CA ASP C 66 28.25 44.53 -24.78
C ASP C 66 26.83 44.04 -25.01
N SER C 67 26.18 43.55 -23.95
CA SER C 67 24.80 43.03 -24.05
C SER C 67 23.81 44.08 -24.55
N PHE C 68 24.11 45.34 -24.28
CA PHE C 68 23.21 46.45 -24.63
C PHE C 68 23.23 46.84 -26.10
N ARG C 69 24.01 46.13 -26.92
CA ARG C 69 24.13 46.45 -28.35
C ARG C 69 22.85 46.18 -29.14
N SER C 70 22.26 45.00 -28.92
CA SER C 70 21.06 44.58 -29.66
C SER C 70 19.91 45.55 -29.40
N GLN C 71 20.02 46.32 -28.32
CA GLN C 71 18.96 47.22 -27.90
C GLN C 71 18.91 48.54 -28.67
N HIS C 72 19.79 48.69 -29.67
CA HIS C 72 19.75 49.83 -30.58
C HIS C 72 18.48 49.73 -31.41
N PRO C 73 17.63 50.78 -31.34
CA PRO C 73 16.34 50.85 -32.03
C PRO C 73 16.35 50.44 -33.50
N HIS C 74 17.53 50.32 -34.10
CA HIS C 74 17.64 49.91 -35.50
C HIS C 74 18.76 48.89 -35.70
N TYR C 75 18.91 48.01 -34.71
CA TYR C 75 19.89 46.93 -34.75
C TYR C 75 19.71 46.04 -35.98
N LEU C 76 18.49 45.54 -36.17
CA LEU C 76 18.18 44.67 -37.30
C LEU C 76 18.67 45.24 -38.61
N GLU C 77 18.44 46.54 -38.80
CA GLU C 77 18.82 47.27 -40.00
C GLU C 77 20.34 47.33 -40.16
N LEU C 78 21.03 47.56 -39.05
CA LEU C 78 22.49 47.68 -39.04
C LEU C 78 23.19 46.33 -39.16
N GLN C 79 22.49 45.26 -38.79
CA GLN C 79 23.01 43.91 -38.99
C GLN C 79 22.80 43.47 -40.43
N GLN C 80 21.66 43.83 -40.99
CA GLN C 80 21.35 43.53 -42.40
C GLN C 80 22.16 44.40 -43.36
N GLU C 81 23.32 44.87 -42.88
CA GLU C 81 24.34 45.49 -43.72
C GLU C 81 25.74 45.25 -43.15
N TYR C 82 26.11 45.99 -42.10
CA TYR C 82 27.41 45.80 -41.45
C TYR C 82 27.49 44.42 -40.78
N GLY C 83 28.04 43.46 -41.52
CA GLY C 83 28.09 42.06 -41.09
C GLY C 83 28.69 41.85 -39.71
N LYS C 84 29.68 42.68 -39.38
CA LYS C 84 30.37 42.60 -38.10
C LYS C 84 30.84 43.99 -37.65
N ASP C 85 30.94 44.91 -38.61
CA ASP C 85 31.36 46.29 -38.35
C ASP C 85 30.22 47.19 -37.87
N SER C 86 29.21 46.61 -37.23
CA SER C 86 28.11 47.39 -36.67
C SER C 86 28.47 47.92 -35.28
N VAL C 87 29.61 47.49 -34.77
CA VAL C 87 30.05 47.79 -33.40
C VAL C 87 30.24 49.29 -33.09
N GLU C 88 30.88 50.03 -34.00
CA GLU C 88 31.13 51.46 -33.77
C GLU C 88 29.88 52.33 -33.87
N TYR C 89 28.82 51.76 -34.45
CA TYR C 89 27.53 52.44 -34.53
C TYR C 89 26.66 52.07 -33.34
N THR C 90 27.08 51.06 -32.60
CA THR C 90 26.32 50.59 -31.44
C THR C 90 26.92 51.03 -30.11
N LYS C 91 28.25 51.17 -30.03
CA LYS C 91 28.91 51.55 -28.78
C LYS C 91 28.67 53.02 -28.41
N ASP C 92 28.34 53.83 -29.41
CA ASP C 92 27.85 55.18 -29.17
C ASP C 92 26.61 55.13 -28.27
N PHE C 93 25.69 54.25 -28.62
CA PHE C 93 24.47 53.97 -27.85
C PHE C 93 24.77 53.22 -26.56
N ALA C 94 25.47 52.09 -26.68
CA ALA C 94 25.74 51.20 -25.56
C ALA C 94 26.43 51.90 -24.40
N GLY C 95 27.47 52.68 -24.70
CA GLY C 95 28.24 53.39 -23.67
C GLY C 95 27.41 54.33 -22.82
N LYS C 96 26.58 55.14 -23.47
CA LYS C 96 25.71 56.09 -22.76
C LYS C 96 24.65 55.35 -21.94
N MET C 97 24.27 54.17 -22.42
CA MET C 97 23.41 53.27 -21.66
C MET C 97 24.08 52.88 -20.33
N VAL C 98 25.37 52.56 -20.39
CA VAL C 98 26.17 52.26 -19.19
C VAL C 98 26.26 53.51 -18.30
N GLU C 99 26.56 54.65 -18.92
CA GLU C 99 26.66 55.92 -18.22
C GLU C 99 25.44 56.15 -17.34
N SER C 100 24.26 56.15 -17.95
CA SER C 100 22.98 56.39 -17.27
C SER C 100 22.65 55.36 -16.20
N LEU C 101 23.02 54.10 -16.47
CA LEU C 101 22.79 53.01 -15.54
C LEU C 101 23.67 53.12 -14.30
N VAL C 102 24.96 53.38 -14.50
CA VAL C 102 25.87 53.55 -13.37
C VAL C 102 25.44 54.76 -12.53
N THR C 103 25.13 55.87 -13.20
CA THR C 103 24.70 57.09 -12.53
C THR C 103 23.51 56.84 -11.63
N LYS C 104 22.38 56.43 -12.21
CA LYS C 104 21.13 56.29 -11.49
C LYS C 104 21.22 55.26 -10.36
N LEU C 105 21.79 54.10 -10.65
CA LEU C 105 21.91 53.02 -9.67
C LEU C 105 22.88 53.37 -8.54
N SER C 106 23.92 54.14 -8.88
CA SER C 106 24.88 54.63 -7.88
C SER C 106 24.26 55.69 -6.96
N SER C 107 23.25 56.39 -7.46
CA SER C 107 22.46 57.31 -6.64
C SER C 107 21.57 56.51 -5.69
N LEU C 108 21.00 55.42 -6.21
CA LEU C 108 20.07 54.58 -5.45
C LEU C 108 20.79 53.53 -4.58
N GLY C 109 22.11 53.49 -4.67
CA GLY C 109 22.93 52.72 -3.73
C GLY C 109 22.84 51.21 -3.83
N TYR C 110 22.80 50.71 -5.05
CA TYR C 110 22.86 49.27 -5.31
C TYR C 110 24.31 48.77 -5.33
N ASN C 111 24.49 47.45 -5.27
CA ASN C 111 25.80 46.87 -5.46
C ASN C 111 26.05 46.67 -6.95
N LEU C 112 27.19 47.15 -7.43
CA LEU C 112 27.46 47.17 -8.87
C LEU C 112 28.72 46.42 -9.29
N LEU C 113 28.59 45.64 -10.36
CA LEU C 113 29.71 44.95 -10.99
C LEU C 113 29.83 45.38 -12.45
N ILE C 114 30.90 46.09 -12.78
CA ILE C 114 31.04 46.74 -14.08
C ILE C 114 32.18 46.15 -14.92
N GLU C 115 31.85 45.64 -16.10
CA GLU C 115 32.84 45.12 -17.05
C GLU C 115 33.66 46.29 -17.57
N GLY C 116 34.96 46.30 -17.26
CA GLY C 116 35.80 47.48 -17.48
C GLY C 116 36.73 47.40 -18.69
N THR C 117 36.95 48.57 -19.29
CA THR C 117 37.86 48.72 -20.43
C THR C 117 39.27 48.96 -19.90
N LEU C 118 39.91 47.90 -19.38
CA LEU C 118 41.17 48.07 -18.67
C LEU C 118 42.41 48.23 -19.56
N ARG C 119 42.21 48.16 -20.88
CA ARG C 119 43.24 48.47 -21.85
C ARG C 119 43.50 49.97 -21.89
N THR C 120 42.56 50.75 -21.36
CA THR C 120 42.74 52.19 -21.22
C THR C 120 42.82 52.54 -19.74
N VAL C 121 43.61 53.56 -19.42
CA VAL C 121 43.86 53.93 -18.03
C VAL C 121 42.72 54.79 -17.47
N ASP C 122 42.23 55.73 -18.27
CA ASP C 122 41.27 56.75 -17.81
C ASP C 122 39.84 56.27 -17.54
N VAL C 123 39.16 55.70 -18.53
CA VAL C 123 37.77 55.22 -18.35
C VAL C 123 37.44 54.69 -16.93
N PRO C 124 38.16 53.66 -16.44
CA PRO C 124 37.91 53.16 -15.08
C PRO C 124 38.21 54.18 -13.99
N LYS C 125 39.36 54.84 -14.06
CA LYS C 125 39.74 55.87 -13.09
C LYS C 125 38.63 56.91 -12.89
N LYS C 126 38.19 57.51 -14.00
CA LYS C 126 37.16 58.55 -13.98
C LYS C 126 35.80 57.99 -13.53
N THR C 127 35.65 56.66 -13.62
CA THR C 127 34.41 55.99 -13.21
C THR C 127 34.35 55.78 -11.70
N ALA C 128 35.40 55.18 -11.15
CA ALA C 128 35.49 54.90 -9.71
C ALA C 128 35.52 56.18 -8.90
N GLN C 129 36.07 57.23 -9.50
CA GLN C 129 36.12 58.56 -8.89
C GLN C 129 34.72 59.09 -8.65
N LEU C 130 33.87 59.04 -9.67
CA LEU C 130 32.48 59.47 -9.55
C LEU C 130 31.64 58.49 -8.72
N LEU C 131 32.18 57.29 -8.52
CA LEU C 131 31.54 56.26 -7.70
C LEU C 131 31.85 56.41 -6.22
N LYS C 132 33.08 56.80 -5.90
CA LYS C 132 33.51 56.97 -4.52
C LYS C 132 32.84 58.21 -3.86
N ASN C 133 32.64 59.27 -4.63
CA ASN C 133 31.90 60.47 -4.19
C ASN C 133 30.53 60.11 -3.64
N LYS C 134 29.84 59.21 -4.35
CA LYS C 134 28.51 58.74 -3.97
C LYS C 134 28.53 57.91 -2.68
N GLY C 135 29.72 57.51 -2.25
CA GLY C 135 29.89 56.73 -1.02
C GLY C 135 30.02 55.24 -1.28
N TYR C 136 30.83 54.89 -2.27
CA TYR C 136 31.04 53.49 -2.65
C TYR C 136 32.41 52.97 -2.26
N GLU C 137 32.45 51.81 -1.63
CA GLU C 137 33.69 51.05 -1.53
C GLU C 137 33.95 50.50 -2.93
N VAL C 138 34.94 51.04 -3.62
CA VAL C 138 35.18 50.65 -5.01
C VAL C 138 36.40 49.74 -5.14
N GLN C 139 36.18 48.57 -5.73
CA GLN C 139 37.20 47.55 -5.81
C GLN C 139 37.54 47.21 -7.25
N LEU C 140 38.73 46.66 -7.47
CA LEU C 140 39.13 46.11 -8.77
C LEU C 140 39.19 44.59 -8.74
N ALA C 141 38.56 43.95 -9.73
CA ALA C 141 38.56 42.49 -9.82
C ALA C 141 39.11 41.99 -11.16
N LEU C 142 40.37 41.56 -11.15
CA LEU C 142 41.05 41.13 -12.36
C LEU C 142 40.97 39.61 -12.55
N ILE C 143 40.87 39.18 -13.81
CA ILE C 143 40.93 37.75 -14.15
C ILE C 143 42.19 37.45 -14.95
N ALA C 144 42.92 36.41 -14.57
CA ALA C 144 44.19 36.10 -15.22
C ALA C 144 44.44 34.63 -15.52
N THR C 145 44.76 34.33 -16.78
CA THR C 145 45.39 33.07 -17.18
C THR C 145 46.49 33.33 -18.21
N LYS C 146 47.15 32.25 -18.62
CA LYS C 146 48.14 32.32 -19.68
C LYS C 146 47.48 32.92 -20.91
N PRO C 147 48.04 34.03 -21.42
CA PRO C 147 47.57 34.72 -22.62
C PRO C 147 47.12 33.77 -23.75
N GLU C 148 47.81 32.65 -23.93
CA GLU C 148 47.45 31.69 -24.95
C GLU C 148 46.03 31.16 -24.76
N LEU C 149 45.78 30.54 -23.61
CA LEU C 149 44.47 29.98 -23.31
C LEU C 149 43.40 31.03 -23.52
N SER C 150 43.75 32.28 -23.20
CA SER C 150 42.85 33.41 -23.43
C SER C 150 42.57 33.57 -24.91
N TYR C 151 43.62 33.71 -25.73
CA TYR C 151 43.47 33.81 -27.18
C TYR C 151 42.72 32.59 -27.74
N LEU C 152 42.86 31.45 -27.06
CA LEU C 152 42.21 30.23 -27.50
C LEU C 152 40.68 30.27 -27.30
N SER C 153 40.23 30.62 -26.11
CA SER C 153 38.79 30.66 -25.82
C SER C 153 38.05 31.62 -26.73
N THR C 154 38.72 32.69 -27.15
CA THR C 154 38.16 33.69 -28.06
C THR C 154 37.91 33.07 -29.44
N LEU C 155 38.78 32.14 -29.83
CA LEU C 155 38.62 31.42 -31.09
C LEU C 155 37.59 30.30 -30.99
N ILE C 156 37.55 29.63 -29.85
CA ILE C 156 36.47 28.69 -29.54
C ILE C 156 35.14 29.42 -29.66
N ARG C 157 35.04 30.57 -28.98
CA ARG C 157 33.85 31.42 -28.99
C ARG C 157 33.42 31.82 -30.41
N TYR C 158 34.39 32.25 -31.22
CA TYR C 158 34.12 32.71 -32.58
C TYR C 158 33.70 31.58 -33.52
N GLU C 159 33.98 30.34 -33.14
CA GLU C 159 33.51 29.19 -33.93
C GLU C 159 32.13 28.72 -33.46
N GLU C 160 31.68 29.28 -32.35
CA GLU C 160 30.31 29.06 -31.87
C GLU C 160 29.40 30.25 -32.25
N LEU C 161 30.01 31.43 -32.39
CA LEU C 161 29.32 32.64 -32.87
C LEU C 161 29.06 32.58 -34.40
N TYR C 162 29.54 31.52 -35.03
CA TYR C 162 29.33 31.29 -36.47
C TYR C 162 28.32 30.15 -36.71
N ILE C 163 28.11 29.33 -35.70
CA ILE C 163 27.06 28.30 -35.70
C ILE C 163 25.65 28.92 -35.67
N ILE C 164 25.42 29.86 -34.75
CA ILE C 164 24.13 30.57 -34.63
C ILE C 164 23.77 31.23 -35.97
N ASN C 165 24.21 32.46 -36.14
CA ASN C 165 23.93 33.21 -37.36
C ASN C 165 25.25 33.53 -38.04
N PRO C 166 25.42 33.07 -39.30
CA PRO C 166 26.59 33.44 -40.11
C PRO C 166 26.73 34.97 -40.23
N ASN C 167 25.61 35.69 -40.14
CA ASN C 167 25.59 37.15 -40.15
C ASN C 167 25.53 37.75 -38.73
N GLN C 168 26.68 37.81 -38.06
CA GLN C 168 26.79 38.35 -36.71
C GLN C 168 28.14 39.03 -36.48
N HIS C 176 39.46 41.16 -31.70
CA HIS C 176 38.99 41.19 -30.31
C HIS C 176 39.89 41.99 -29.37
N HIS C 177 39.58 41.93 -28.08
CA HIS C 177 40.33 42.66 -27.04
C HIS C 177 41.22 41.74 -26.21
N ASP C 178 42.17 41.10 -26.88
CA ASP C 178 43.06 40.15 -26.23
C ASP C 178 44.50 40.66 -26.12
N PHE C 179 45.03 41.25 -27.20
CA PHE C 179 46.45 41.61 -27.26
C PHE C 179 46.77 42.88 -26.49
N ILE C 180 46.76 42.71 -25.18
CA ILE C 180 46.58 43.78 -24.21
C ILE C 180 47.51 43.57 -23.00
N VAL C 181 48.09 42.37 -22.90
CA VAL C 181 48.95 41.98 -21.78
C VAL C 181 49.89 43.10 -21.27
N ASN C 182 50.44 43.89 -22.18
CA ASN C 182 51.32 44.97 -21.76
C ASN C 182 50.58 46.18 -21.24
N HIS C 183 49.50 46.57 -21.91
CA HIS C 183 48.65 47.65 -21.42
C HIS C 183 48.05 47.28 -20.06
N LEU C 184 47.63 46.03 -19.94
CA LEU C 184 46.95 45.54 -18.74
C LEU C 184 47.81 45.62 -17.47
N VAL C 185 49.08 45.19 -17.58
CA VAL C 185 50.02 45.25 -16.46
C VAL C 185 50.35 46.70 -16.10
N ASP C 186 50.69 47.48 -17.12
CA ASP C 186 51.01 48.92 -16.97
C ASP C 186 49.89 49.73 -16.31
N ASN C 187 48.65 49.50 -16.74
CA ASN C 187 47.51 50.23 -16.21
C ASN C 187 47.15 49.79 -14.80
N THR C 188 47.55 48.58 -14.42
CA THR C 188 47.28 48.08 -13.07
C THR C 188 48.19 48.76 -12.06
N ARG C 189 49.49 48.84 -12.37
CA ARG C 189 50.45 49.47 -11.47
C ARG C 189 50.09 50.92 -11.23
N LYS C 190 49.66 51.60 -12.29
CA LYS C 190 49.31 53.01 -12.21
C LYS C 190 48.03 53.26 -11.43
N LEU C 191 47.03 52.40 -11.59
CA LEU C 191 45.80 52.50 -10.80
C LEU C 191 46.03 52.13 -9.34
N GLU C 192 47.05 51.32 -9.10
CA GLU C 192 47.45 50.93 -7.75
C GLU C 192 48.14 52.10 -7.04
N GLU C 193 49.14 52.68 -7.70
CA GLU C 193 49.89 53.83 -7.17
C GLU C 193 49.01 55.07 -6.98
N LEU C 194 48.09 55.31 -7.90
CA LEU C 194 47.16 56.44 -7.77
C LEU C 194 46.08 56.16 -6.73
N ALA C 195 46.20 55.01 -6.06
CA ALA C 195 45.31 54.59 -4.97
C ALA C 195 43.82 54.88 -5.22
N ILE C 196 43.29 54.34 -6.33
CA ILE C 196 41.89 54.57 -6.72
C ILE C 196 40.95 53.52 -6.13
N PHE C 197 41.47 52.32 -5.87
CA PHE C 197 40.64 51.23 -5.37
C PHE C 197 40.95 50.87 -3.93
N GLU C 198 39.91 50.79 -3.11
CA GLU C 198 40.03 50.33 -1.72
C GLU C 198 40.67 48.94 -1.69
N ARG C 199 40.17 48.05 -2.55
CA ARG C 199 40.61 46.68 -2.57
C ARG C 199 40.86 46.20 -4.00
N ILE C 200 41.97 45.49 -4.23
CA ILE C 200 42.28 44.91 -5.54
C ILE C 200 42.39 43.38 -5.44
N GLN C 201 41.72 42.68 -6.35
CA GLN C 201 41.68 41.22 -6.31
C GLN C 201 41.94 40.62 -7.68
N ILE C 202 42.74 39.56 -7.70
CA ILE C 202 42.98 38.82 -8.93
C ILE C 202 42.41 37.41 -8.78
N TYR C 203 41.67 36.96 -9.79
CA TYR C 203 41.09 35.62 -9.79
C TYR C 203 41.61 34.76 -10.95
N GLN C 204 41.57 33.44 -10.75
CA GLN C 204 41.95 32.48 -11.76
C GLN C 204 40.77 31.63 -12.17
N ARG C 205 40.85 31.01 -13.35
CA ARG C 205 39.69 30.32 -13.95
C ARG C 205 38.88 29.37 -13.03
N ASP C 206 39.56 28.71 -12.09
CA ASP C 206 38.92 27.81 -11.12
C ASP C 206 38.40 28.56 -9.89
N ARG C 207 38.03 29.83 -10.10
CA ARG C 207 37.44 30.71 -9.08
C ARG C 207 38.34 31.01 -7.86
N SER C 208 39.57 30.50 -7.85
CA SER C 208 40.55 30.78 -6.78
C SER C 208 40.86 32.25 -6.70
N CYS C 209 40.98 32.77 -5.48
CA CYS C 209 41.51 34.11 -5.32
C CYS C 209 43.00 34.03 -5.08
N VAL C 210 43.77 34.49 -6.07
CA VAL C 210 45.23 34.38 -6.09
C VAL C 210 45.92 35.61 -5.51
N TYR C 211 45.23 36.74 -5.52
CA TYR C 211 45.72 37.96 -4.90
C TYR C 211 44.58 38.75 -4.31
N ASP C 212 44.78 39.25 -3.09
CA ASP C 212 43.82 40.16 -2.46
C ASP C 212 44.57 41.29 -1.77
N SER C 213 44.33 42.52 -2.21
CA SER C 213 45.08 43.69 -1.74
C SER C 213 44.85 43.98 -0.26
N LYS C 214 43.72 43.49 0.27
CA LYS C 214 43.44 43.52 1.70
C LYS C 214 44.50 42.70 2.48
N GLU C 215 44.66 41.43 2.11
CA GLU C 215 45.58 40.51 2.77
C GLU C 215 47.03 40.77 2.35
N ASN C 216 47.26 40.76 1.04
CA ASN C 216 48.59 40.85 0.46
C ASN C 216 49.18 42.25 0.49
N THR C 217 50.49 42.33 0.32
CA THR C 217 51.19 43.61 0.35
C THR C 217 51.91 43.86 -0.96
N THR C 218 52.33 42.78 -1.62
CA THR C 218 53.00 42.89 -2.93
C THR C 218 52.10 43.58 -3.96
N SER C 219 52.72 44.15 -4.99
CA SER C 219 52.00 44.87 -6.05
C SER C 219 51.10 43.92 -6.83
N ALA C 220 49.87 44.35 -7.09
CA ALA C 220 48.92 43.60 -7.91
C ALA C 220 49.44 43.36 -9.33
N ALA C 221 50.13 44.36 -9.89
CA ALA C 221 50.74 44.26 -11.21
C ALA C 221 51.78 43.14 -11.31
N ASP C 222 52.60 43.02 -10.27
CA ASP C 222 53.67 42.02 -10.22
C ASP C 222 53.10 40.60 -10.20
N VAL C 223 52.07 40.41 -9.38
CA VAL C 223 51.37 39.14 -9.29
C VAL C 223 50.79 38.75 -10.65
N LEU C 224 50.37 39.75 -11.41
CA LEU C 224 49.87 39.53 -12.77
C LEU C 224 50.96 38.96 -13.68
N GLN C 225 52.12 39.63 -13.71
CA GLN C 225 53.24 39.21 -14.55
C GLN C 225 53.69 37.78 -14.32
N GLU C 226 53.78 37.36 -13.06
CA GLU C 226 54.19 35.99 -12.77
C GLU C 226 53.11 35.03 -13.21
N LEU C 227 51.86 35.49 -13.16
CA LEU C 227 50.72 34.74 -13.63
C LEU C 227 50.69 34.58 -15.15
N PHE C 228 51.07 35.64 -15.87
CA PHE C 228 51.15 35.59 -17.34
C PHE C 228 52.43 34.90 -17.80
N PHE C 229 53.56 35.40 -17.33
CA PHE C 229 54.87 34.98 -17.81
C PHE C 229 55.52 33.86 -17.01
N GLY C 230 54.83 33.40 -15.97
CA GLY C 230 55.30 32.21 -15.25
C GLY C 230 55.18 30.93 -16.07
N GLU C 231 55.88 29.89 -15.59
CA GLU C 231 55.80 28.56 -16.18
C GLU C 231 54.39 28.00 -16.05
N TRP C 232 54.00 27.13 -16.96
CA TRP C 232 52.62 26.67 -17.02
C TRP C 232 52.30 25.71 -15.88
N SER C 233 51.14 25.90 -15.24
CA SER C 233 50.68 24.99 -14.22
C SER C 233 50.15 23.70 -14.84
N GLN C 234 50.23 22.60 -14.09
CA GLN C 234 49.64 21.31 -14.46
C GLN C 234 48.29 21.47 -15.16
N VAL C 235 47.40 22.23 -14.54
CA VAL C 235 46.03 22.41 -15.00
C VAL C 235 45.93 23.24 -16.29
N GLU C 236 46.83 24.23 -16.43
CA GLU C 236 46.85 25.10 -17.60
C GLU C 236 47.14 24.31 -18.89
N LYS C 237 48.19 23.48 -18.86
CA LYS C 237 48.56 22.60 -19.98
C LYS C 237 47.43 21.65 -20.35
N GLU C 238 46.69 21.23 -19.32
CA GLU C 238 45.50 20.40 -19.48
C GLU C 238 44.44 21.17 -20.29
N MET C 239 44.18 22.42 -19.91
CA MET C 239 43.22 23.28 -20.62
C MET C 239 43.63 23.50 -22.08
N LEU C 240 44.94 23.53 -22.34
CA LEU C 240 45.46 23.73 -23.68
C LEU C 240 45.07 22.61 -24.66
N GLN C 241 45.02 21.37 -24.15
CA GLN C 241 44.64 20.22 -24.97
C GLN C 241 43.15 20.21 -25.21
N VAL C 242 42.38 20.56 -24.18
CA VAL C 242 40.92 20.60 -24.27
C VAL C 242 40.48 21.55 -25.38
N GLY C 243 41.19 22.66 -25.52
CA GLY C 243 40.93 23.63 -26.58
C GLY C 243 41.23 23.08 -27.95
N GLU C 244 42.37 22.42 -28.09
CA GLU C 244 42.76 21.77 -29.33
C GLU C 244 41.76 20.67 -29.69
N LYS C 245 41.17 20.06 -28.66
CA LYS C 245 40.06 19.12 -28.81
C LYS C 245 38.82 19.80 -29.41
N ARG C 246 38.26 20.74 -28.67
CA ARG C 246 36.97 21.35 -29.01
C ARG C 246 36.99 22.25 -30.24
N LEU C 247 38.15 22.84 -30.56
CA LEU C 247 38.29 23.64 -31.78
C LEU C 247 38.17 22.77 -33.02
N ASN C 248 38.81 21.60 -32.99
CA ASN C 248 38.78 20.64 -34.10
C ASN C 248 37.39 20.11 -34.46
N GLU C 249 36.54 19.91 -33.44
CA GLU C 249 35.15 19.54 -33.66
C GLU C 249 34.40 20.70 -34.33
N LEU C 250 34.65 21.91 -33.84
CA LEU C 250 34.13 23.13 -34.44
C LEU C 250 34.80 23.44 -35.80
N LEU C 251 35.92 22.79 -36.07
CA LEU C 251 36.56 22.85 -37.39
C LEU C 251 35.68 22.12 -38.41
N GLU C 252 34.83 21.22 -37.92
CA GLU C 252 33.90 20.46 -38.77
C GLU C 252 32.49 20.36 -38.17
N LYS C 253 32.06 21.42 -37.47
CA LYS C 253 30.68 21.53 -36.97
C LYS C 253 30.10 22.93 -37.15
N MET D 66 22.88 2.60 -28.22
CA MET D 66 23.21 3.78 -27.38
C MET D 66 23.21 3.47 -25.88
N LEU D 67 22.09 2.96 -25.39
CA LEU D 67 21.81 2.89 -23.95
C LEU D 67 21.45 1.48 -23.47
N ASN D 68 21.92 1.13 -22.28
CA ASN D 68 21.55 -0.09 -21.58
C ASN D 68 20.06 -0.34 -21.50
N PRO D 69 19.62 -1.62 -21.49
CA PRO D 69 18.22 -1.91 -21.21
C PRO D 69 17.75 -1.32 -19.86
N VAL D 70 18.61 -1.40 -18.84
CA VAL D 70 18.31 -0.78 -17.54
C VAL D 70 18.17 0.75 -17.68
N GLU D 71 19.12 1.38 -18.37
CA GLU D 71 19.08 2.82 -18.64
C GLU D 71 17.93 3.22 -19.55
N ASP D 72 17.60 2.36 -20.51
CA ASP D 72 16.56 2.63 -21.48
C ASP D 72 15.20 2.67 -20.82
N TYR D 73 15.00 1.82 -19.82
CA TYR D 73 13.74 1.82 -19.08
C TYR D 73 13.70 3.00 -18.13
N GLU D 74 14.87 3.36 -17.60
CA GLU D 74 15.02 4.55 -16.77
C GLU D 74 14.53 5.78 -17.52
N LEU D 75 14.91 5.87 -18.79
CA LEU D 75 14.49 6.95 -19.66
C LEU D 75 12.97 6.93 -19.85
N THR D 76 12.44 5.73 -20.10
CA THR D 76 10.99 5.55 -20.21
C THR D 76 10.29 6.09 -18.96
N LEU D 77 10.77 5.71 -17.78
CA LEU D 77 10.21 6.18 -16.51
C LEU D 77 10.30 7.70 -16.37
N LYS D 78 11.43 8.28 -16.76
CA LYS D 78 11.59 9.73 -16.74
C LYS D 78 10.65 10.40 -17.74
N ILE D 79 10.52 9.84 -18.93
CA ILE D 79 9.57 10.36 -19.90
C ILE D 79 8.16 10.28 -19.32
N GLU D 80 7.87 9.20 -18.60
CA GLU D 80 6.55 9.05 -18.01
C GLU D 80 6.35 10.09 -16.92
N ILE D 81 7.34 10.22 -16.04
CA ILE D 81 7.35 11.27 -15.04
C ILE D 81 7.09 12.61 -15.69
N VAL D 82 7.91 12.96 -16.68
CA VAL D 82 7.86 14.30 -17.28
C VAL D 82 6.53 14.56 -17.99
N LYS D 83 5.98 13.55 -18.66
CA LYS D 83 4.69 13.70 -19.32
C LYS D 83 3.61 14.07 -18.32
N GLU D 84 3.54 13.30 -17.22
CA GLU D 84 2.50 13.48 -16.22
C GLU D 84 2.47 14.89 -15.64
N ARG D 85 3.65 15.42 -15.30
CA ARG D 85 3.80 16.80 -14.89
C ARG D 85 3.20 17.77 -15.92
N GLY D 86 3.68 17.68 -17.15
CA GLY D 86 3.18 18.54 -18.23
C GLY D 86 1.67 18.50 -18.38
N ALA D 87 1.12 17.29 -18.41
CA ALA D 87 -0.31 17.07 -18.42
C ALA D 87 -1.01 17.86 -17.31
N ASN D 88 -0.48 17.81 -16.10
CA ASN D 88 -1.05 18.56 -14.99
C ASN D 88 -0.84 20.06 -15.08
N LEU D 89 0.29 20.49 -15.61
CA LEU D 89 0.52 21.90 -15.89
C LEU D 89 -0.48 22.40 -16.92
N LEU D 90 -0.68 21.61 -17.97
CA LEU D 90 -1.66 21.95 -19.00
C LEU D 90 -3.04 22.17 -18.40
N SER D 91 -3.54 21.18 -17.67
CA SER D 91 -4.85 21.26 -17.02
C SER D 91 -4.97 22.55 -16.23
N ARG D 92 -3.93 22.83 -15.44
CA ARG D 92 -3.78 24.06 -14.68
C ARG D 92 -3.82 25.30 -15.59
N LEU D 93 -3.11 25.21 -16.70
CA LEU D 93 -3.04 26.30 -17.66
C LEU D 93 -4.37 26.52 -18.35
N TYR D 94 -5.11 25.43 -18.58
CA TYR D 94 -6.48 25.51 -19.10
C TYR D 94 -7.38 26.23 -18.11
N ARG D 95 -7.32 25.80 -16.85
CA ARG D 95 -8.17 26.37 -15.82
C ARG D 95 -8.00 27.87 -15.72
N TYR D 96 -6.77 28.36 -15.87
CA TYR D 96 -6.50 29.79 -15.83
C TYR D 96 -7.04 30.49 -17.06
N GLN D 97 -6.79 29.94 -18.23
CA GLN D 97 -7.32 30.49 -19.48
C GLN D 97 -8.85 30.59 -19.46
N ASP D 98 -9.50 29.59 -18.88
CA ASP D 98 -10.93 29.60 -18.65
C ASP D 98 -11.37 30.76 -17.78
N SER D 99 -10.68 31.01 -16.68
CA SER D 99 -11.05 32.12 -15.79
C SER D 99 -10.83 33.48 -16.46
N GLN D 100 -10.03 33.48 -17.53
CA GLN D 100 -9.71 34.69 -18.27
C GLN D 100 -10.55 34.84 -19.54
N GLY D 101 -11.48 33.91 -19.73
CA GLY D 101 -12.37 33.94 -20.89
C GLY D 101 -11.66 33.87 -22.24
N ILE D 102 -10.43 33.38 -22.25
CA ILE D 102 -9.68 33.18 -23.49
C ILE D 102 -10.28 31.99 -24.22
N SER D 103 -10.72 32.23 -25.46
CA SER D 103 -11.40 31.21 -26.24
C SER D 103 -10.47 30.08 -26.68
N ILE D 104 -10.98 28.85 -26.61
CA ILE D 104 -10.29 27.61 -26.99
C ILE D 104 -9.23 27.79 -28.09
N ASP D 105 -9.62 28.48 -29.17
CA ASP D 105 -8.81 28.51 -30.39
C ASP D 105 -8.24 29.89 -30.74
N ASP D 106 -8.28 30.81 -29.79
CA ASP D 106 -7.73 32.14 -29.97
C ASP D 106 -6.19 32.11 -30.10
N GLU D 107 -5.70 31.57 -31.21
CA GLU D 107 -4.25 31.42 -31.47
C GLU D 107 -3.49 32.74 -31.38
N SER D 108 -4.23 33.84 -31.58
CA SER D 108 -3.71 35.19 -31.44
C SER D 108 -3.27 35.50 -30.02
N ASN D 109 -3.97 34.91 -29.05
CA ASN D 109 -3.66 35.08 -27.63
C ASN D 109 -2.37 34.37 -27.26
N PRO D 110 -1.46 35.07 -26.57
CA PRO D 110 -0.16 34.50 -26.21
C PRO D 110 -0.29 33.25 -25.34
N TRP D 111 -1.27 33.24 -24.43
CA TRP D 111 -1.49 32.11 -23.54
C TRP D 111 -1.81 30.84 -24.32
N ILE D 112 -2.51 30.98 -25.43
CA ILE D 112 -2.82 29.84 -26.29
C ILE D 112 -1.55 29.24 -26.95
N LEU D 113 -0.57 30.09 -27.28
CA LEU D 113 0.72 29.61 -27.76
C LEU D 113 1.38 28.67 -26.76
N MET D 114 1.39 29.06 -25.48
CA MET D 114 1.95 28.21 -24.43
C MET D 114 1.24 26.86 -24.38
N SER D 115 -0.09 26.88 -24.25
CA SER D 115 -0.87 25.65 -24.24
C SER D 115 -0.76 24.84 -25.54
N ASP D 116 -0.58 25.53 -26.67
CA ASP D 116 -0.29 24.84 -27.93
C ASP D 116 1.07 24.16 -27.83
N ASP D 117 2.09 24.95 -27.49
CA ASP D 117 3.47 24.47 -27.37
C ASP D 117 3.56 23.28 -26.43
N LEU D 118 3.05 23.44 -25.21
CA LEU D 118 3.08 22.40 -24.18
C LEU D 118 2.36 21.11 -24.57
N SER D 119 1.14 21.22 -25.09
CA SER D 119 0.37 20.02 -25.46
C SER D 119 0.98 19.28 -26.65
N ASP D 120 1.69 20.02 -27.51
CA ASP D 120 2.38 19.40 -28.64
C ASP D 120 3.45 18.44 -28.20
N LEU D 121 4.14 18.79 -27.11
CA LEU D 121 5.21 17.97 -26.58
C LEU D 121 4.67 16.76 -25.80
N ILE D 122 3.69 17.00 -24.93
CA ILE D 122 3.01 15.96 -24.16
C ILE D 122 2.38 14.87 -25.05
N HIS D 123 1.77 15.27 -26.17
CA HIS D 123 1.05 14.34 -27.01
C HIS D 123 1.98 13.63 -28.01
N THR D 124 3.08 14.28 -28.38
CA THR D 124 3.95 13.80 -29.46
C THR D 124 5.44 13.84 -29.10
N ASN D 125 6.01 15.04 -29.06
CA ASN D 125 7.46 15.23 -28.99
C ASN D 125 8.19 14.51 -27.85
N ILE D 126 7.58 14.45 -26.67
CA ILE D 126 8.21 13.79 -25.51
C ILE D 126 8.52 12.30 -25.72
N TYR D 127 7.68 11.62 -26.50
CA TYR D 127 7.87 10.20 -26.76
C TYR D 127 8.99 9.94 -27.74
N LEU D 128 9.57 10.99 -28.30
CA LEU D 128 10.67 10.88 -29.27
C LEU D 128 12.03 11.26 -28.66
N VAL D 129 12.02 11.45 -27.34
CA VAL D 129 13.22 11.75 -26.56
C VAL D 129 14.04 10.48 -26.46
N GLU D 130 15.37 10.63 -26.62
CA GLU D 130 16.30 9.48 -26.61
C GLU D 130 17.61 9.75 -25.84
N THR D 131 17.68 10.90 -25.16
CA THR D 131 18.79 11.21 -24.27
C THR D 131 18.27 11.72 -22.93
N PHE D 132 19.04 11.48 -21.87
CA PHE D 132 18.66 11.95 -20.55
C PHE D 132 18.72 13.46 -20.44
N ASP D 133 19.66 14.08 -21.14
CA ASP D 133 19.80 15.54 -21.10
C ASP D 133 18.66 16.26 -21.79
N GLU D 134 17.98 15.56 -22.70
CA GLU D 134 16.78 16.09 -23.35
C GLU D 134 15.61 16.07 -22.37
N ILE D 135 15.66 15.14 -21.41
CA ILE D 135 14.70 15.13 -20.31
C ILE D 135 14.83 16.40 -19.48
N GLU D 136 16.07 16.79 -19.14
CA GLU D 136 16.30 18.05 -18.41
C GLU D 136 15.83 19.26 -19.21
N ARG D 137 16.31 19.35 -20.45
CA ARG D 137 15.82 20.34 -21.41
C ARG D 137 14.32 20.56 -21.18
N TYR D 138 13.55 19.47 -21.23
CA TYR D 138 12.10 19.50 -21.07
C TYR D 138 11.57 19.99 -19.73
N SER D 139 12.09 19.42 -18.63
CA SER D 139 11.56 19.79 -17.32
C SER D 139 11.91 21.23 -16.94
N GLY D 140 13.05 21.72 -17.45
CA GLY D 140 13.39 23.14 -17.29
C GLY D 140 12.42 24.06 -18.02
N TYR D 141 11.85 23.56 -19.11
CA TYR D 141 10.79 24.27 -19.81
C TYR D 141 9.58 24.34 -18.91
N LEU D 142 9.07 23.17 -18.54
CA LEU D 142 7.97 23.04 -17.57
C LEU D 142 8.11 23.96 -16.35
N ASP D 143 9.32 24.08 -15.82
CA ASP D 143 9.60 24.99 -14.71
C ASP D 143 9.14 26.40 -15.04
N GLY D 144 9.53 26.86 -16.22
CA GLY D 144 9.24 28.20 -16.68
C GLY D 144 7.75 28.41 -16.76
N ILE D 145 7.07 27.50 -17.48
CA ILE D 145 5.61 27.50 -17.57
C ILE D 145 5.01 27.59 -16.19
N GLU D 146 5.53 26.77 -15.27
CA GLU D 146 5.04 26.75 -13.88
C GLU D 146 5.22 28.09 -13.16
N ARG D 147 6.40 28.69 -13.29
CA ARG D 147 6.67 29.99 -12.65
C ARG D 147 5.64 31.04 -13.08
N MET D 148 5.30 31.07 -14.35
CA MET D 148 4.39 32.08 -14.87
C MET D 148 2.95 31.86 -14.44
N LEU D 149 2.55 30.59 -14.37
CA LEU D 149 1.26 30.23 -13.80
C LEU D 149 1.14 30.72 -12.36
N GLU D 150 2.13 30.43 -11.52
CA GLU D 150 2.15 30.91 -10.14
C GLU D 150 1.84 32.40 -10.06
N ILE D 151 2.54 33.20 -10.86
CA ILE D 151 2.42 34.64 -10.81
C ILE D 151 1.04 35.09 -11.30
N SER D 152 0.55 34.46 -12.36
CA SER D 152 -0.74 34.82 -12.93
C SER D 152 -1.90 34.53 -12.00
N GLU D 153 -1.82 33.38 -11.35
CA GLU D 153 -2.87 32.94 -10.44
C GLU D 153 -2.94 33.85 -9.21
N LYS D 154 -1.77 34.27 -8.72
CA LYS D 154 -1.68 35.19 -7.59
C LYS D 154 -2.22 36.57 -7.93
N ARG D 155 -2.05 36.96 -9.19
CA ARG D 155 -2.41 38.28 -9.67
C ARG D 155 -3.92 38.42 -9.69
N MET D 156 -4.61 37.29 -9.79
CA MET D 156 -6.08 37.23 -9.75
C MET D 156 -6.61 37.51 -8.34
N VAL D 157 -5.81 37.12 -7.35
CA VAL D 157 -6.21 37.22 -5.95
C VAL D 157 -5.75 38.54 -5.30
N ALA D 158 -5.19 39.44 -6.11
CA ALA D 158 -4.54 40.67 -5.63
C ALA D 158 -5.48 41.86 -5.32
N MET E 1 -27.75 18.89 -6.73
CA MET E 1 -26.59 19.55 -7.39
C MET E 1 -25.27 19.09 -6.76
N GLU E 2 -24.69 18.03 -7.31
CA GLU E 2 -23.51 17.41 -6.70
C GLU E 2 -22.21 18.15 -7.01
N ILE E 3 -21.19 17.90 -6.18
CA ILE E 3 -19.87 18.55 -6.33
C ILE E 3 -19.12 17.99 -7.54
N GLN E 4 -19.58 16.87 -8.09
CA GLN E 4 -18.98 16.31 -9.31
C GLN E 4 -19.94 16.31 -10.52
N ASP E 5 -21.13 16.88 -10.36
CA ASP E 5 -22.09 16.93 -11.47
C ASP E 5 -21.81 18.08 -12.43
N TYR E 6 -21.11 17.77 -13.51
CA TYR E 6 -20.75 18.74 -14.55
C TYR E 6 -21.87 19.04 -15.56
N THR E 7 -21.95 20.30 -15.98
CA THR E 7 -22.86 20.74 -17.03
C THR E 7 -22.40 20.16 -18.37
N ASP E 8 -23.35 19.95 -19.28
CA ASP E 8 -23.06 19.52 -20.64
C ASP E 8 -22.14 20.50 -21.38
N SER E 9 -22.41 21.80 -21.22
CA SER E 9 -21.59 22.85 -21.81
C SER E 9 -20.17 22.73 -21.31
N GLU E 10 -20.05 22.41 -20.02
CA GLU E 10 -18.75 22.22 -19.38
C GLU E 10 -18.03 21.01 -19.98
N PHE E 11 -18.76 19.93 -20.20
CA PHE E 11 -18.17 18.75 -20.81
C PHE E 11 -17.79 18.98 -22.28
N LYS E 12 -18.65 19.68 -23.01
CA LYS E 12 -18.40 19.91 -24.42
C LYS E 12 -17.22 20.85 -24.65
N HIS E 13 -17.11 21.88 -23.81
CA HIS E 13 -15.99 22.83 -23.84
C HIS E 13 -14.64 22.12 -23.76
N ALA E 14 -14.59 21.06 -22.94
CA ALA E 14 -13.38 20.26 -22.80
C ALA E 14 -13.14 19.42 -24.04
N LEU E 15 -14.17 18.66 -24.42
CA LEU E 15 -14.16 17.86 -25.65
C LEU E 15 -13.69 18.67 -26.84
N ALA E 16 -14.15 19.92 -26.91
CA ALA E 16 -13.73 20.84 -27.96
C ALA E 16 -12.22 21.07 -27.98
N ARG E 17 -11.66 21.47 -26.85
CA ARG E 17 -10.26 21.87 -26.81
C ARG E 17 -9.31 20.67 -26.80
N ASN E 18 -9.84 19.50 -26.47
CA ASN E 18 -9.04 18.28 -26.54
C ASN E 18 -8.93 17.83 -27.98
N LEU E 19 -10.08 17.74 -28.65
CA LEU E 19 -10.15 17.38 -30.05
C LEU E 19 -9.25 18.27 -30.87
N ARG E 20 -9.08 19.52 -30.41
CA ARG E 20 -8.19 20.46 -31.09
C ARG E 20 -6.73 20.15 -30.82
N SER E 21 -6.39 19.97 -29.54
CA SER E 21 -5.04 19.63 -29.10
C SER E 21 -4.53 18.37 -29.76
N LEU E 22 -5.34 17.32 -29.69
CA LEU E 22 -4.93 15.98 -30.08
C LEU E 22 -4.81 15.85 -31.58
N THR E 23 -5.53 16.71 -32.29
CA THR E 23 -5.45 16.73 -33.74
C THR E 23 -4.20 17.49 -34.18
N ARG E 24 -3.93 18.62 -33.52
CA ARG E 24 -2.78 19.47 -33.83
C ARG E 24 -1.51 18.67 -34.05
N GLY E 25 -1.00 18.68 -35.28
CA GLY E 25 0.21 17.95 -35.63
C GLY E 25 -0.04 16.59 -36.26
N LYS E 26 -1.28 16.29 -36.63
CA LYS E 26 -1.61 15.01 -37.23
C LYS E 26 -2.44 15.11 -38.50
N LYS E 27 -2.06 14.29 -39.48
CA LYS E 27 -2.84 14.11 -40.71
C LYS E 27 -3.57 12.78 -40.59
N SER E 28 -4.69 12.65 -41.27
CA SER E 28 -5.45 11.39 -41.28
C SER E 28 -5.44 10.76 -42.67
N SER E 29 -5.84 9.50 -42.77
CA SER E 29 -5.93 8.83 -44.09
C SER E 29 -7.21 8.00 -44.30
N LYS E 30 -7.37 7.46 -45.50
CA LYS E 30 -8.36 6.42 -45.71
C LYS E 30 -7.71 5.06 -45.51
N GLN E 31 -6.61 5.06 -44.76
CA GLN E 31 -5.90 3.84 -44.39
C GLN E 31 -5.39 3.91 -42.95
N PRO E 32 -6.31 4.15 -41.98
CA PRO E 32 -5.88 4.44 -40.62
C PRO E 32 -5.74 3.21 -39.75
N ILE E 33 -4.81 3.30 -38.82
CA ILE E 33 -4.50 2.22 -37.88
C ILE E 33 -4.87 2.64 -36.46
N ALA E 34 -5.42 1.69 -35.71
CA ALA E 34 -5.71 1.86 -34.30
C ALA E 34 -5.06 0.72 -33.53
N ILE E 35 -4.31 1.05 -32.49
CA ILE E 35 -3.61 0.05 -31.69
C ILE E 35 -4.10 0.09 -30.25
N LEU E 36 -4.67 -1.02 -29.78
CA LEU E 36 -5.12 -1.11 -28.40
C LEU E 36 -4.01 -1.64 -27.52
N LEU E 37 -3.92 -1.09 -26.30
CA LEU E 37 -2.92 -1.51 -25.30
C LEU E 37 -3.40 -2.62 -24.37
N GLY E 38 -2.50 -3.49 -23.97
CA GLY E 38 -2.77 -4.50 -22.95
C GLY E 38 -1.58 -4.66 -22.05
N GLY E 39 -1.79 -5.28 -20.88
CA GLY E 39 -0.71 -5.54 -19.94
C GLY E 39 -0.93 -4.86 -18.60
N GLN E 40 -0.40 -5.47 -17.54
CA GLN E 40 -0.53 -4.95 -16.18
C GLN E 40 -0.14 -3.48 -16.10
N SER E 41 -0.74 -2.75 -15.17
CA SER E 41 -0.54 -1.30 -15.06
C SER E 41 0.91 -0.92 -14.87
N GLY E 42 1.62 -1.68 -14.01
CA GLY E 42 3.03 -1.44 -13.75
C GLY E 42 4.00 -2.00 -14.78
N ALA E 43 3.48 -2.67 -15.81
CA ALA E 43 4.34 -3.31 -16.80
C ALA E 43 5.27 -2.31 -17.47
N GLY E 44 4.72 -1.15 -17.86
CA GLY E 44 5.47 -0.13 -18.60
C GLY E 44 4.83 0.20 -19.92
N LYS E 45 3.59 0.67 -19.87
CA LYS E 45 2.81 1.05 -21.06
C LYS E 45 3.48 2.18 -21.84
N THR E 46 4.27 2.99 -21.16
CA THR E 46 4.93 4.13 -21.77
C THR E 46 5.97 3.69 -22.80
N THR E 47 6.42 2.45 -22.68
CA THR E 47 7.39 1.88 -23.61
C THR E 47 6.80 1.82 -25.01
N ILE E 48 5.54 1.39 -25.08
CA ILE E 48 4.85 1.27 -26.35
C ILE E 48 4.53 2.65 -26.90
N HIS E 49 4.12 3.58 -26.03
CA HIS E 49 3.92 4.99 -26.44
C HIS E 49 5.14 5.47 -27.21
N ARG E 50 6.33 5.12 -26.71
CA ARG E 50 7.59 5.45 -27.37
C ARG E 50 7.74 4.71 -28.70
N ILE E 51 7.58 3.39 -28.68
CA ILE E 51 7.80 2.59 -29.89
C ILE E 51 6.94 3.10 -31.03
N LYS E 52 5.65 3.30 -30.73
CA LYS E 52 4.68 3.60 -31.76
C LYS E 52 4.69 5.06 -32.22
N GLN E 53 5.07 6.00 -31.35
CA GLN E 53 5.16 7.41 -31.76
C GLN E 53 6.34 7.62 -32.70
N LYS E 54 7.45 6.97 -32.40
CA LYS E 54 8.59 6.88 -33.33
C LYS E 54 8.17 6.15 -34.61
N GLU E 55 7.62 4.94 -34.46
CA GLU E 55 7.21 4.10 -35.60
C GLU E 55 6.25 4.79 -36.57
N PHE E 56 5.39 5.65 -36.03
CA PHE E 56 4.42 6.40 -36.83
C PHE E 56 4.93 7.79 -37.21
N GLN E 57 6.14 8.09 -36.78
CA GLN E 57 6.77 9.39 -37.04
C GLN E 57 5.84 10.55 -36.69
N GLY E 58 5.44 10.60 -35.42
CA GLY E 58 4.67 11.71 -34.90
C GLY E 58 3.20 11.73 -35.31
N ASN E 59 2.79 10.84 -36.20
CA ASN E 59 1.43 10.86 -36.74
C ASN E 59 0.45 9.85 -36.13
N ILE E 60 0.66 9.49 -34.86
CA ILE E 60 -0.33 8.73 -34.11
C ILE E 60 -0.87 9.58 -32.96
N VAL E 61 -2.11 9.32 -32.54
CA VAL E 61 -2.72 10.06 -31.44
C VAL E 61 -2.86 9.19 -30.19
N ILE E 62 -2.02 9.44 -29.18
CA ILE E 62 -2.09 8.73 -27.91
C ILE E 62 -3.22 9.27 -27.05
N ILE E 63 -4.14 8.40 -26.67
CA ILE E 63 -5.30 8.80 -25.84
C ILE E 63 -5.18 8.23 -24.42
N ASP E 64 -4.88 9.11 -23.47
CA ASP E 64 -4.62 8.68 -22.10
C ASP E 64 -5.73 9.08 -21.14
N GLY E 65 -6.60 8.13 -20.83
CA GLY E 65 -7.82 8.35 -20.05
C GLY E 65 -7.67 9.22 -18.80
N ASP E 66 -6.57 9.04 -18.10
CA ASP E 66 -6.34 9.76 -16.85
C ASP E 66 -5.88 11.20 -17.07
N SER E 67 -5.38 11.49 -18.27
CA SER E 67 -5.02 12.84 -18.66
C SER E 67 -6.19 13.79 -18.45
N PHE E 68 -7.41 13.30 -18.61
CA PHE E 68 -8.61 14.14 -18.61
C PHE E 68 -9.33 14.27 -17.27
N ARG E 69 -8.93 13.48 -16.28
CA ARG E 69 -9.54 13.55 -14.95
C ARG E 69 -9.33 14.93 -14.35
N SER E 70 -8.14 15.48 -14.56
CA SER E 70 -7.77 16.81 -14.08
C SER E 70 -8.44 17.95 -14.86
N GLN E 71 -9.21 17.57 -15.88
CA GLN E 71 -10.03 18.50 -16.67
C GLN E 71 -11.45 18.62 -16.14
N HIS E 72 -11.78 17.81 -15.14
CA HIS E 72 -13.10 17.87 -14.53
C HIS E 72 -13.34 19.29 -14.04
N PRO E 73 -14.51 19.86 -14.38
CA PRO E 73 -14.81 21.27 -14.09
C PRO E 73 -14.89 21.62 -12.61
N HIS E 74 -14.54 20.68 -11.73
CA HIS E 74 -14.53 20.91 -10.29
C HIS E 74 -13.36 20.20 -9.65
N TYR E 75 -12.49 19.65 -10.51
CA TYR E 75 -11.32 18.85 -10.11
C TYR E 75 -10.67 19.27 -8.80
N LEU E 76 -10.40 20.57 -8.66
CA LEU E 76 -9.77 21.10 -7.47
C LEU E 76 -10.62 20.87 -6.23
N GLU E 77 -11.90 21.24 -6.29
CA GLU E 77 -12.81 21.07 -5.16
C GLU E 77 -12.90 19.60 -4.76
N LEU E 78 -12.79 18.72 -5.75
CA LEU E 78 -12.81 17.29 -5.52
C LEU E 78 -11.51 16.80 -4.89
N GLN E 79 -10.42 17.48 -5.23
CA GLN E 79 -9.08 17.16 -4.72
C GLN E 79 -8.94 17.48 -3.24
N GLN E 80 -9.51 18.62 -2.83
CA GLN E 80 -9.47 19.07 -1.45
C GLN E 80 -10.75 18.67 -0.73
N GLU E 81 -11.34 17.55 -1.17
CA GLU E 81 -12.52 17.00 -0.52
C GLU E 81 -12.41 15.50 -0.39
N TYR E 82 -11.57 14.89 -1.21
CA TYR E 82 -11.45 13.44 -1.24
C TYR E 82 -10.01 12.95 -1.36
N GLY E 83 -9.07 13.88 -1.51
CA GLY E 83 -7.65 13.54 -1.60
C GLY E 83 -7.35 12.63 -2.77
N LYS E 84 -7.16 11.34 -2.47
CA LYS E 84 -6.87 10.34 -3.50
C LYS E 84 -8.15 9.72 -4.05
N ASP E 85 -9.25 9.87 -3.31
CA ASP E 85 -10.52 9.24 -3.66
C ASP E 85 -11.36 10.04 -4.65
N SER E 86 -10.94 11.28 -4.92
CA SER E 86 -11.49 12.09 -6.03
C SER E 86 -11.61 11.25 -7.31
N VAL E 87 -10.67 10.33 -7.48
CA VAL E 87 -10.69 9.35 -8.58
C VAL E 87 -12.07 8.72 -8.74
N GLU E 88 -12.63 8.24 -7.64
CA GLU E 88 -13.90 7.53 -7.68
C GLU E 88 -15.09 8.46 -8.04
N TYR E 89 -14.83 9.77 -8.10
CA TYR E 89 -15.84 10.76 -8.49
C TYR E 89 -15.50 11.37 -9.85
N THR E 90 -14.27 11.09 -10.31
CA THR E 90 -13.72 11.73 -11.50
C THR E 90 -13.72 10.84 -12.75
N LYS E 91 -13.66 9.51 -12.59
CA LYS E 91 -13.71 8.58 -13.74
C LYS E 91 -14.95 8.75 -14.60
N ASP E 92 -16.05 9.20 -13.98
CA ASP E 92 -17.29 9.47 -14.69
C ASP E 92 -17.09 10.46 -15.84
N PHE E 93 -16.40 11.57 -15.55
CA PHE E 93 -16.03 12.55 -16.57
C PHE E 93 -14.96 11.99 -17.49
N ALA E 94 -13.88 11.48 -16.89
CA ALA E 94 -12.69 11.06 -17.61
C ALA E 94 -12.98 9.98 -18.66
N GLY E 95 -13.77 8.98 -18.27
CA GLY E 95 -14.19 7.92 -19.19
C GLY E 95 -14.99 8.45 -20.36
N LYS E 96 -16.00 9.26 -20.06
CA LYS E 96 -16.87 9.89 -21.06
C LYS E 96 -16.08 10.70 -22.10
N MET E 97 -14.98 11.31 -21.68
CA MET E 97 -14.06 12.03 -22.57
C MET E 97 -13.32 11.07 -23.51
N VAL E 98 -12.96 9.90 -23.02
CA VAL E 98 -12.28 8.90 -23.85
C VAL E 98 -13.24 8.32 -24.88
N GLU E 99 -14.41 7.84 -24.42
CA GLU E 99 -15.41 7.27 -25.34
C GLU E 99 -15.69 8.28 -26.45
N SER E 100 -15.77 9.56 -26.06
CA SER E 100 -16.00 10.68 -26.98
C SER E 100 -14.90 10.84 -28.01
N LEU E 101 -13.67 10.93 -27.54
CA LEU E 101 -12.55 11.24 -28.40
C LEU E 101 -12.27 10.14 -29.41
N VAL E 102 -12.42 8.88 -28.99
CA VAL E 102 -12.32 7.76 -29.93
C VAL E 102 -13.40 7.89 -31.02
N THR E 103 -14.67 7.99 -30.60
CA THR E 103 -15.81 8.14 -31.52
C THR E 103 -15.52 9.15 -32.64
N LYS E 104 -15.26 10.40 -32.25
CA LYS E 104 -15.02 11.49 -33.18
C LYS E 104 -13.74 11.29 -34.00
N LEU E 105 -12.65 10.94 -33.34
CA LEU E 105 -11.36 10.78 -34.02
C LEU E 105 -11.30 9.59 -34.97
N SER E 106 -12.02 8.52 -34.62
CA SER E 106 -12.10 7.35 -35.51
C SER E 106 -12.78 7.76 -36.82
N SER E 107 -13.86 8.52 -36.70
CA SER E 107 -14.59 9.05 -37.86
C SER E 107 -13.76 10.03 -38.68
N LEU E 108 -12.93 10.80 -38.00
CA LEU E 108 -12.07 11.79 -38.66
C LEU E 108 -10.87 11.17 -39.39
N GLY E 109 -10.57 9.90 -39.08
CA GLY E 109 -9.55 9.14 -39.82
C GLY E 109 -8.14 9.10 -39.25
N TYR E 110 -7.97 9.53 -38.00
CA TYR E 110 -6.64 9.62 -37.37
C TYR E 110 -6.15 8.28 -36.84
N ASN E 111 -4.83 8.09 -36.89
CA ASN E 111 -4.21 6.93 -36.25
C ASN E 111 -4.32 7.06 -34.74
N LEU E 112 -4.76 5.98 -34.09
CA LEU E 112 -5.02 6.02 -32.64
C LEU E 112 -4.29 4.97 -31.81
N LEU E 113 -3.61 5.41 -30.75
CA LEU E 113 -3.14 4.49 -29.73
C LEU E 113 -3.99 4.65 -28.46
N ILE E 114 -4.77 3.62 -28.16
CA ILE E 114 -5.78 3.63 -27.11
C ILE E 114 -5.45 2.57 -26.08
N GLU E 115 -5.78 2.81 -24.82
CA GLU E 115 -5.72 1.73 -23.83
C GLU E 115 -6.87 0.77 -24.12
N GLY E 116 -6.62 -0.53 -24.01
CA GLY E 116 -7.69 -1.55 -24.01
C GLY E 116 -8.01 -1.97 -22.59
N THR E 117 -9.19 -2.54 -22.38
CA THR E 117 -9.54 -3.02 -21.04
C THR E 117 -9.49 -4.55 -21.07
N LEU E 118 -8.28 -5.08 -21.22
CA LEU E 118 -8.06 -6.53 -21.40
C LEU E 118 -8.36 -7.35 -20.15
N ARG E 119 -8.65 -6.65 -19.06
CA ARG E 119 -9.17 -7.28 -17.84
C ARG E 119 -10.60 -7.77 -18.09
N THR E 120 -11.30 -7.11 -19.01
CA THR E 120 -12.62 -7.56 -19.48
C THR E 120 -12.57 -7.91 -20.97
N VAL E 121 -13.19 -9.03 -21.33
CA VAL E 121 -13.19 -9.47 -22.74
C VAL E 121 -14.06 -8.54 -23.59
N ASP E 122 -15.16 -8.05 -23.00
CA ASP E 122 -16.23 -7.36 -23.72
C ASP E 122 -15.85 -6.00 -24.27
N VAL E 123 -15.14 -5.21 -23.47
CA VAL E 123 -14.79 -3.85 -23.86
C VAL E 123 -13.98 -3.81 -25.17
N PRO E 124 -12.81 -4.48 -25.22
CA PRO E 124 -12.03 -4.37 -26.45
C PRO E 124 -12.73 -5.02 -27.64
N LYS E 125 -13.43 -6.14 -27.40
CA LYS E 125 -14.26 -6.76 -28.44
C LYS E 125 -15.10 -5.69 -29.11
N LYS E 126 -15.91 -4.99 -28.31
CA LYS E 126 -16.82 -3.98 -28.80
C LYS E 126 -16.06 -2.83 -29.45
N THR E 127 -14.95 -2.43 -28.85
CA THR E 127 -14.17 -1.30 -29.38
C THR E 127 -13.60 -1.60 -30.77
N ALA E 128 -12.93 -2.74 -30.89
CA ALA E 128 -12.25 -3.10 -32.12
C ALA E 128 -13.25 -3.30 -33.24
N GLN E 129 -14.36 -3.95 -32.92
CA GLN E 129 -15.41 -4.26 -33.88
C GLN E 129 -16.13 -3.03 -34.39
N LEU E 130 -16.04 -1.94 -33.63
CA LEU E 130 -16.60 -0.66 -34.03
C LEU E 130 -15.58 0.19 -34.79
N LEU E 131 -14.30 -0.01 -34.49
CA LEU E 131 -13.22 0.65 -35.21
C LEU E 131 -13.02 0.00 -36.58
N LYS E 132 -13.09 -1.33 -36.64
CA LYS E 132 -13.07 -2.06 -37.92
C LYS E 132 -14.07 -1.42 -38.87
N ASN E 133 -15.29 -1.22 -38.37
CA ASN E 133 -16.42 -0.69 -39.14
C ASN E 133 -16.21 0.70 -39.74
N LYS E 134 -15.07 1.32 -39.46
CA LYS E 134 -14.74 2.63 -40.03
C LYS E 134 -13.45 2.58 -40.84
N GLY E 135 -13.13 1.40 -41.35
CA GLY E 135 -11.98 1.20 -42.23
C GLY E 135 -10.67 1.17 -41.48
N TYR E 136 -10.73 0.86 -40.19
CA TYR E 136 -9.54 0.80 -39.34
C TYR E 136 -8.91 -0.58 -39.31
N GLU E 137 -7.58 -0.58 -39.43
CA GLU E 137 -6.80 -1.73 -39.07
C GLU E 137 -6.63 -1.66 -37.54
N VAL E 138 -7.22 -2.63 -36.84
CA VAL E 138 -7.18 -2.67 -35.38
C VAL E 138 -6.08 -3.62 -34.94
N GLN E 139 -5.40 -3.28 -33.85
CA GLN E 139 -4.24 -4.06 -33.39
C GLN E 139 -4.23 -4.24 -31.88
N LEU E 140 -3.45 -5.22 -31.42
CA LEU E 140 -3.23 -5.40 -29.99
C LEU E 140 -1.75 -5.27 -29.74
N ALA E 141 -1.36 -4.20 -29.04
CA ALA E 141 0.01 -4.06 -28.60
C ALA E 141 0.14 -4.35 -27.10
N LEU E 142 0.71 -5.51 -26.80
CA LEU E 142 0.86 -5.96 -25.42
C LEU E 142 2.25 -5.63 -24.91
N ILE E 143 2.31 -5.15 -23.66
CA ILE E 143 3.57 -4.98 -22.93
C ILE E 143 3.62 -6.05 -21.84
N ALA E 144 4.62 -6.91 -21.94
CA ALA E 144 4.73 -8.02 -21.00
C ALA E 144 6.04 -7.93 -20.23
N THR E 145 5.95 -8.05 -18.91
CA THR E 145 7.12 -8.21 -18.07
C THR E 145 6.77 -9.00 -16.83
N LYS E 146 7.79 -9.49 -16.15
CA LYS E 146 7.59 -10.33 -15.00
C LYS E 146 6.65 -9.65 -14.02
N PRO E 147 5.51 -10.29 -13.71
CA PRO E 147 4.51 -9.80 -12.77
C PRO E 147 5.09 -9.08 -11.55
N GLU E 148 6.09 -9.70 -10.90
CA GLU E 148 6.77 -9.07 -9.76
C GLU E 148 7.33 -7.71 -10.14
N LEU E 149 8.03 -7.64 -11.28
CA LEU E 149 8.64 -6.39 -11.73
C LEU E 149 7.59 -5.34 -12.05
N SER E 150 6.40 -5.81 -12.39
CA SER E 150 5.26 -4.93 -12.58
C SER E 150 4.75 -4.39 -11.23
N TYR E 151 4.55 -5.27 -10.24
CA TYR E 151 4.00 -4.83 -8.96
C TYR E 151 4.95 -3.84 -8.35
N LEU E 152 6.24 -4.07 -8.56
CA LEU E 152 7.30 -3.26 -7.99
C LEU E 152 7.32 -1.84 -8.53
N SER E 153 7.22 -1.69 -9.85
CA SER E 153 7.14 -0.36 -10.46
C SER E 153 5.88 0.41 -10.05
N THR E 154 4.77 -0.29 -9.84
CA THR E 154 3.54 0.31 -9.33
C THR E 154 3.77 0.82 -7.91
N LEU E 155 4.53 0.07 -7.12
CA LEU E 155 4.80 0.42 -5.73
C LEU E 155 5.80 1.56 -5.56
N ILE E 156 6.67 1.75 -6.54
CA ILE E 156 7.61 2.87 -6.56
C ILE E 156 6.87 4.12 -7.01
N ARG E 157 6.11 3.99 -8.09
CA ARG E 157 5.30 5.07 -8.65
C ARG E 157 4.32 5.64 -7.63
N TYR E 158 3.69 4.76 -6.86
CA TYR E 158 2.70 5.15 -5.85
C TYR E 158 3.34 6.07 -4.82
N GLU E 159 4.47 5.62 -4.28
CA GLU E 159 5.25 6.38 -3.30
C GLU E 159 5.85 7.67 -3.88
N GLU E 160 6.09 7.68 -5.18
CA GLU E 160 6.52 8.89 -5.88
C GLU E 160 5.37 9.90 -6.00
N LEU E 161 4.19 9.44 -6.44
CA LEU E 161 3.01 10.30 -6.62
C LEU E 161 2.48 10.88 -5.32
N TYR E 162 2.82 10.22 -4.21
CA TYR E 162 2.50 10.70 -2.88
C TYR E 162 3.45 11.83 -2.49
N ILE E 163 4.64 11.84 -3.08
CA ILE E 163 5.65 12.86 -2.76
C ILE E 163 5.44 14.18 -3.52
N ILE E 164 5.00 14.09 -4.78
CA ILE E 164 4.62 15.26 -5.60
C ILE E 164 3.44 16.01 -4.96
N ASN E 165 2.30 15.33 -4.89
CA ASN E 165 1.11 15.88 -4.25
C ASN E 165 0.62 14.97 -3.12
N PRO E 166 0.96 15.32 -1.85
CA PRO E 166 0.52 14.57 -0.66
C PRO E 166 -1.00 14.45 -0.48
N ASN E 167 -1.75 14.86 -1.51
CA ASN E 167 -3.22 14.75 -1.56
C ASN E 167 -3.75 14.55 -2.99
N GLN E 168 -3.22 13.54 -3.68
CA GLN E 168 -3.61 13.25 -5.08
C GLN E 168 -4.23 11.85 -5.18
N PRO E 173 -2.28 1.60 -4.09
CA PRO E 173 -1.48 0.38 -4.10
C PRO E 173 -1.62 -0.34 -5.43
N LYS E 174 -1.21 -1.60 -5.46
CA LYS E 174 -1.32 -2.44 -6.65
C LYS E 174 -2.60 -3.30 -6.63
N GLU E 175 -3.17 -3.50 -5.45
CA GLU E 175 -4.48 -4.14 -5.33
C GLU E 175 -5.58 -3.21 -5.83
N HIS E 176 -5.33 -1.90 -5.68
CA HIS E 176 -6.22 -0.85 -6.15
C HIS E 176 -6.28 -0.85 -7.69
N HIS E 177 -5.17 -1.20 -8.32
CA HIS E 177 -5.16 -1.44 -9.75
C HIS E 177 -5.82 -2.77 -10.07
N ASP E 178 -5.02 -3.83 -10.06
CA ASP E 178 -5.42 -5.13 -10.62
C ASP E 178 -4.29 -6.16 -10.59
N PHE E 179 -4.68 -7.42 -10.43
CA PHE E 179 -3.81 -8.56 -10.66
C PHE E 179 -4.43 -9.35 -11.83
N ILE E 180 -4.11 -8.94 -13.06
CA ILE E 180 -4.78 -9.45 -14.27
C ILE E 180 -4.15 -10.71 -14.90
N VAL E 181 -3.10 -11.29 -14.31
CA VAL E 181 -2.28 -12.28 -15.03
C VAL E 181 -3.06 -13.40 -15.74
N ASN E 182 -3.97 -14.06 -15.02
CA ASN E 182 -4.79 -15.09 -15.64
C ASN E 182 -5.76 -14.50 -16.65
N HIS E 183 -6.43 -13.42 -16.27
CA HIS E 183 -7.35 -12.70 -17.15
C HIS E 183 -6.68 -12.21 -18.44
N LEU E 184 -5.51 -11.60 -18.30
CA LEU E 184 -4.79 -11.06 -19.45
C LEU E 184 -4.27 -12.15 -20.40
N VAL E 185 -3.99 -13.34 -19.85
CA VAL E 185 -3.61 -14.49 -20.69
C VAL E 185 -4.84 -15.08 -21.37
N ASP E 186 -5.86 -15.40 -20.56
CA ASP E 186 -7.11 -15.98 -21.07
C ASP E 186 -7.71 -15.13 -22.18
N ASN E 187 -7.91 -13.85 -21.89
CA ASN E 187 -8.51 -12.92 -22.83
C ASN E 187 -7.71 -12.70 -24.10
N THR E 188 -6.37 -12.69 -24.00
CA THR E 188 -5.55 -12.58 -25.19
C THR E 188 -5.80 -13.78 -26.08
N ARG E 189 -5.78 -14.98 -25.50
CA ARG E 189 -6.05 -16.20 -26.27
C ARG E 189 -7.45 -16.14 -26.88
N LYS E 190 -8.41 -15.61 -26.12
CA LYS E 190 -9.79 -15.46 -26.55
C LYS E 190 -9.95 -14.49 -27.73
N LEU E 191 -9.23 -13.37 -27.69
CA LEU E 191 -9.26 -12.40 -28.79
C LEU E 191 -8.46 -12.88 -30.01
N GLU E 192 -7.60 -13.88 -29.80
CA GLU E 192 -6.86 -14.48 -30.90
C GLU E 192 -7.76 -15.49 -31.60
N GLU E 193 -8.40 -16.33 -30.78
CA GLU E 193 -9.40 -17.31 -31.22
C GLU E 193 -10.53 -16.66 -32.01
N LEU E 194 -10.96 -15.48 -31.58
CA LEU E 194 -11.98 -14.74 -32.32
C LEU E 194 -11.38 -13.99 -33.50
N ALA E 195 -10.05 -14.01 -33.63
CA ALA E 195 -9.34 -13.37 -34.74
C ALA E 195 -9.89 -11.97 -35.09
N ILE E 196 -9.77 -11.04 -34.14
CA ILE E 196 -10.36 -9.71 -34.29
C ILE E 196 -9.36 -8.66 -34.75
N PHE E 197 -8.18 -8.64 -34.13
CA PHE E 197 -7.11 -7.71 -34.53
C PHE E 197 -6.40 -8.22 -35.77
N GLU E 198 -5.95 -7.29 -36.61
CA GLU E 198 -5.15 -7.64 -37.78
C GLU E 198 -3.76 -8.10 -37.35
N ARG E 199 -3.19 -7.38 -36.40
CA ARG E 199 -1.86 -7.67 -35.91
C ARG E 199 -1.93 -7.81 -34.39
N ILE E 200 -1.01 -8.58 -33.81
CA ILE E 200 -0.79 -8.58 -32.37
C ILE E 200 0.71 -8.53 -32.10
N GLN E 201 1.19 -7.44 -31.51
CA GLN E 201 2.59 -7.35 -31.15
C GLN E 201 2.79 -7.40 -29.63
N ILE E 202 3.85 -8.08 -29.18
CA ILE E 202 4.23 -8.10 -27.75
C ILE E 202 5.62 -7.52 -27.54
N TYR E 203 5.68 -6.47 -26.74
CA TYR E 203 6.91 -5.71 -26.54
C TYR E 203 7.43 -5.85 -25.11
N GLN E 204 8.71 -5.54 -24.93
CA GLN E 204 9.34 -5.58 -23.62
C GLN E 204 9.92 -4.22 -23.21
N ARG E 205 10.37 -4.11 -21.97
CA ARG E 205 10.73 -2.81 -21.43
C ARG E 205 11.92 -2.14 -22.12
N ASP E 206 12.67 -2.91 -22.91
CA ASP E 206 13.83 -2.36 -23.64
C ASP E 206 13.45 -2.04 -25.07
N ARG E 207 12.15 -1.88 -25.30
CA ARG E 207 11.58 -1.59 -26.62
C ARG E 207 11.75 -2.71 -27.66
N SER E 208 12.24 -3.87 -27.22
CA SER E 208 12.35 -5.03 -28.11
C SER E 208 10.98 -5.57 -28.41
N CYS E 209 10.86 -6.20 -29.57
CA CYS E 209 9.64 -6.87 -29.97
C CYS E 209 9.84 -8.37 -29.87
N VAL E 210 9.09 -9.01 -28.99
CA VAL E 210 9.32 -10.43 -28.68
C VAL E 210 8.26 -11.32 -29.31
N TYR E 211 7.28 -10.69 -29.94
CA TYR E 211 6.28 -11.43 -30.69
C TYR E 211 5.54 -10.48 -31.65
N ASP E 212 5.41 -10.90 -32.90
CA ASP E 212 4.57 -10.20 -33.86
C ASP E 212 3.74 -11.24 -34.62
N SER E 213 2.43 -11.11 -34.56
CA SER E 213 1.52 -12.14 -35.08
C SER E 213 1.60 -12.32 -36.59
N LYS E 214 1.93 -11.25 -37.31
CA LYS E 214 2.02 -11.31 -38.76
C LYS E 214 3.35 -11.90 -39.25
N GLU E 215 4.31 -12.07 -38.33
CA GLU E 215 5.60 -12.67 -38.67
C GLU E 215 5.84 -13.97 -37.90
N ASN E 216 5.16 -14.12 -36.75
CA ASN E 216 5.25 -15.32 -35.91
C ASN E 216 3.94 -16.12 -35.97
N THR E 217 4.03 -17.43 -35.72
CA THR E 217 2.84 -18.30 -35.78
C THR E 217 2.53 -19.03 -34.46
N THR E 218 3.23 -18.66 -33.39
CA THR E 218 2.85 -19.11 -32.05
C THR E 218 1.64 -18.30 -31.61
N SER E 219 1.14 -18.57 -30.40
CA SER E 219 0.03 -17.79 -29.86
C SER E 219 0.58 -16.58 -29.15
N ALA E 220 -0.06 -15.44 -29.36
CA ALA E 220 0.23 -14.26 -28.55
C ALA E 220 0.25 -14.66 -27.08
N ALA E 221 -0.83 -15.33 -26.65
CA ALA E 221 -1.02 -15.79 -25.29
C ALA E 221 0.03 -16.81 -24.85
N ASP E 222 0.46 -17.65 -25.78
CA ASP E 222 1.50 -18.62 -25.50
C ASP E 222 2.83 -17.92 -25.24
N VAL E 223 3.08 -16.86 -26.00
CA VAL E 223 4.29 -16.07 -25.80
C VAL E 223 4.20 -15.32 -24.47
N LEU E 224 3.01 -14.84 -24.13
CA LEU E 224 2.77 -14.20 -22.83
C LEU E 224 3.23 -15.08 -21.67
N GLN E 225 2.74 -16.32 -21.63
CA GLN E 225 3.02 -17.23 -20.51
C GLN E 225 4.50 -17.55 -20.29
N GLU E 226 5.26 -17.66 -21.37
CA GLU E 226 6.73 -17.85 -21.27
C GLU E 226 7.35 -16.65 -20.57
N LEU E 227 6.87 -15.46 -20.93
CA LEU E 227 7.40 -14.22 -20.39
C LEU E 227 6.97 -14.03 -18.94
N PHE E 228 5.74 -14.45 -18.63
CA PHE E 228 5.18 -14.35 -17.29
C PHE E 228 5.69 -15.44 -16.35
N PHE E 229 5.96 -16.62 -16.89
CA PHE E 229 6.25 -17.79 -16.05
C PHE E 229 7.59 -18.47 -16.36
N GLY E 230 8.32 -17.95 -17.33
CA GLY E 230 9.61 -18.50 -17.70
C GLY E 230 10.66 -18.17 -16.66
N GLU E 231 11.89 -18.61 -16.90
CA GLU E 231 13.03 -18.23 -16.06
C GLU E 231 13.35 -16.72 -16.19
N TRP E 232 13.99 -16.17 -15.16
CA TRP E 232 14.40 -14.77 -15.15
C TRP E 232 15.74 -14.57 -15.84
N SER E 233 15.83 -13.57 -16.71
CA SER E 233 17.11 -13.08 -17.24
C SER E 233 17.84 -12.25 -16.18
N GLN E 234 19.12 -11.96 -16.39
CA GLN E 234 19.84 -11.03 -15.50
C GLN E 234 19.27 -9.63 -15.59
N VAL E 235 18.69 -9.31 -16.74
CA VAL E 235 18.11 -7.99 -16.98
C VAL E 235 16.83 -7.83 -16.14
N GLU E 236 16.10 -8.93 -15.99
CA GLU E 236 14.97 -9.01 -15.09
C GLU E 236 15.49 -9.05 -13.65
N LYS E 237 16.40 -9.99 -13.39
CA LYS E 237 17.01 -10.19 -12.06
C LYS E 237 17.62 -8.90 -11.49
N GLU E 238 18.08 -8.03 -12.40
CA GLU E 238 18.70 -6.77 -12.02
C GLU E 238 17.69 -5.70 -11.70
N MET E 239 16.68 -5.54 -12.56
CA MET E 239 15.61 -4.58 -12.29
C MET E 239 15.00 -4.78 -10.91
N LEU E 240 15.01 -6.02 -10.41
CA LEU E 240 14.54 -6.34 -9.07
C LEU E 240 15.44 -5.75 -7.99
N GLN E 241 16.75 -5.71 -8.24
CA GLN E 241 17.72 -5.14 -7.29
C GLN E 241 17.64 -3.63 -7.25
N VAL E 242 17.43 -3.03 -8.43
CA VAL E 242 17.29 -1.59 -8.54
C VAL E 242 16.03 -1.13 -7.82
N GLY E 243 14.97 -1.94 -7.96
CA GLY E 243 13.68 -1.64 -7.34
C GLY E 243 13.71 -1.63 -5.82
N GLU E 244 14.35 -2.65 -5.24
CA GLU E 244 14.53 -2.66 -3.79
C GLU E 244 15.33 -1.45 -3.32
N LYS E 245 16.36 -1.09 -4.10
CA LYS E 245 17.20 0.06 -3.75
C LYS E 245 16.44 1.38 -3.94
N ARG E 246 15.77 1.53 -5.07
CA ARG E 246 15.02 2.74 -5.37
C ARG E 246 13.86 2.96 -4.40
N LEU E 247 13.27 1.86 -3.93
CA LEU E 247 12.13 1.93 -3.01
C LEU E 247 12.58 2.41 -1.63
N ASN E 248 13.67 1.82 -1.13
CA ASN E 248 14.32 2.26 0.10
C ASN E 248 14.61 3.75 0.11
N GLU E 249 14.99 4.27 -1.06
CA GLU E 249 15.23 5.70 -1.26
C GLU E 249 13.98 6.52 -0.99
N LEU E 250 12.87 6.14 -1.63
CA LEU E 250 11.58 6.84 -1.52
C LEU E 250 10.92 6.78 -0.14
N LEU E 251 11.22 5.76 0.64
CA LEU E 251 10.73 5.64 2.03
C LEU E 251 11.79 6.14 3.01
N ASP F 64 -26.89 -22.34 -0.33
CA ASP F 64 -26.12 -22.01 0.91
C ASP F 64 -26.87 -22.34 2.19
N LYS F 65 -28.15 -21.94 2.27
CA LYS F 65 -28.96 -22.18 3.46
C LYS F 65 -29.97 -23.31 3.29
N MET F 66 -30.35 -23.58 2.03
CA MET F 66 -31.20 -24.72 1.69
C MET F 66 -30.46 -26.03 1.90
N LEU F 67 -30.99 -26.86 2.81
CA LEU F 67 -30.40 -28.17 3.12
C LEU F 67 -31.29 -29.33 2.68
N ASN F 68 -30.69 -30.51 2.47
CA ASN F 68 -31.45 -31.73 2.21
C ASN F 68 -32.42 -32.03 3.35
N PRO F 69 -33.59 -32.59 3.03
CA PRO F 69 -34.43 -33.17 4.07
C PRO F 69 -33.64 -34.09 5.01
N VAL F 70 -32.64 -34.80 4.46
CA VAL F 70 -31.75 -35.61 5.28
C VAL F 70 -30.75 -34.71 6.02
N GLU F 71 -29.91 -34.00 5.28
CA GLU F 71 -28.93 -33.05 5.85
C GLU F 71 -29.49 -32.19 6.99
N ASP F 72 -30.73 -31.76 6.84
CA ASP F 72 -31.40 -30.91 7.83
C ASP F 72 -31.59 -31.66 9.14
N TYR F 73 -31.96 -32.94 9.04
CA TYR F 73 -32.08 -33.77 10.23
C TYR F 73 -30.74 -34.10 10.86
N GLU F 74 -29.69 -34.23 10.04
CA GLU F 74 -28.34 -34.46 10.56
C GLU F 74 -27.86 -33.28 11.40
N LEU F 75 -28.38 -32.09 11.12
CA LEU F 75 -28.11 -30.91 11.94
C LEU F 75 -28.87 -31.00 13.27
N THR F 76 -30.17 -31.33 13.18
CA THR F 76 -31.02 -31.56 14.34
C THR F 76 -30.31 -32.44 15.36
N LEU F 77 -29.63 -33.47 14.86
CA LEU F 77 -28.90 -34.42 15.69
C LEU F 77 -27.63 -33.84 16.30
N LYS F 78 -26.91 -33.03 15.52
CA LYS F 78 -25.73 -32.34 16.03
C LYS F 78 -26.16 -31.36 17.11
N ILE F 79 -27.34 -30.77 16.93
CA ILE F 79 -27.88 -29.80 17.88
C ILE F 79 -28.25 -30.52 19.18
N GLU F 80 -28.78 -31.73 19.04
CA GLU F 80 -29.17 -32.55 20.16
C GLU F 80 -27.94 -32.92 20.97
N ILE F 81 -26.88 -33.30 20.28
CA ILE F 81 -25.61 -33.70 20.88
C ILE F 81 -24.95 -32.56 21.66
N VAL F 82 -25.07 -31.34 21.16
CA VAL F 82 -24.47 -30.17 21.81
C VAL F 82 -25.21 -29.83 23.09
N LYS F 83 -26.53 -29.73 22.97
CA LYS F 83 -27.43 -29.46 24.09
C LYS F 83 -27.26 -30.49 25.20
N GLU F 84 -27.00 -31.74 24.81
CA GLU F 84 -26.82 -32.86 25.72
C GLU F 84 -25.52 -32.73 26.52
N ARG F 85 -24.44 -32.34 25.85
CA ARG F 85 -23.15 -32.10 26.50
C ARG F 85 -23.20 -30.85 27.35
N GLY F 86 -23.83 -29.83 26.78
CA GLY F 86 -24.00 -28.53 27.44
C GLY F 86 -24.62 -28.68 28.80
N ALA F 87 -25.77 -29.35 28.86
CA ALA F 87 -26.43 -29.64 30.12
C ALA F 87 -25.43 -30.23 31.12
N ASN F 88 -24.67 -31.23 30.69
CA ASN F 88 -23.76 -31.92 31.59
C ASN F 88 -22.58 -31.08 32.05
N LEU F 89 -22.03 -30.29 31.14
CA LEU F 89 -21.00 -29.32 31.51
C LEU F 89 -21.57 -28.19 32.39
N LEU F 90 -22.83 -27.82 32.14
CA LEU F 90 -23.51 -26.89 33.01
C LEU F 90 -23.53 -27.48 34.42
N SER F 91 -24.02 -28.70 34.55
CA SER F 91 -24.02 -29.39 35.84
C SER F 91 -22.64 -29.38 36.49
N ARG F 92 -21.63 -29.82 35.76
CA ARG F 92 -20.27 -29.84 36.32
C ARG F 92 -19.83 -28.48 36.82
N LEU F 93 -20.18 -27.43 36.08
CA LEU F 93 -19.86 -26.05 36.46
C LEU F 93 -20.52 -25.67 37.76
N TYR F 94 -21.83 -25.89 37.83
CA TYR F 94 -22.61 -25.67 39.04
C TYR F 94 -21.96 -26.34 40.25
N ARG F 95 -21.62 -27.63 40.11
CA ARG F 95 -20.98 -28.36 41.19
C ARG F 95 -19.75 -27.61 41.66
N TYR F 96 -18.93 -27.13 40.72
CA TYR F 96 -17.75 -26.35 41.08
C TYR F 96 -18.13 -25.08 41.82
N GLN F 97 -19.00 -24.28 41.20
CA GLN F 97 -19.48 -23.04 41.77
C GLN F 97 -20.02 -23.24 43.18
N ASP F 98 -20.65 -24.39 43.40
CA ASP F 98 -21.13 -24.75 44.72
C ASP F 98 -19.97 -25.04 45.67
N SER F 99 -19.04 -25.88 45.25
CA SER F 99 -17.91 -26.24 46.10
C SER F 99 -17.13 -25.00 46.52
N GLN F 100 -17.35 -23.89 45.80
CA GLN F 100 -16.66 -22.65 46.05
C GLN F 100 -17.59 -21.61 46.69
N GLY F 101 -18.75 -22.08 47.14
CA GLY F 101 -19.73 -21.23 47.77
C GLY F 101 -19.91 -19.92 47.02
N ILE F 102 -20.07 -20.01 45.70
CA ILE F 102 -20.36 -18.85 44.87
C ILE F 102 -21.86 -18.71 44.76
N SER F 103 -22.38 -17.52 45.03
CA SER F 103 -23.83 -17.27 44.94
C SER F 103 -24.37 -17.58 43.54
N ILE F 104 -25.60 -18.10 43.52
CA ILE F 104 -26.34 -18.40 42.29
C ILE F 104 -26.43 -17.19 41.36
N ASP F 105 -26.61 -16.01 41.94
CA ASP F 105 -26.91 -14.80 41.19
C ASP F 105 -25.76 -13.79 41.11
N ASP F 106 -24.55 -14.23 41.45
CA ASP F 106 -23.42 -13.30 41.60
C ASP F 106 -22.78 -12.90 40.26
N GLU F 107 -23.40 -11.95 39.58
CA GLU F 107 -23.05 -11.63 38.21
C GLU F 107 -21.64 -11.07 38.01
N SER F 108 -21.03 -10.61 39.11
CA SER F 108 -19.68 -10.05 39.11
C SER F 108 -18.62 -11.16 39.05
N ASN F 109 -18.91 -12.27 39.75
CA ASN F 109 -18.07 -13.46 39.76
C ASN F 109 -17.96 -14.07 38.35
N PRO F 110 -16.73 -14.35 37.90
CA PRO F 110 -16.52 -14.75 36.49
C PRO F 110 -17.02 -16.15 36.17
N TRP F 111 -16.98 -17.06 37.15
CA TRP F 111 -17.54 -18.40 36.98
C TRP F 111 -19.01 -18.32 36.58
N ILE F 112 -19.75 -17.43 37.23
CA ILE F 112 -21.15 -17.14 36.87
C ILE F 112 -21.29 -16.57 35.46
N LEU F 113 -20.31 -15.81 35.00
CA LEU F 113 -20.31 -15.35 33.63
C LEU F 113 -20.33 -16.54 32.67
N MET F 114 -19.44 -17.51 32.90
CA MET F 114 -19.39 -18.72 32.11
C MET F 114 -20.70 -19.50 32.18
N SER F 115 -21.20 -19.74 33.39
CA SER F 115 -22.48 -20.42 33.55
C SER F 115 -23.46 -19.74 32.62
N ASP F 116 -23.64 -18.43 32.84
CA ASP F 116 -24.63 -17.63 32.13
C ASP F 116 -24.40 -17.70 30.62
N ASP F 117 -23.17 -17.50 30.19
CA ASP F 117 -22.84 -17.61 28.77
C ASP F 117 -23.28 -18.97 28.19
N LEU F 118 -22.74 -20.05 28.75
CA LEU F 118 -23.12 -21.40 28.38
C LEU F 118 -24.64 -21.60 28.49
N SER F 119 -25.19 -21.32 29.67
CA SER F 119 -26.61 -21.53 29.97
C SER F 119 -27.51 -20.88 28.92
N ASP F 120 -27.19 -19.65 28.51
CA ASP F 120 -27.93 -18.94 27.47
C ASP F 120 -27.85 -19.64 26.14
N LEU F 121 -26.73 -20.30 25.91
CA LEU F 121 -26.45 -20.96 24.65
C LEU F 121 -27.24 -22.25 24.52
N ILE F 122 -27.33 -22.98 25.64
CA ILE F 122 -28.10 -24.23 25.71
C ILE F 122 -29.62 -23.97 25.69
N HIS F 123 -30.04 -22.81 26.17
CA HIS F 123 -31.46 -22.55 26.31
C HIS F 123 -32.11 -21.92 25.08
N THR F 124 -31.33 -21.22 24.28
CA THR F 124 -31.92 -20.48 23.18
C THR F 124 -31.16 -20.71 21.88
N ASN F 125 -29.88 -20.34 21.88
CA ASN F 125 -29.11 -20.18 20.67
C ASN F 125 -28.86 -21.42 19.82
N ILE F 126 -28.57 -22.57 20.44
CA ILE F 126 -28.28 -23.78 19.69
C ILE F 126 -29.40 -24.09 18.70
N TYR F 127 -30.62 -23.78 19.10
CA TYR F 127 -31.80 -24.08 18.29
C TYR F 127 -31.93 -23.15 17.09
N LEU F 128 -31.27 -22.00 17.16
CA LEU F 128 -31.31 -21.05 16.08
C LEU F 128 -30.20 -21.31 15.04
N VAL F 129 -29.36 -22.31 15.33
CA VAL F 129 -28.26 -22.71 14.46
C VAL F 129 -28.76 -23.14 13.09
N GLU F 130 -28.16 -22.59 12.04
CA GLU F 130 -28.59 -22.89 10.67
C GLU F 130 -27.59 -23.69 9.83
N THR F 131 -26.29 -23.53 10.09
CA THR F 131 -25.23 -24.20 9.33
C THR F 131 -24.49 -25.23 10.16
N PHE F 132 -23.83 -26.18 9.49
CA PHE F 132 -22.99 -27.18 10.15
C PHE F 132 -21.76 -26.61 10.85
N ASP F 133 -21.32 -25.43 10.39
CA ASP F 133 -20.19 -24.74 11.01
C ASP F 133 -20.58 -24.09 12.34
N GLU F 134 -21.77 -23.51 12.40
CA GLU F 134 -22.25 -22.95 13.66
C GLU F 134 -22.21 -24.02 14.74
N ILE F 135 -22.49 -25.26 14.36
CA ILE F 135 -22.53 -26.37 15.31
C ILE F 135 -21.15 -26.80 15.80
N GLU F 136 -20.18 -26.90 14.87
CA GLU F 136 -18.79 -27.23 15.23
C GLU F 136 -18.17 -26.19 16.14
N ARG F 137 -18.57 -24.93 15.95
CA ARG F 137 -18.07 -23.82 16.76
C ARG F 137 -18.54 -23.99 18.19
N TYR F 138 -19.83 -24.28 18.36
CA TYR F 138 -20.36 -24.50 19.70
C TYR F 138 -19.72 -25.71 20.34
N SER F 139 -19.40 -26.70 19.51
CA SER F 139 -18.78 -27.92 19.97
C SER F 139 -17.38 -27.65 20.48
N GLY F 140 -16.66 -26.77 19.79
CA GLY F 140 -15.36 -26.27 20.23
C GLY F 140 -15.45 -25.38 21.47
N TYR F 141 -16.50 -24.56 21.54
CA TYR F 141 -16.75 -23.78 22.75
C TYR F 141 -16.83 -24.73 23.96
N LEU F 142 -17.65 -25.77 23.85
CA LEU F 142 -17.83 -26.74 24.93
C LEU F 142 -16.54 -27.47 25.31
N ASP F 143 -15.72 -27.81 24.32
CA ASP F 143 -14.43 -28.46 24.56
C ASP F 143 -13.53 -27.62 25.47
N GLY F 144 -13.53 -26.32 25.26
CA GLY F 144 -12.71 -25.40 26.02
C GLY F 144 -13.15 -25.24 27.46
N ILE F 145 -14.46 -25.20 27.67
CA ILE F 145 -15.02 -25.18 29.02
C ILE F 145 -14.64 -26.47 29.74
N GLU F 146 -14.75 -27.60 29.04
CA GLU F 146 -14.48 -28.91 29.62
C GLU F 146 -13.00 -29.08 29.95
N ARG F 147 -12.12 -28.59 29.08
CA ARG F 147 -10.70 -28.56 29.38
C ARG F 147 -10.43 -27.77 30.67
N MET F 148 -11.25 -26.76 30.95
CA MET F 148 -11.06 -25.93 32.12
C MET F 148 -11.51 -26.61 33.38
N LEU F 149 -12.65 -27.30 33.32
CA LEU F 149 -13.23 -27.93 34.49
C LEU F 149 -12.30 -29.02 35.00
N GLU F 150 -11.63 -29.70 34.08
CA GLU F 150 -10.65 -30.73 34.43
C GLU F 150 -9.53 -30.20 35.33
N ILE F 151 -9.21 -28.92 35.19
CA ILE F 151 -8.18 -28.27 35.99
C ILE F 151 -8.80 -27.70 37.27
N SER F 152 -10.05 -27.27 37.17
CA SER F 152 -10.78 -26.77 38.32
C SER F 152 -11.10 -27.89 39.32
N GLU F 153 -11.61 -29.01 38.82
CA GLU F 153 -12.02 -30.14 39.66
C GLU F 153 -10.85 -30.81 40.39
N LYS F 154 -9.62 -30.53 39.95
CA LYS F 154 -8.41 -31.02 40.61
C LYS F 154 -7.99 -30.10 41.77
N ARG F 155 -8.95 -29.35 42.30
CA ARG F 155 -8.76 -28.51 43.48
C ARG F 155 -9.90 -28.75 44.46
N MET F 156 -11.09 -29.02 43.93
CA MET F 156 -12.28 -29.47 44.67
C MET F 156 -11.97 -30.61 45.65
N VAL F 157 -12.27 -30.40 46.94
CA VAL F 157 -11.95 -31.36 48.02
C VAL F 157 -12.74 -32.68 47.93
N ALA F 158 -14.04 -32.57 47.67
CA ALA F 158 -14.91 -33.75 47.48
C ALA F 158 -15.97 -33.53 46.38
N GLU G 2 -30.01 -44.77 50.67
CA GLU G 2 -29.74 -43.47 51.37
C GLU G 2 -29.05 -42.45 50.45
N ILE G 3 -28.31 -42.93 49.45
CA ILE G 3 -27.57 -42.05 48.51
C ILE G 3 -28.45 -41.25 47.54
N GLN G 4 -29.55 -41.83 47.06
CA GLN G 4 -30.41 -41.12 46.11
C GLN G 4 -31.29 -40.06 46.77
N ASP G 5 -31.35 -40.06 48.10
CA ASP G 5 -32.08 -39.05 48.86
C ASP G 5 -31.46 -37.67 48.69
N TYR G 6 -32.31 -36.66 48.61
CA TYR G 6 -31.86 -35.27 48.51
C TYR G 6 -32.72 -34.38 49.43
N THR G 7 -32.09 -33.43 50.10
CA THR G 7 -32.81 -32.53 51.02
C THR G 7 -33.63 -31.51 50.24
N ASP G 8 -34.67 -30.99 50.90
CA ASP G 8 -35.43 -29.87 50.36
C ASP G 8 -34.47 -28.74 49.98
N SER G 9 -33.64 -28.31 50.94
CA SER G 9 -32.63 -27.28 50.71
C SER G 9 -31.94 -27.49 49.38
N GLU G 10 -31.40 -28.69 49.17
CA GLU G 10 -30.71 -29.04 47.92
C GLU G 10 -31.60 -28.81 46.71
N PHE G 11 -32.81 -29.35 46.76
CA PHE G 11 -33.75 -29.19 45.66
C PHE G 11 -34.07 -27.73 45.40
N LYS G 12 -34.27 -26.96 46.46
CA LYS G 12 -34.67 -25.57 46.33
C LYS G 12 -33.52 -24.75 45.79
N HIS G 13 -32.30 -25.12 46.19
CA HIS G 13 -31.11 -24.46 45.69
C HIS G 13 -31.01 -24.60 44.18
N ALA G 14 -31.25 -25.81 43.69
CA ALA G 14 -31.24 -26.10 42.27
C ALA G 14 -32.37 -25.35 41.55
N LEU G 15 -33.58 -25.48 42.10
CA LEU G 15 -34.77 -24.86 41.53
C LEU G 15 -34.58 -23.35 41.35
N ALA G 16 -33.88 -22.72 42.28
CA ALA G 16 -33.61 -21.29 42.25
C ALA G 16 -32.65 -20.97 41.11
N ARG G 17 -31.55 -21.71 41.06
CA ARG G 17 -30.56 -21.59 40.00
C ARG G 17 -31.21 -21.76 38.62
N ASN G 18 -32.01 -22.81 38.47
CA ASN G 18 -32.68 -23.12 37.20
C ASN G 18 -33.74 -22.11 36.76
N LEU G 19 -34.53 -21.61 37.71
CA LEU G 19 -35.53 -20.60 37.43
C LEU G 19 -34.85 -19.33 36.96
N ARG G 20 -33.73 -18.99 37.61
CA ARG G 20 -32.97 -17.78 37.29
C ARG G 20 -32.43 -17.82 35.86
N SER G 21 -31.96 -18.99 35.45
CA SER G 21 -31.27 -19.18 34.18
C SER G 21 -32.18 -19.60 33.04
N LEU G 22 -33.31 -20.21 33.35
CA LEU G 22 -34.27 -20.59 32.31
C LEU G 22 -35.02 -19.35 31.88
N THR G 23 -34.95 -18.33 32.73
CA THR G 23 -35.69 -17.10 32.56
C THR G 23 -34.95 -16.05 31.73
N ARG G 24 -33.62 -16.17 31.67
CA ARG G 24 -32.71 -15.11 31.20
C ARG G 24 -33.06 -14.36 29.94
N GLY G 25 -32.84 -14.96 28.78
CA GLY G 25 -33.11 -14.27 27.50
C GLY G 25 -34.59 -13.92 27.34
N LYS G 26 -35.42 -14.53 28.18
CA LYS G 26 -36.86 -14.57 27.98
C LYS G 26 -37.63 -13.43 28.63
N LYS G 27 -38.75 -13.06 28.00
CA LYS G 27 -39.65 -12.02 28.49
C LYS G 27 -40.96 -12.65 28.95
N SER G 28 -41.81 -11.83 29.56
CA SER G 28 -43.13 -12.27 29.99
C SER G 28 -44.11 -12.25 28.80
N SER G 29 -45.41 -12.48 29.06
CA SER G 29 -46.41 -12.50 27.99
C SER G 29 -47.83 -12.19 28.45
N LYS G 30 -48.56 -11.43 27.64
CA LYS G 30 -49.96 -11.11 27.91
C LYS G 30 -50.84 -12.36 27.70
N GLN G 31 -50.63 -13.06 26.57
CA GLN G 31 -51.33 -14.31 26.28
C GLN G 31 -50.30 -15.42 26.12
N PRO G 32 -49.82 -15.97 27.24
CA PRO G 32 -48.75 -16.96 27.19
C PRO G 32 -49.18 -18.25 26.49
N ILE G 33 -48.30 -18.79 25.66
CA ILE G 33 -48.50 -20.12 25.07
C ILE G 33 -47.59 -21.13 25.78
N ALA G 34 -48.13 -22.34 25.97
CA ALA G 34 -47.38 -23.46 26.51
C ALA G 34 -47.63 -24.66 25.63
N ILE G 35 -46.56 -25.28 25.13
CA ILE G 35 -46.70 -26.41 24.23
C ILE G 35 -46.20 -27.67 24.89
N LEU G 36 -47.04 -28.70 24.97
CA LEU G 36 -46.58 -30.01 25.41
C LEU G 36 -46.04 -30.73 24.19
N LEU G 37 -45.14 -31.69 24.39
CA LEU G 37 -44.56 -32.47 23.29
C LEU G 37 -44.89 -33.94 23.40
N GLY G 38 -44.81 -34.65 22.28
CA GLY G 38 -45.04 -36.10 22.28
C GLY G 38 -44.30 -36.84 21.18
N GLY G 39 -44.23 -38.17 21.32
CA GLY G 39 -43.67 -39.03 20.28
C GLY G 39 -42.52 -39.91 20.75
N GLN G 40 -42.06 -40.78 19.86
CA GLN G 40 -40.98 -41.73 20.13
C GLN G 40 -39.69 -41.00 20.49
N SER G 41 -38.93 -41.54 21.45
CA SER G 41 -37.65 -40.95 21.90
C SER G 41 -36.68 -40.71 20.75
N GLY G 42 -36.63 -41.65 19.83
CA GLY G 42 -35.75 -41.54 18.67
C GLY G 42 -36.31 -40.63 17.60
N ALA G 43 -37.63 -40.47 17.59
CA ALA G 43 -38.31 -39.73 16.50
C ALA G 43 -37.63 -38.41 16.18
N GLY G 44 -37.16 -37.71 17.22
CA GLY G 44 -36.40 -36.50 17.03
C GLY G 44 -37.16 -35.25 17.46
N LYS G 45 -37.44 -35.16 18.76
CA LYS G 45 -38.07 -33.96 19.35
C LYS G 45 -37.27 -32.67 19.18
N THR G 46 -35.95 -32.78 19.01
CA THR G 46 -35.10 -31.61 18.82
C THR G 46 -35.50 -30.80 17.58
N THR G 47 -36.32 -31.41 16.72
CA THR G 47 -36.84 -30.74 15.52
C THR G 47 -37.78 -29.62 15.93
N ILE G 48 -38.80 -29.95 16.72
CA ILE G 48 -39.79 -29.01 17.21
C ILE G 48 -39.14 -27.93 18.07
N HIS G 49 -38.09 -28.32 18.80
CA HIS G 49 -37.25 -27.38 19.58
C HIS G 49 -36.72 -26.26 18.67
N ARG G 50 -36.31 -26.61 17.46
CA ARG G 50 -35.83 -25.61 16.51
C ARG G 50 -37.00 -24.78 15.99
N ILE G 51 -38.05 -25.45 15.53
CA ILE G 51 -39.20 -24.76 14.92
C ILE G 51 -39.83 -23.78 15.90
N LYS G 52 -39.99 -24.19 17.15
CA LYS G 52 -40.70 -23.36 18.12
C LYS G 52 -39.85 -22.22 18.69
N GLN G 53 -38.53 -22.35 18.62
CA GLN G 53 -37.63 -21.28 19.03
C GLN G 53 -37.50 -20.17 17.98
N LYS G 54 -37.48 -20.55 16.71
CA LYS G 54 -37.53 -19.59 15.60
C LYS G 54 -38.83 -18.82 15.64
N GLU G 55 -39.93 -19.55 15.83
CA GLU G 55 -41.29 -19.02 15.77
C GLU G 55 -41.58 -18.03 16.90
N PHE G 56 -41.01 -18.29 18.07
CA PHE G 56 -41.22 -17.44 19.23
C PHE G 56 -40.10 -16.40 19.38
N GLN G 57 -39.59 -15.89 18.27
CA GLN G 57 -38.53 -14.86 18.24
C GLN G 57 -37.45 -15.16 19.28
N GLY G 58 -37.08 -16.44 19.39
CA GLY G 58 -36.21 -16.89 20.47
C GLY G 58 -36.66 -16.40 21.84
N ASN G 59 -37.89 -16.72 22.22
CA ASN G 59 -38.43 -16.36 23.54
C ASN G 59 -39.44 -17.38 24.03
N ILE G 60 -39.03 -18.65 23.98
CA ILE G 60 -39.81 -19.72 24.57
C ILE G 60 -38.89 -20.55 25.46
N VAL G 61 -39.35 -20.81 26.68
CA VAL G 61 -38.58 -21.56 27.69
C VAL G 61 -38.82 -23.06 27.51
N ILE G 62 -37.75 -23.79 27.20
CA ILE G 62 -37.82 -25.24 26.98
C ILE G 62 -37.50 -26.00 28.25
N ILE G 63 -38.46 -26.80 28.72
CA ILE G 63 -38.27 -27.55 29.95
C ILE G 63 -38.02 -29.02 29.59
N ASP G 64 -36.74 -29.37 29.55
CA ASP G 64 -36.28 -30.70 29.22
C ASP G 64 -35.78 -31.40 30.49
N GLY G 65 -36.64 -32.21 31.10
CA GLY G 65 -36.37 -32.84 32.38
C GLY G 65 -35.11 -33.68 32.48
N ASP G 66 -34.63 -34.18 31.35
CA ASP G 66 -33.42 -35.01 31.33
C ASP G 66 -32.19 -34.22 31.67
N SER G 67 -32.17 -32.97 31.22
CA SER G 67 -31.04 -32.11 31.52
C SER G 67 -31.00 -31.72 32.99
N PHE G 68 -31.91 -32.25 33.82
CA PHE G 68 -31.87 -31.98 35.26
C PHE G 68 -31.38 -33.18 36.06
N ARG G 69 -31.20 -34.31 35.38
CA ARG G 69 -30.82 -35.54 36.06
C ARG G 69 -29.39 -35.43 36.60
N SER G 70 -28.54 -34.69 35.89
CA SER G 70 -27.13 -34.52 36.27
C SER G 70 -27.03 -33.54 37.44
N GLN G 71 -28.13 -32.85 37.73
CA GLN G 71 -28.22 -31.92 38.85
C GLN G 71 -28.62 -32.59 40.16
N HIS G 72 -28.84 -33.91 40.13
CA HIS G 72 -29.08 -34.63 41.36
C HIS G 72 -27.90 -34.39 42.29
N PRO G 73 -28.17 -34.07 43.57
CA PRO G 73 -27.10 -33.63 44.47
C PRO G 73 -25.96 -34.62 44.63
N HIS G 74 -26.26 -35.91 44.69
CA HIS G 74 -25.21 -36.94 44.81
C HIS G 74 -25.18 -37.78 43.53
N TYR G 75 -25.15 -37.08 42.40
CA TYR G 75 -25.19 -37.69 41.06
C TYR G 75 -23.94 -38.48 40.67
N LEU G 76 -22.77 -38.02 41.12
CA LEU G 76 -21.52 -38.71 40.82
C LEU G 76 -21.43 -40.05 41.53
N GLU G 77 -21.82 -40.08 42.81
CA GLU G 77 -21.87 -41.31 43.58
C GLU G 77 -22.82 -42.30 42.93
N LEU G 78 -23.94 -41.77 42.41
CA LEU G 78 -24.94 -42.57 41.71
C LEU G 78 -24.43 -43.18 40.41
N GLN G 79 -23.53 -42.46 39.73
CA GLN G 79 -22.96 -42.94 38.47
C GLN G 79 -21.90 -44.02 38.70
N GLN G 80 -21.12 -43.87 39.76
CA GLN G 80 -20.09 -44.85 40.11
C GLN G 80 -20.70 -46.16 40.62
N GLU G 81 -21.84 -46.08 41.30
CA GLU G 81 -22.44 -47.26 41.91
C GLU G 81 -23.59 -47.83 41.08
N TYR G 82 -24.03 -47.11 40.05
CA TYR G 82 -25.12 -47.59 39.20
C TYR G 82 -24.91 -47.17 37.74
N GLY G 83 -23.83 -47.63 37.14
CA GLY G 83 -23.45 -47.26 35.76
C GLY G 83 -24.60 -46.85 34.86
N LYS G 84 -25.41 -47.83 34.47
CA LYS G 84 -26.59 -47.57 33.63
C LYS G 84 -27.85 -47.45 34.49
N ASP G 85 -27.86 -48.19 35.59
CA ASP G 85 -29.01 -48.23 36.51
C ASP G 85 -29.11 -47.02 37.44
N SER G 86 -28.81 -45.83 36.92
CA SER G 86 -28.95 -44.62 37.68
C SER G 86 -29.94 -43.68 37.02
N VAL G 87 -30.55 -44.15 35.93
CA VAL G 87 -31.61 -43.41 35.24
C VAL G 87 -32.81 -43.32 36.17
N GLU G 88 -33.08 -44.41 36.88
CA GLU G 88 -34.21 -44.50 37.80
C GLU G 88 -33.90 -43.73 39.08
N TYR G 89 -32.65 -43.80 39.52
CA TYR G 89 -32.24 -43.14 40.73
C TYR G 89 -32.25 -41.61 40.62
N THR G 90 -32.12 -41.08 39.40
CA THR G 90 -32.25 -39.64 39.15
C THR G 90 -33.62 -39.30 38.59
N LYS G 91 -34.47 -40.31 38.42
CA LYS G 91 -35.77 -40.16 37.75
C LYS G 91 -36.72 -39.31 38.55
N ASP G 92 -36.67 -39.43 39.87
CA ASP G 92 -37.59 -38.70 40.72
C ASP G 92 -37.21 -37.24 40.87
N PHE G 93 -35.95 -36.99 41.24
CA PHE G 93 -35.43 -35.63 41.45
C PHE G 93 -35.70 -34.72 40.25
N ALA G 94 -35.22 -35.13 39.09
CA ALA G 94 -35.36 -34.33 37.90
C ALA G 94 -36.81 -34.17 37.51
N GLY G 95 -37.61 -35.19 37.80
CA GLY G 95 -39.04 -35.19 37.50
C GLY G 95 -39.77 -34.12 38.28
N LYS G 96 -39.44 -34.00 39.57
CA LYS G 96 -40.02 -32.99 40.46
C LYS G 96 -39.56 -31.60 40.04
N MET G 97 -38.29 -31.51 39.67
CA MET G 97 -37.72 -30.30 39.14
C MET G 97 -38.56 -29.76 37.99
N VAL G 98 -39.07 -30.64 37.13
CA VAL G 98 -39.92 -30.22 36.01
C VAL G 98 -41.25 -29.64 36.50
N GLU G 99 -41.84 -30.32 37.48
CA GLU G 99 -43.13 -29.93 38.01
C GLU G 99 -43.07 -28.51 38.58
N SER G 100 -42.06 -28.27 39.42
CA SER G 100 -41.82 -26.96 40.02
C SER G 100 -41.70 -25.89 38.95
N LEU G 101 -40.76 -26.11 38.04
CA LEU G 101 -40.45 -25.14 36.98
C LEU G 101 -41.66 -24.80 36.12
N VAL G 102 -42.54 -25.77 35.90
CA VAL G 102 -43.77 -25.48 35.19
C VAL G 102 -44.69 -24.62 36.07
N THR G 103 -44.80 -24.97 37.36
CA THR G 103 -45.65 -24.25 38.31
C THR G 103 -45.26 -22.77 38.42
N LYS G 104 -43.99 -22.51 38.71
CA LYS G 104 -43.50 -21.14 38.92
C LYS G 104 -43.52 -20.29 37.65
N LEU G 105 -42.90 -20.79 36.57
CA LEU G 105 -42.84 -20.07 35.28
C LEU G 105 -44.23 -19.80 34.69
N SER G 106 -45.13 -20.77 34.78
CA SER G 106 -46.49 -20.58 34.27
C SER G 106 -47.21 -19.46 35.01
N SER G 107 -47.02 -19.41 36.32
CA SER G 107 -47.58 -18.33 37.13
C SER G 107 -46.80 -17.03 36.93
N LEU G 108 -45.75 -17.08 36.11
CA LEU G 108 -45.01 -15.88 35.75
C LEU G 108 -45.29 -15.44 34.31
N GLY G 109 -46.06 -16.23 33.58
CA GLY G 109 -46.45 -15.89 32.20
C GLY G 109 -45.35 -16.05 31.15
N TYR G 110 -44.42 -16.98 31.36
CA TYR G 110 -43.38 -17.25 30.38
C TYR G 110 -43.90 -18.23 29.36
N ASN G 111 -43.32 -18.22 28.16
CA ASN G 111 -43.68 -19.18 27.12
C ASN G 111 -42.97 -20.50 27.33
N LEU G 112 -43.73 -21.59 27.37
CA LEU G 112 -43.16 -22.90 27.70
C LEU G 112 -43.26 -23.94 26.59
N LEU G 113 -42.15 -24.61 26.34
CA LEU G 113 -42.12 -25.83 25.55
C LEU G 113 -41.88 -26.94 26.56
N ILE G 114 -42.92 -27.73 26.83
CA ILE G 114 -42.83 -28.77 27.84
C ILE G 114 -42.70 -30.13 27.17
N GLU G 115 -41.67 -30.84 27.56
CA GLU G 115 -41.32 -32.05 26.88
C GLU G 115 -41.78 -33.29 27.61
N GLY G 116 -42.48 -34.16 26.91
CA GLY G 116 -42.79 -35.49 27.39
C GLY G 116 -42.79 -36.49 26.25
N THR G 117 -43.46 -37.63 26.46
CA THR G 117 -43.61 -38.63 25.42
C THR G 117 -45.09 -38.85 25.10
N LEU G 118 -45.92 -38.90 26.15
CA LEU G 118 -47.36 -39.20 26.06
C LEU G 118 -47.65 -40.68 25.88
N ARG G 119 -46.84 -41.53 26.52
CA ARG G 119 -47.14 -42.96 26.57
C ARG G 119 -48.35 -43.25 27.48
N THR G 120 -48.61 -42.34 28.42
CA THR G 120 -49.83 -42.39 29.25
C THR G 120 -50.65 -41.13 28.97
N VAL G 121 -51.96 -41.22 29.15
CA VAL G 121 -52.86 -40.10 28.86
C VAL G 121 -52.88 -39.06 29.99
N ASP G 122 -52.68 -39.54 31.22
CA ASP G 122 -52.94 -38.78 32.45
C ASP G 122 -52.09 -37.51 32.61
N VAL G 123 -50.78 -37.69 32.76
CA VAL G 123 -49.87 -36.59 33.10
C VAL G 123 -50.13 -35.29 32.31
N PRO G 124 -50.20 -35.38 30.95
CA PRO G 124 -50.44 -34.17 30.16
C PRO G 124 -51.79 -33.50 30.43
N LYS G 125 -52.87 -34.27 30.42
CA LYS G 125 -54.22 -33.76 30.71
C LYS G 125 -54.22 -32.93 32.00
N LYS G 126 -53.50 -33.42 33.01
CA LYS G 126 -53.35 -32.77 34.31
C LYS G 126 -52.57 -31.46 34.21
N THR G 127 -51.49 -31.46 33.42
CA THR G 127 -50.64 -30.28 33.27
C THR G 127 -51.33 -29.20 32.44
N ALA G 128 -52.08 -29.63 31.43
CA ALA G 128 -52.84 -28.74 30.56
C ALA G 128 -54.02 -28.10 31.30
N GLN G 129 -54.66 -28.89 32.16
CA GLN G 129 -55.77 -28.42 32.98
C GLN G 129 -55.33 -27.34 33.96
N LEU G 130 -54.11 -27.45 34.45
CA LEU G 130 -53.58 -26.50 35.44
C LEU G 130 -52.94 -25.29 34.76
N LEU G 131 -52.57 -25.47 33.50
CA LEU G 131 -52.04 -24.38 32.69
C LEU G 131 -53.16 -23.53 32.12
N LYS G 132 -54.27 -24.19 31.79
CA LYS G 132 -55.49 -23.52 31.35
C LYS G 132 -55.91 -22.51 32.41
N ASN G 133 -55.99 -22.95 33.66
CA ASN G 133 -56.34 -22.10 34.80
C ASN G 133 -55.45 -20.88 34.98
N LYS G 134 -54.17 -21.03 34.67
CA LYS G 134 -53.21 -19.92 34.81
C LYS G 134 -53.25 -18.96 33.61
N GLY G 135 -54.18 -19.22 32.69
CA GLY G 135 -54.40 -18.39 31.52
C GLY G 135 -53.40 -18.62 30.40
N TYR G 136 -53.29 -19.87 29.96
CA TYR G 136 -52.38 -20.25 28.87
C TYR G 136 -53.13 -20.84 27.68
N GLU G 137 -52.51 -20.74 26.50
CA GLU G 137 -52.99 -21.45 25.33
C GLU G 137 -52.19 -22.75 25.17
N VAL G 138 -52.76 -23.85 25.66
CA VAL G 138 -52.07 -25.14 25.64
C VAL G 138 -52.08 -25.79 24.26
N GLN G 139 -50.91 -25.88 23.64
CA GLN G 139 -50.77 -26.48 22.32
C GLN G 139 -50.13 -27.87 22.42
N LEU G 140 -50.29 -28.69 21.38
CA LEU G 140 -49.66 -30.01 21.33
C LEU G 140 -48.86 -30.19 20.05
N ALA G 141 -47.54 -30.26 20.18
CA ALA G 141 -46.67 -30.58 19.06
C ALA G 141 -46.22 -32.03 19.15
N LEU G 142 -46.34 -32.74 18.04
CA LEU G 142 -45.92 -34.12 17.97
C LEU G 142 -44.92 -34.29 16.85
N ILE G 143 -43.86 -35.06 17.09
CA ILE G 143 -43.10 -35.56 15.97
C ILE G 143 -43.29 -37.05 15.92
N ALA G 144 -43.46 -37.55 14.73
CA ALA G 144 -43.61 -38.95 14.51
C ALA G 144 -42.90 -39.30 13.23
N THR G 145 -42.29 -40.47 13.25
CA THR G 145 -41.66 -41.02 12.08
C THR G 145 -41.86 -42.52 12.13
N LYS G 146 -41.32 -43.23 11.13
CA LYS G 146 -41.39 -44.68 11.13
C LYS G 146 -40.74 -45.21 12.41
N PRO G 147 -41.33 -46.26 13.01
CA PRO G 147 -40.75 -46.86 14.21
C PRO G 147 -39.31 -47.27 13.97
N GLU G 148 -39.07 -48.05 12.92
CA GLU G 148 -37.72 -48.53 12.57
C GLU G 148 -36.72 -47.38 12.56
N LEU G 149 -37.11 -46.27 11.95
CA LEU G 149 -36.25 -45.10 11.84
C LEU G 149 -35.98 -44.39 13.16
N SER G 150 -36.93 -44.44 14.08
CA SER G 150 -36.75 -43.77 15.35
C SER G 150 -35.89 -44.64 16.25
N TYR G 151 -36.16 -45.94 16.22
CA TYR G 151 -35.41 -46.95 16.98
C TYR G 151 -33.94 -46.92 16.59
N LEU G 152 -33.68 -46.87 15.29
CA LEU G 152 -32.35 -46.67 14.75
C LEU G 152 -31.68 -45.42 15.34
N SER G 153 -32.36 -44.28 15.24
CA SER G 153 -31.89 -43.01 15.80
C SER G 153 -31.47 -43.11 17.27
N THR G 154 -32.17 -43.96 18.02
CA THR G 154 -31.88 -44.18 19.42
C THR G 154 -30.53 -44.87 19.56
N LEU G 155 -30.42 -46.07 19.00
CA LEU G 155 -29.22 -46.90 19.10
C LEU G 155 -27.99 -46.19 18.57
N ILE G 156 -28.15 -45.45 17.46
CA ILE G 156 -27.08 -44.66 16.90
C ILE G 156 -26.65 -43.54 17.85
N ARG G 157 -27.59 -42.71 18.29
CA ARG G 157 -27.23 -41.56 19.13
C ARG G 157 -26.67 -41.98 20.50
N TYR G 158 -26.99 -43.19 20.93
CA TYR G 158 -26.38 -43.77 22.12
C TYR G 158 -24.91 -44.12 21.86
N GLU G 159 -24.66 -44.83 20.76
CA GLU G 159 -23.30 -45.19 20.33
C GLU G 159 -22.45 -43.98 19.98
N GLU G 160 -23.11 -42.89 19.58
CA GLU G 160 -22.44 -41.62 19.35
C GLU G 160 -21.60 -41.25 20.56
N LEU G 161 -22.22 -41.28 21.73
CA LEU G 161 -21.62 -40.78 22.97
C LEU G 161 -20.82 -41.80 23.76
N TYR G 162 -21.39 -42.98 24.00
CA TYR G 162 -20.76 -44.03 24.85
C TYR G 162 -19.43 -44.58 24.31
N ILE G 163 -19.32 -44.71 22.99
CA ILE G 163 -18.07 -45.09 22.36
C ILE G 163 -17.06 -43.93 22.37
N ILE G 164 -17.55 -42.69 22.46
CA ILE G 164 -16.71 -41.52 22.76
C ILE G 164 -16.35 -41.52 24.26
N ASN G 165 -17.26 -42.03 25.08
CA ASN G 165 -17.10 -42.10 26.53
C ASN G 165 -16.11 -43.19 26.96
N ASP G 178 -41.30 -48.21 20.17
CA ASP G 178 -41.70 -49.55 20.67
C ASP G 178 -42.67 -49.50 21.87
N PHE G 179 -42.57 -48.44 22.67
CA PHE G 179 -43.55 -48.13 23.72
C PHE G 179 -44.64 -47.27 23.10
N ILE G 180 -44.25 -46.05 22.71
CA ILE G 180 -45.13 -45.01 22.15
C ILE G 180 -46.03 -45.47 21.01
N VAL G 181 -45.45 -46.17 20.04
CA VAL G 181 -46.12 -46.46 18.78
C VAL G 181 -47.58 -46.90 18.98
N ASN G 182 -47.79 -47.98 19.73
CA ASN G 182 -49.13 -48.46 20.03
C ASN G 182 -49.94 -47.47 20.86
N HIS G 183 -49.35 -47.00 21.95
CA HIS G 183 -49.97 -46.04 22.86
C HIS G 183 -50.41 -44.70 22.21
N LEU G 184 -49.62 -44.20 21.26
CA LEU G 184 -49.78 -42.81 20.80
C LEU G 184 -50.97 -42.51 19.92
N VAL G 185 -51.34 -43.44 19.03
CA VAL G 185 -52.45 -43.17 18.12
C VAL G 185 -53.75 -42.98 18.90
N ASP G 186 -53.97 -43.84 19.87
CA ASP G 186 -55.18 -43.80 20.69
C ASP G 186 -55.23 -42.59 21.61
N ASN G 187 -54.16 -42.36 22.36
CA ASN G 187 -54.08 -41.22 23.28
C ASN G 187 -54.37 -39.89 22.62
N THR G 188 -53.83 -39.72 21.41
CA THR G 188 -54.00 -38.49 20.63
C THR G 188 -55.46 -38.27 20.24
N ARG G 189 -56.10 -39.31 19.70
CA ARG G 189 -57.51 -39.26 19.37
C ARG G 189 -58.34 -38.84 20.59
N LYS G 190 -58.03 -39.45 21.74
CA LYS G 190 -58.74 -39.17 23.00
C LYS G 190 -58.53 -37.74 23.50
N LEU G 191 -57.32 -37.25 23.36
CA LEU G 191 -57.02 -35.86 23.72
C LEU G 191 -57.65 -34.89 22.72
N GLU G 192 -57.93 -35.39 21.51
CA GLU G 192 -58.60 -34.59 20.49
C GLU G 192 -60.12 -34.71 20.61
N GLU G 193 -60.57 -35.77 21.28
CA GLU G 193 -62.00 -35.98 21.56
C GLU G 193 -62.42 -35.27 22.85
N LEU G 194 -61.45 -34.97 23.71
CA LEU G 194 -61.74 -34.30 24.98
C LEU G 194 -61.47 -32.79 24.92
N ALA G 195 -61.14 -32.32 23.72
CA ALA G 195 -60.83 -30.90 23.46
C ALA G 195 -60.00 -30.25 24.58
N ILE G 196 -58.90 -30.90 24.95
CA ILE G 196 -58.00 -30.42 25.99
C ILE G 196 -57.04 -29.39 25.41
N PHE G 197 -56.72 -29.54 24.13
CA PHE G 197 -55.78 -28.64 23.47
C PHE G 197 -56.44 -27.65 22.52
N GLU G 198 -56.02 -26.39 22.61
CA GLU G 198 -56.45 -25.35 21.69
C GLU G 198 -55.88 -25.61 20.28
N ARG G 199 -54.74 -26.30 20.23
CA ARG G 199 -54.00 -26.52 18.99
C ARG G 199 -53.22 -27.84 18.98
N ILE G 200 -53.21 -28.52 17.83
CA ILE G 200 -52.44 -29.75 17.65
C ILE G 200 -51.65 -29.71 16.34
N GLN G 201 -50.34 -29.91 16.45
CA GLN G 201 -49.44 -29.90 15.30
C GLN G 201 -48.60 -31.17 15.23
N ILE G 202 -48.31 -31.61 14.01
CA ILE G 202 -47.41 -32.73 13.77
C ILE G 202 -46.40 -32.36 12.68
N TYR G 203 -45.12 -32.33 13.04
CA TYR G 203 -44.06 -32.04 12.09
C TYR G 203 -43.22 -33.28 11.74
N GLN G 204 -42.58 -33.23 10.58
CA GLN G 204 -41.59 -34.25 10.21
C GLN G 204 -40.18 -33.80 10.56
N ARG G 205 -39.22 -34.70 10.35
CA ARG G 205 -37.83 -34.47 10.71
C ARG G 205 -37.19 -33.32 9.93
N ASP G 206 -37.71 -33.09 8.73
CA ASP G 206 -37.27 -32.01 7.85
C ASP G 206 -37.91 -30.66 8.22
N ARG G 207 -38.61 -30.64 9.36
CA ARG G 207 -39.20 -29.42 9.96
C ARG G 207 -40.47 -28.91 9.27
N SER G 208 -40.86 -29.57 8.19
CA SER G 208 -42.11 -29.25 7.53
C SER G 208 -43.29 -29.63 8.43
N CYS G 209 -44.36 -28.85 8.34
CA CYS G 209 -45.58 -29.14 9.08
C CYS G 209 -46.55 -29.97 8.23
N VAL G 210 -47.02 -31.07 8.80
CA VAL G 210 -47.80 -32.07 8.07
C VAL G 210 -49.28 -32.09 8.52
N TYR G 211 -49.53 -31.62 9.73
CA TYR G 211 -50.90 -31.45 10.20
C TYR G 211 -50.98 -30.27 11.14
N ASP G 212 -52.10 -29.56 11.06
CA ASP G 212 -52.38 -28.44 11.94
C ASP G 212 -53.88 -28.45 12.24
N SER G 213 -54.24 -28.40 13.52
CA SER G 213 -55.64 -28.54 13.92
C SER G 213 -56.49 -27.38 13.41
N LYS G 214 -55.90 -26.18 13.39
CA LYS G 214 -56.59 -24.98 12.94
C LYS G 214 -56.60 -24.81 11.40
N GLU G 215 -55.87 -25.69 10.70
CA GLU G 215 -55.77 -25.67 9.23
C GLU G 215 -56.37 -26.92 8.55
N ASN G 216 -56.63 -27.96 9.34
CA ASN G 216 -57.24 -29.19 8.84
C ASN G 216 -58.58 -29.49 9.51
N THR G 217 -59.42 -30.26 8.81
CA THR G 217 -60.68 -30.77 9.36
C THR G 217 -60.56 -32.27 9.67
N THR G 218 -59.37 -32.81 9.41
CA THR G 218 -59.08 -34.23 9.62
C THR G 218 -58.66 -34.48 11.06
N SER G 219 -58.56 -35.77 11.42
CA SER G 219 -58.09 -36.19 12.74
C SER G 219 -56.56 -36.27 12.79
N ALA G 220 -55.97 -35.81 13.90
CA ALA G 220 -54.52 -35.92 14.13
C ALA G 220 -54.07 -37.37 14.17
N ALA G 221 -54.78 -38.20 14.94
CA ALA G 221 -54.51 -39.63 15.02
C ALA G 221 -54.47 -40.32 13.64
N ASP G 222 -55.37 -39.91 12.75
CA ASP G 222 -55.40 -40.39 11.35
C ASP G 222 -54.11 -40.06 10.61
N VAL G 223 -53.65 -38.83 10.76
CA VAL G 223 -52.37 -38.43 10.21
C VAL G 223 -51.30 -39.33 10.81
N LEU G 224 -51.35 -39.49 12.14
CA LEU G 224 -50.35 -40.29 12.85
C LEU G 224 -50.30 -41.73 12.38
N GLN G 225 -51.45 -42.37 12.22
CA GLN G 225 -51.46 -43.76 11.77
C GLN G 225 -50.71 -43.93 10.46
N GLU G 226 -50.98 -43.04 9.50
CA GLU G 226 -50.34 -43.10 8.19
C GLU G 226 -48.84 -42.82 8.26
N LEU G 227 -48.44 -42.01 9.23
CA LEU G 227 -47.02 -41.74 9.46
C LEU G 227 -46.28 -43.00 9.95
N PHE G 228 -46.80 -43.62 10.99
CA PHE G 228 -46.26 -44.88 11.50
C PHE G 228 -46.37 -46.01 10.47
N PHE G 229 -47.59 -46.25 9.97
CA PHE G 229 -47.89 -47.50 9.27
C PHE G 229 -48.00 -47.46 7.74
N GLY G 230 -48.07 -46.28 7.14
CA GLY G 230 -48.19 -46.17 5.68
C GLY G 230 -46.90 -46.46 4.95
N GLU G 231 -46.98 -46.48 3.61
CA GLU G 231 -45.81 -46.65 2.74
C GLU G 231 -44.65 -45.70 3.07
N TRP G 232 -43.43 -46.18 2.85
CA TRP G 232 -42.22 -45.42 3.12
C TRP G 232 -41.95 -44.43 1.99
N SER G 233 -41.55 -43.21 2.37
CA SER G 233 -41.20 -42.16 1.40
C SER G 233 -39.75 -42.25 0.92
N GLN G 234 -39.49 -41.60 -0.21
CA GLN G 234 -38.14 -41.45 -0.75
C GLN G 234 -37.20 -40.99 0.35
N VAL G 235 -37.59 -39.93 1.06
CA VAL G 235 -36.80 -39.36 2.14
C VAL G 235 -36.55 -40.35 3.28
N GLU G 236 -37.60 -41.12 3.63
CA GLU G 236 -37.56 -42.05 4.75
C GLU G 236 -36.62 -43.20 4.44
N LYS G 237 -36.78 -43.78 3.25
CA LYS G 237 -35.90 -44.84 2.73
C LYS G 237 -34.43 -44.43 2.78
N GLU G 238 -34.17 -43.15 2.52
CA GLU G 238 -32.82 -42.61 2.56
C GLU G 238 -32.28 -42.55 3.98
N MET G 239 -33.14 -42.21 4.93
CA MET G 239 -32.73 -42.13 6.32
C MET G 239 -32.47 -43.50 6.94
N LEU G 240 -32.99 -44.55 6.32
CA LEU G 240 -32.67 -45.90 6.76
C LEU G 240 -31.29 -46.31 6.25
N GLN G 241 -31.02 -45.93 5.00
CA GLN G 241 -29.79 -46.31 4.32
C GLN G 241 -28.59 -45.57 4.87
N VAL G 242 -28.82 -44.34 5.31
CA VAL G 242 -27.79 -43.52 5.94
C VAL G 242 -27.52 -44.01 7.37
N GLY G 243 -28.58 -44.37 8.09
CA GLY G 243 -28.49 -44.89 9.45
C GLY G 243 -27.72 -46.19 9.53
N GLU G 244 -28.17 -47.19 8.77
CA GLU G 244 -27.49 -48.49 8.71
C GLU G 244 -26.02 -48.34 8.34
N LYS G 245 -25.72 -47.31 7.54
CA LYS G 245 -24.34 -46.99 7.14
C LYS G 245 -23.53 -46.36 8.28
N ARG G 246 -24.20 -45.63 9.18
CA ARG G 246 -23.49 -45.01 10.30
C ARG G 246 -23.55 -45.88 11.55
N LEU G 247 -24.14 -47.06 11.43
CA LEU G 247 -24.20 -48.01 12.54
C LEU G 247 -23.31 -49.22 12.29
N ASN G 248 -23.20 -49.64 11.03
CA ASN G 248 -22.19 -50.63 10.64
C ASN G 248 -20.80 -50.00 10.49
N GLU G 249 -20.74 -48.68 10.64
CA GLU G 249 -19.47 -47.93 10.58
C GLU G 249 -19.28 -47.04 11.81
N LEU G 250 -19.77 -47.54 12.95
CA LEU G 250 -19.44 -47.01 14.26
C LEU G 250 -19.55 -48.10 15.35
N LEU G 251 -19.92 -49.31 14.94
CA LEU G 251 -20.04 -50.44 15.86
C LEU G 251 -19.12 -51.61 15.50
N GLU G 252 -19.42 -52.29 14.39
CA GLU G 252 -18.65 -53.46 13.95
C GLU G 252 -17.26 -53.06 13.48
N LYS G 253 -17.16 -51.86 12.90
CA LYS G 253 -15.90 -51.25 12.48
C LYS G 253 -15.77 -49.86 13.09
N MET H 66 -5.49 -37.92 2.73
CA MET H 66 -4.79 -36.63 3.03
C MET H 66 -5.64 -35.43 2.59
N LEU H 67 -4.98 -34.29 2.37
CA LEU H 67 -5.58 -33.13 1.72
C LEU H 67 -4.77 -32.77 0.48
N ASN H 68 -5.43 -32.29 -0.57
CA ASN H 68 -4.78 -31.82 -1.79
C ASN H 68 -3.70 -30.80 -1.46
N PRO H 69 -2.56 -30.84 -2.17
CA PRO H 69 -1.48 -29.86 -1.91
C PRO H 69 -1.98 -28.43 -1.69
N VAL H 70 -2.89 -27.96 -2.55
CA VAL H 70 -3.58 -26.67 -2.39
C VAL H 70 -4.53 -26.62 -1.18
N GLU H 71 -5.34 -27.67 -1.00
CA GLU H 71 -6.26 -27.75 0.13
C GLU H 71 -5.54 -27.84 1.48
N ASP H 72 -4.39 -28.51 1.50
CA ASP H 72 -3.53 -28.58 2.67
C ASP H 72 -2.99 -27.19 3.02
N TYR H 73 -2.53 -26.47 2.01
CA TYR H 73 -2.07 -25.09 2.18
C TYR H 73 -3.23 -24.23 2.67
N GLU H 74 -4.41 -24.48 2.12
CA GLU H 74 -5.61 -23.76 2.54
C GLU H 74 -5.83 -23.92 4.04
N LEU H 75 -5.69 -25.15 4.55
CA LEU H 75 -5.78 -25.41 5.97
C LEU H 75 -4.79 -24.54 6.74
N THR H 76 -3.54 -24.50 6.25
CA THR H 76 -2.49 -23.64 6.80
C THR H 76 -2.93 -22.19 6.91
N LEU H 77 -3.61 -21.69 5.88
CA LEU H 77 -4.13 -20.33 5.87
C LEU H 77 -5.15 -20.11 6.98
N LYS H 78 -5.98 -21.13 7.23
CA LYS H 78 -6.94 -21.11 8.37
C LYS H 78 -6.19 -21.12 9.69
N ILE H 79 -5.22 -22.03 9.81
CA ILE H 79 -4.38 -22.12 10.99
C ILE H 79 -3.78 -20.76 11.29
N GLU H 80 -3.30 -20.11 10.25
CA GLU H 80 -2.69 -18.80 10.36
C GLU H 80 -3.71 -17.78 10.91
N ILE H 81 -4.88 -17.74 10.29
CA ILE H 81 -5.91 -16.75 10.62
C ILE H 81 -6.41 -16.86 12.05
N VAL H 82 -6.68 -18.08 12.52
CA VAL H 82 -7.02 -18.32 13.92
C VAL H 82 -5.89 -17.86 14.84
N LYS H 83 -4.67 -18.27 14.49
CA LYS H 83 -3.51 -17.98 15.31
C LYS H 83 -3.38 -16.48 15.55
N GLU H 84 -3.51 -15.68 14.49
CA GLU H 84 -3.41 -14.24 14.60
C GLU H 84 -4.47 -13.75 15.56
N ARG H 85 -5.74 -13.99 15.22
CA ARG H 85 -6.88 -13.62 16.04
C ARG H 85 -6.72 -14.02 17.52
N GLY H 86 -6.22 -15.24 17.74
CA GLY H 86 -5.99 -15.79 19.08
C GLY H 86 -5.00 -15.00 19.90
N ALA H 87 -3.82 -14.72 19.32
CA ALA H 87 -2.81 -13.87 19.95
C ALA H 87 -3.40 -12.55 20.43
N ASN H 88 -4.21 -11.94 19.57
CA ASN H 88 -4.86 -10.70 19.90
C ASN H 88 -5.83 -10.80 21.07
N LEU H 89 -6.57 -11.91 21.17
CA LEU H 89 -7.43 -12.14 22.33
C LEU H 89 -6.57 -12.32 23.58
N LEU H 90 -5.52 -13.13 23.44
CA LEU H 90 -4.61 -13.37 24.54
C LEU H 90 -4.09 -12.05 25.15
N SER H 91 -3.62 -11.13 24.29
CA SER H 91 -3.19 -9.80 24.73
C SER H 91 -4.25 -9.02 25.51
N ARG H 92 -5.49 -9.11 25.04
CA ARG H 92 -6.62 -8.47 25.70
C ARG H 92 -6.80 -9.10 27.08
N LEU H 93 -6.65 -10.42 27.15
CA LEU H 93 -6.73 -11.18 28.39
C LEU H 93 -5.66 -10.76 29.38
N TYR H 94 -4.40 -10.74 28.93
CA TYR H 94 -3.28 -10.32 29.78
C TYR H 94 -3.51 -8.93 30.35
N ARG H 95 -3.89 -7.99 29.48
CA ARG H 95 -4.16 -6.62 29.85
C ARG H 95 -5.25 -6.49 30.88
N TYR H 96 -6.35 -7.22 30.68
CA TYR H 96 -7.48 -7.24 31.60
C TYR H 96 -7.09 -7.84 32.93
N GLN H 97 -6.43 -9.00 32.88
CA GLN H 97 -5.87 -9.67 34.06
C GLN H 97 -5.02 -8.73 34.89
N ASP H 98 -4.04 -8.07 34.26
CA ASP H 98 -3.18 -7.14 34.98
C ASP H 98 -4.01 -6.08 35.70
N SER H 99 -4.96 -5.50 34.98
CA SER H 99 -5.78 -4.42 35.52
C SER H 99 -6.71 -4.87 36.66
N GLN H 100 -6.92 -6.17 36.79
CA GLN H 100 -7.75 -6.72 37.85
C GLN H 100 -6.93 -7.20 39.02
N GLY H 101 -5.62 -7.00 38.94
CA GLY H 101 -4.71 -7.46 39.97
C GLY H 101 -4.53 -8.97 40.02
N ILE H 102 -5.12 -9.67 39.06
CA ILE H 102 -5.06 -11.14 38.97
C ILE H 102 -3.64 -11.65 38.71
N SER H 103 -3.17 -12.52 39.61
CA SER H 103 -1.80 -13.03 39.51
C SER H 103 -1.56 -13.92 38.30
N ILE H 104 -0.32 -13.91 37.82
CA ILE H 104 0.05 -14.58 36.58
C ILE H 104 -0.13 -16.10 36.58
N ASP H 105 -0.35 -16.69 37.75
CA ASP H 105 -0.44 -18.13 37.88
C ASP H 105 -1.58 -18.57 38.80
N ASP H 106 -2.52 -17.66 39.05
CA ASP H 106 -3.67 -17.93 39.89
C ASP H 106 -4.64 -18.88 39.18
N GLU H 107 -4.31 -20.15 39.21
CA GLU H 107 -5.08 -21.15 38.48
C GLU H 107 -6.48 -21.39 39.06
N SER H 108 -6.85 -20.64 40.10
CA SER H 108 -8.17 -20.77 40.70
C SER H 108 -9.12 -19.79 40.04
N ASN H 109 -8.52 -18.82 39.34
CA ASN H 109 -9.24 -17.77 38.62
C ASN H 109 -9.49 -18.19 37.17
N PRO H 110 -10.76 -18.12 36.70
CA PRO H 110 -11.09 -18.57 35.34
C PRO H 110 -10.23 -17.91 34.27
N TRP H 111 -10.31 -16.58 34.16
CA TRP H 111 -9.53 -15.83 33.17
C TRP H 111 -8.12 -16.39 32.92
N ILE H 112 -7.45 -16.82 33.99
CA ILE H 112 -6.13 -17.43 33.91
C ILE H 112 -6.17 -18.79 33.20
N LEU H 113 -7.12 -19.64 33.56
CA LEU H 113 -7.30 -20.92 32.86
C LEU H 113 -7.58 -20.69 31.37
N MET H 114 -8.51 -19.77 31.10
CA MET H 114 -8.81 -19.29 29.76
C MET H 114 -7.55 -18.92 28.98
N SER H 115 -6.74 -18.01 29.53
CA SER H 115 -5.50 -17.59 28.87
C SER H 115 -4.46 -18.70 28.75
N ASP H 116 -4.37 -19.58 29.76
CA ASP H 116 -3.49 -20.74 29.68
C ASP H 116 -3.83 -21.60 28.48
N ASP H 117 -5.07 -22.04 28.43
CA ASP H 117 -5.58 -22.87 27.36
C ASP H 117 -5.41 -22.19 26.00
N LEU H 118 -5.59 -20.87 25.98
CA LEU H 118 -5.46 -20.09 24.74
C LEU H 118 -4.03 -20.09 24.26
N SER H 119 -3.10 -19.84 25.18
CA SER H 119 -1.68 -19.94 24.89
C SER H 119 -1.37 -21.32 24.27
N ASP H 120 -1.72 -22.38 24.98
CA ASP H 120 -1.48 -23.75 24.51
C ASP H 120 -2.02 -23.99 23.12
N LEU H 121 -3.10 -23.30 22.78
CA LEU H 121 -3.66 -23.36 21.44
C LEU H 121 -2.77 -22.60 20.47
N ILE H 122 -2.59 -21.31 20.77
CA ILE H 122 -1.90 -20.36 19.92
C ILE H 122 -0.42 -20.70 19.70
N HIS H 123 0.16 -21.43 20.66
CA HIS H 123 1.59 -21.71 20.67
C HIS H 123 1.97 -23.09 20.23
N THR H 124 1.08 -24.05 20.45
CA THR H 124 1.40 -25.44 20.17
C THR H 124 0.36 -26.07 19.27
N ASN H 125 -0.89 -26.07 19.73
CA ASN H 125 -1.92 -26.97 19.18
C ASN H 125 -2.52 -26.67 17.81
N ILE H 126 -2.59 -25.42 17.38
CA ILE H 126 -3.19 -25.17 16.07
C ILE H 126 -2.32 -25.76 14.97
N TYR H 127 -1.06 -26.00 15.27
CA TYR H 127 -0.14 -26.56 14.30
C TYR H 127 -0.41 -28.05 14.10
N LEU H 128 -0.93 -28.68 15.16
CA LEU H 128 -1.23 -30.09 15.14
C LEU H 128 -2.61 -30.38 14.55
N VAL H 129 -3.38 -29.31 14.31
CA VAL H 129 -4.67 -29.41 13.63
C VAL H 129 -4.54 -30.13 12.30
N GLU H 130 -5.47 -31.04 12.01
CA GLU H 130 -5.41 -31.75 10.75
C GLU H 130 -6.67 -31.58 9.90
N THR H 131 -7.75 -31.06 10.48
CA THR H 131 -8.99 -30.93 9.72
C THR H 131 -9.65 -29.55 9.78
N PHE H 132 -10.47 -29.25 8.76
CA PHE H 132 -11.18 -27.97 8.68
C PHE H 132 -12.19 -27.79 9.81
N ASP H 133 -12.78 -28.90 10.23
CA ASP H 133 -13.71 -28.90 11.36
C ASP H 133 -12.96 -28.60 12.66
N GLU H 134 -11.72 -29.06 12.77
CA GLU H 134 -10.92 -28.75 13.94
C GLU H 134 -10.69 -27.25 14.03
N ILE H 135 -10.53 -26.62 12.87
CA ILE H 135 -10.36 -25.17 12.78
C ILE H 135 -11.62 -24.42 13.24
N GLU H 136 -12.79 -24.87 12.77
CA GLU H 136 -14.06 -24.33 13.21
C GLU H 136 -14.23 -24.40 14.72
N ARG H 137 -13.92 -25.57 15.30
CA ARG H 137 -14.06 -25.77 16.75
C ARG H 137 -13.28 -24.73 17.55
N TYR H 138 -12.08 -24.43 17.10
CA TYR H 138 -11.27 -23.40 17.73
C TYR H 138 -11.84 -22.01 17.59
N SER H 139 -12.30 -21.68 16.38
CA SER H 139 -12.93 -20.39 16.16
C SER H 139 -14.06 -20.20 17.17
N GLY H 140 -14.93 -21.19 17.28
CA GLY H 140 -16.02 -21.16 18.25
C GLY H 140 -15.58 -20.99 19.69
N TYR H 141 -14.43 -21.56 20.04
CA TYR H 141 -13.87 -21.37 21.37
C TYR H 141 -13.44 -19.93 21.58
N LEU H 142 -12.73 -19.40 20.58
CA LEU H 142 -12.27 -18.02 20.56
C LEU H 142 -13.44 -17.04 20.66
N ASP H 143 -14.51 -17.33 19.92
CA ASP H 143 -15.77 -16.59 20.04
C ASP H 143 -16.23 -16.53 21.49
N GLY H 144 -16.17 -17.67 22.18
CA GLY H 144 -16.60 -17.77 23.57
C GLY H 144 -15.76 -16.95 24.53
N ILE H 145 -14.44 -16.98 24.33
CA ILE H 145 -13.52 -16.11 25.07
C ILE H 145 -13.82 -14.65 24.79
N GLU H 146 -13.98 -14.31 23.51
CA GLU H 146 -14.27 -12.94 23.12
C GLU H 146 -15.56 -12.39 23.73
N ARG H 147 -16.60 -13.22 23.80
CA ARG H 147 -17.87 -12.83 24.42
C ARG H 147 -17.72 -12.38 25.86
N MET H 148 -16.86 -13.06 26.61
CA MET H 148 -16.73 -12.79 28.03
C MET H 148 -15.80 -11.61 28.26
N LEU H 149 -14.72 -11.56 27.51
CA LEU H 149 -13.85 -10.40 27.50
C LEU H 149 -14.67 -9.14 27.22
N GLU H 150 -15.43 -9.14 26.13
CA GLU H 150 -16.37 -8.04 25.79
C GLU H 150 -17.23 -7.58 26.96
N ILE H 151 -17.78 -8.53 27.72
CA ILE H 151 -18.67 -8.24 28.82
C ILE H 151 -17.89 -7.63 29.99
N SER H 152 -16.76 -8.23 30.31
CA SER H 152 -16.00 -7.84 31.48
C SER H 152 -15.21 -6.55 31.30
N GLU H 153 -14.71 -6.33 30.08
CA GLU H 153 -14.06 -5.08 29.72
C GLU H 153 -15.01 -3.90 29.84
N LYS H 154 -16.26 -4.11 29.45
CA LYS H 154 -17.27 -3.06 29.52
C LYS H 154 -17.80 -2.85 30.93
N ARG H 155 -17.37 -3.66 31.89
CA ARG H 155 -17.72 -3.46 33.31
C ARG H 155 -16.77 -2.46 33.94
N MET H 156 -15.63 -2.24 33.28
CA MET H 156 -14.65 -1.27 33.72
C MET H 156 -14.94 0.13 33.14
N VAL H 157 -15.03 0.22 31.81
CA VAL H 157 -15.27 1.49 31.10
C VAL H 157 -16.72 1.97 31.23
N ALA H 158 -17.66 1.09 30.90
CA ALA H 158 -19.09 1.39 31.02
C ALA H 158 -19.64 0.90 32.36
N MET I 1 10.45 9.34 31.95
CA MET I 1 9.63 8.23 31.39
C MET I 1 9.02 8.57 30.04
N GLU I 2 9.78 8.35 28.97
CA GLU I 2 9.26 8.42 27.61
C GLU I 2 8.22 7.31 27.38
N ILE I 3 7.52 7.37 26.26
CA ILE I 3 6.40 6.46 26.04
C ILE I 3 6.83 5.09 25.55
N GLN I 4 7.96 5.01 24.85
CA GLN I 4 8.48 3.70 24.44
C GLN I 4 9.26 2.99 25.56
N ASP I 5 9.76 3.78 26.52
CA ASP I 5 10.47 3.23 27.69
C ASP I 5 9.54 2.45 28.61
N TYR I 6 10.09 1.39 29.21
CA TYR I 6 9.36 0.55 30.15
C TYR I 6 10.13 0.30 31.44
N THR I 7 9.41 0.26 32.55
CA THR I 7 9.95 -0.16 33.85
C THR I 7 10.64 -1.52 33.74
N ASP I 8 11.67 -1.71 34.55
CA ASP I 8 12.27 -3.04 34.72
C ASP I 8 11.25 -4.00 35.36
N SER I 9 10.41 -3.46 36.25
CA SER I 9 9.37 -4.24 36.91
C SER I 9 8.40 -4.85 35.87
N GLU I 10 7.97 -4.01 34.93
CA GLU I 10 7.03 -4.41 33.87
C GLU I 10 7.64 -5.42 32.92
N PHE I 11 8.91 -5.24 32.56
CA PHE I 11 9.58 -6.21 31.71
C PHE I 11 9.64 -7.57 32.41
N LYS I 12 10.23 -7.59 33.61
CA LYS I 12 10.32 -8.81 34.40
C LYS I 12 8.96 -9.51 34.48
N HIS I 13 7.91 -8.74 34.74
CA HIS I 13 6.55 -9.27 34.81
C HIS I 13 6.10 -9.91 33.49
N ALA I 14 6.24 -9.16 32.39
CA ALA I 14 5.94 -9.69 31.06
C ALA I 14 6.72 -10.98 30.81
N LEU I 15 8.03 -10.94 31.05
CA LEU I 15 8.92 -12.10 30.93
C LEU I 15 8.42 -13.29 31.74
N ALA I 16 8.03 -13.03 32.99
CA ALA I 16 7.58 -14.07 33.91
C ALA I 16 6.46 -14.87 33.27
N ARG I 17 5.45 -14.13 32.81
CA ARG I 17 4.28 -14.66 32.13
C ARG I 17 4.66 -15.57 30.95
N ASN I 18 5.58 -15.10 30.13
CA ASN I 18 5.94 -15.79 28.91
C ASN I 18 6.67 -17.09 29.17
N LEU I 19 7.62 -17.04 30.10
CA LEU I 19 8.33 -18.24 30.51
C LEU I 19 7.33 -19.30 30.98
N ARG I 20 6.44 -18.94 31.90
CA ARG I 20 5.41 -19.86 32.33
C ARG I 20 4.63 -20.35 31.10
N SER I 21 4.13 -19.40 30.31
CA SER I 21 3.16 -19.68 29.28
C SER I 21 3.70 -20.58 28.20
N LEU I 22 4.88 -20.25 27.67
CA LEU I 22 5.46 -21.02 26.57
C LEU I 22 5.91 -22.43 26.97
N THR I 23 6.33 -22.57 28.22
CA THR I 23 6.85 -23.81 28.80
C THR I 23 5.85 -25.00 28.89
N ARG I 24 4.55 -24.68 28.99
CA ARG I 24 3.51 -25.66 29.29
C ARG I 24 3.55 -26.89 28.39
N GLY I 25 3.61 -28.06 28.99
CA GLY I 25 3.61 -29.32 28.25
C GLY I 25 4.78 -29.41 27.29
N LYS I 26 5.89 -28.78 27.68
CA LYS I 26 7.16 -28.94 27.01
C LYS I 26 8.11 -29.53 28.02
N LYS I 27 9.13 -30.24 27.53
CA LYS I 27 10.14 -30.83 28.37
C LYS I 27 11.49 -30.55 27.74
N SER I 28 12.55 -30.53 28.55
CA SER I 28 13.87 -30.21 28.05
C SER I 28 14.56 -31.47 27.58
N SER I 29 15.30 -31.35 26.48
CA SER I 29 15.94 -32.50 25.87
C SER I 29 17.39 -32.60 26.29
N LYS I 30 17.88 -33.83 26.39
CA LYS I 30 19.29 -34.04 26.64
C LYS I 30 20.13 -33.58 25.45
N GLN I 31 19.63 -33.79 24.24
CA GLN I 31 20.24 -33.21 23.05
C GLN I 31 19.27 -32.24 22.37
N PRO I 32 19.25 -30.97 22.83
CA PRO I 32 18.24 -30.02 22.35
C PRO I 32 18.62 -29.42 21.01
N ILE I 33 17.61 -29.18 20.20
CA ILE I 33 17.78 -28.60 18.89
C ILE I 33 17.14 -27.23 18.91
N ALA I 34 17.76 -26.26 18.22
CA ALA I 34 17.10 -24.97 17.94
C ALA I 34 16.99 -24.72 16.44
N ILE I 35 15.83 -24.23 16.00
CA ILE I 35 15.59 -24.04 14.57
C ILE I 35 15.28 -22.58 14.23
N LEU I 36 16.23 -21.88 13.63
CA LEU I 36 15.95 -20.52 13.18
C LEU I 36 15.17 -20.55 11.87
N LEU I 37 14.13 -19.72 11.76
CA LEU I 37 13.36 -19.65 10.51
C LEU I 37 13.77 -18.48 9.65
N GLY I 38 13.54 -18.61 8.35
CA GLY I 38 13.79 -17.52 7.40
C GLY I 38 12.93 -17.67 6.16
N GLY I 39 12.82 -16.58 5.40
CA GLY I 39 12.05 -16.56 4.15
C GLY I 39 11.07 -15.41 4.05
N GLN I 40 10.48 -15.25 2.86
CA GLN I 40 9.47 -14.21 2.59
C GLN I 40 8.37 -14.22 3.64
N SER I 41 7.86 -13.03 3.95
CA SER I 41 6.85 -12.92 5.01
C SER I 41 5.47 -13.26 4.45
N GLY I 42 5.39 -13.47 3.14
CA GLY I 42 4.19 -13.98 2.50
C GLY I 42 4.41 -15.38 1.98
N ALA I 43 5.54 -15.98 2.31
CA ALA I 43 5.88 -17.30 1.76
C ALA I 43 5.20 -18.43 2.49
N GLY I 44 4.68 -18.13 3.68
CA GLY I 44 3.97 -19.13 4.47
C GLY I 44 4.86 -19.85 5.46
N LYS I 45 5.55 -19.07 6.30
CA LYS I 45 6.43 -19.61 7.34
C LYS I 45 5.65 -20.48 8.34
N THR I 46 4.33 -20.30 8.38
CA THR I 46 3.49 -21.11 9.24
C THR I 46 3.58 -22.57 8.83
N THR I 47 3.85 -22.82 7.55
CA THR I 47 4.02 -24.19 7.04
C THR I 47 5.09 -24.93 7.85
N ILE I 48 6.20 -24.25 8.11
CA ILE I 48 7.31 -24.85 8.84
C ILE I 48 6.97 -25.06 10.31
N HIS I 49 6.17 -24.16 10.89
CA HIS I 49 5.61 -24.38 12.24
C HIS I 49 4.83 -25.68 12.32
N ARG I 50 4.00 -25.91 11.30
CA ARG I 50 3.13 -27.06 11.23
C ARG I 50 3.97 -28.33 11.15
N ILE I 51 5.03 -28.28 10.35
CA ILE I 51 5.95 -29.40 10.12
C ILE I 51 6.80 -29.72 11.35
N LYS I 52 7.27 -28.68 12.03
CA LYS I 52 8.18 -28.86 13.15
C LYS I 52 7.48 -29.23 14.46
N GLN I 53 6.28 -28.68 14.68
CA GLN I 53 5.42 -29.14 15.76
C GLN I 53 5.01 -30.61 15.59
N LYS I 54 4.62 -31.00 14.37
CA LYS I 54 4.32 -32.40 14.09
C LYS I 54 5.52 -33.28 14.41
N GLU I 55 6.71 -32.83 14.01
CA GLU I 55 7.98 -33.57 14.14
C GLU I 55 8.41 -33.80 15.59
N PHE I 56 8.27 -32.77 16.42
CA PHE I 56 8.66 -32.82 17.83
C PHE I 56 7.49 -33.27 18.71
N GLN I 57 6.34 -33.50 18.10
CA GLN I 57 5.11 -33.84 18.82
C GLN I 57 4.80 -32.85 19.96
N GLY I 58 4.82 -31.57 19.63
CA GLY I 58 4.49 -30.55 20.58
C GLY I 58 5.62 -30.21 21.54
N ASN I 59 6.77 -30.87 21.42
CA ASN I 59 7.86 -30.62 22.37
C ASN I 59 8.88 -29.56 21.94
N ILE I 60 8.41 -28.52 21.26
CA ILE I 60 9.27 -27.45 20.77
C ILE I 60 8.62 -26.10 21.05
N VAL I 61 9.44 -25.11 21.43
CA VAL I 61 8.93 -23.79 21.80
C VAL I 61 9.05 -22.77 20.66
N ILE I 62 7.92 -22.21 20.26
CA ILE I 62 7.93 -21.21 19.23
C ILE I 62 8.23 -19.86 19.85
N ILE I 63 9.34 -19.25 19.45
CA ILE I 63 9.66 -17.91 19.92
C ILE I 63 9.44 -16.89 18.81
N ASP I 64 8.28 -16.24 18.85
CA ASP I 64 7.90 -15.25 17.85
C ASP I 64 8.15 -13.84 18.35
N GLY I 65 9.20 -13.20 17.84
CA GLY I 65 9.48 -11.82 18.15
C GLY I 65 8.27 -10.91 18.12
N ASP I 66 7.50 -10.99 17.05
CA ASP I 66 6.39 -10.06 16.82
C ASP I 66 5.32 -10.11 17.89
N SER I 67 4.95 -11.33 18.30
CA SER I 67 3.88 -11.51 19.28
C SER I 67 4.11 -10.68 20.56
N PHE I 68 5.36 -10.52 20.96
CA PHE I 68 5.69 -9.78 22.18
C PHE I 68 5.54 -8.26 22.09
N ARG I 69 5.41 -7.69 20.89
CA ARG I 69 5.22 -6.24 20.74
C ARG I 69 4.00 -5.79 21.54
N SER I 70 2.89 -6.49 21.32
CA SER I 70 1.60 -6.21 21.94
C SER I 70 1.68 -6.10 23.46
N GLN I 71 2.65 -6.80 24.04
CA GLN I 71 2.89 -6.87 25.48
C GLN I 71 3.60 -5.65 26.07
N HIS I 72 3.93 -4.68 25.24
CA HIS I 72 4.52 -3.42 25.71
C HIS I 72 3.62 -2.83 26.78
N PRO I 73 4.20 -2.35 27.90
CA PRO I 73 3.45 -1.71 28.96
C PRO I 73 2.46 -0.66 28.46
N HIS I 74 2.87 0.16 27.51
CA HIS I 74 2.00 1.23 27.02
C HIS I 74 1.69 1.00 25.55
N TYR I 75 1.30 -0.23 25.22
CA TYR I 75 0.97 -0.61 23.85
C TYR I 75 -0.24 0.15 23.27
N LEU I 76 -1.41 -0.04 23.89
CA LEU I 76 -2.61 0.67 23.44
C LEU I 76 -2.35 2.16 23.38
N GLU I 77 -1.59 2.67 24.35
CA GLU I 77 -1.25 4.08 24.42
C GLU I 77 -0.40 4.51 23.21
N LEU I 78 0.43 3.59 22.73
CA LEU I 78 1.30 3.80 21.56
C LEU I 78 0.57 3.63 20.24
N GLN I 79 -0.47 2.78 20.26
CA GLN I 79 -1.40 2.60 19.16
C GLN I 79 -2.06 3.93 18.83
N GLN I 80 -2.57 4.58 19.87
CA GLN I 80 -3.26 5.85 19.76
C GLN I 80 -2.40 6.91 19.09
N GLU I 81 -1.15 7.07 19.54
CA GLU I 81 -0.33 8.18 19.08
C GLU I 81 0.34 7.92 17.74
N TYR I 82 0.74 6.67 17.49
CA TYR I 82 1.50 6.36 16.28
C TYR I 82 0.84 5.33 15.36
N GLY I 83 -0.30 4.78 15.78
CA GLY I 83 -1.17 3.98 14.92
C GLY I 83 -0.56 2.78 14.21
N LYS I 84 -0.19 2.99 12.95
CA LYS I 84 0.45 1.94 12.15
C LYS I 84 1.97 1.98 12.31
N ASP I 85 2.49 3.14 12.73
CA ASP I 85 3.94 3.35 12.93
C ASP I 85 4.48 2.90 14.28
N SER I 86 3.58 2.46 15.17
CA SER I 86 3.92 1.98 16.50
C SER I 86 4.98 0.89 16.46
N VAL I 87 5.02 0.18 15.35
CA VAL I 87 6.03 -0.84 15.07
C VAL I 87 7.44 -0.30 15.35
N GLU I 88 7.66 0.98 15.04
CA GLU I 88 8.96 1.59 15.32
C GLU I 88 9.29 1.59 16.81
N TYR I 89 8.29 1.87 17.66
CA TYR I 89 8.52 2.01 19.10
C TYR I 89 8.48 0.70 19.92
N THR I 90 7.74 -0.30 19.45
CA THR I 90 7.63 -1.58 20.17
C THR I 90 8.80 -2.56 19.94
N LYS I 91 9.48 -2.44 18.80
CA LYS I 91 10.51 -3.40 18.42
C LYS I 91 11.56 -3.61 19.52
N ASP I 92 12.05 -2.53 20.08
CA ASP I 92 13.10 -2.60 21.09
C ASP I 92 12.71 -3.51 22.25
N PHE I 93 11.53 -3.28 22.81
CA PHE I 93 10.99 -4.12 23.88
C PHE I 93 10.83 -5.56 23.42
N ALA I 94 10.15 -5.76 22.30
CA ALA I 94 9.90 -7.11 21.83
C ALA I 94 11.22 -7.84 21.58
N GLY I 95 12.25 -7.07 21.23
CA GLY I 95 13.58 -7.61 20.96
C GLY I 95 14.25 -8.19 22.20
N LYS I 96 14.29 -7.40 23.27
CA LYS I 96 14.80 -7.88 24.55
C LYS I 96 13.99 -9.06 25.08
N MET I 97 12.68 -9.06 24.83
CA MET I 97 11.82 -10.16 25.25
C MET I 97 12.17 -11.47 24.59
N VAL I 98 12.67 -11.39 23.36
CA VAL I 98 13.15 -12.54 22.64
C VAL I 98 14.45 -12.94 23.31
N GLU I 99 15.39 -12.00 23.31
CA GLU I 99 16.71 -12.22 23.92
C GLU I 99 16.64 -12.90 25.29
N SER I 100 15.72 -12.47 26.15
CA SER I 100 15.58 -13.03 27.50
C SER I 100 15.09 -14.45 27.45
N LEU I 101 14.08 -14.67 26.62
CA LEU I 101 13.46 -15.98 26.47
C LEU I 101 14.44 -16.96 25.86
N VAL I 102 15.07 -16.53 24.77
CA VAL I 102 16.04 -17.34 24.08
C VAL I 102 17.23 -17.67 25.01
N THR I 103 17.73 -16.67 25.75
CA THR I 103 18.77 -16.88 26.77
C THR I 103 18.32 -17.92 27.78
N LYS I 104 17.23 -17.62 28.49
CA LYS I 104 16.78 -18.39 29.63
C LYS I 104 16.39 -19.82 29.27
N LEU I 105 15.61 -19.99 28.20
CA LEU I 105 15.07 -21.30 27.83
C LEU I 105 16.14 -22.22 27.27
N SER I 106 17.11 -21.63 26.55
CA SER I 106 18.24 -22.41 26.06
C SER I 106 19.04 -22.96 27.25
N SER I 107 19.20 -22.13 28.27
CA SER I 107 19.85 -22.52 29.51
C SER I 107 19.15 -23.72 30.15
N LEU I 108 17.83 -23.77 30.06
CA LEU I 108 17.04 -24.86 30.64
C LEU I 108 16.95 -26.13 29.76
N GLY I 109 17.30 -26.00 28.47
CA GLY I 109 17.40 -27.17 27.58
C GLY I 109 16.21 -27.45 26.68
N TYR I 110 15.29 -26.50 26.59
CA TYR I 110 14.10 -26.60 25.72
C TYR I 110 14.43 -26.56 24.22
N ASN I 111 13.72 -27.35 23.44
CA ASN I 111 13.83 -27.25 21.98
C ASN I 111 13.20 -25.92 21.53
N LEU I 112 13.91 -25.18 20.70
CA LEU I 112 13.46 -23.86 20.29
C LEU I 112 13.22 -23.77 18.79
N LEU I 113 12.08 -23.17 18.42
CA LEU I 113 11.79 -22.77 17.04
C LEU I 113 11.74 -21.26 16.98
N ILE I 114 12.84 -20.65 16.55
CA ILE I 114 12.99 -19.21 16.67
C ILE I 114 12.58 -18.50 15.40
N GLU I 115 11.44 -17.82 15.49
CA GLU I 115 10.87 -17.16 14.34
C GLU I 115 11.86 -16.12 13.81
N GLY I 116 11.87 -15.95 12.49
CA GLY I 116 12.73 -14.95 11.85
C GLY I 116 12.52 -14.85 10.35
N THR I 117 13.22 -13.90 9.74
CA THR I 117 13.02 -13.59 8.34
C THR I 117 14.29 -13.79 7.52
N LEU I 118 15.43 -13.57 8.18
CA LEU I 118 16.76 -13.73 7.59
C LEU I 118 17.10 -12.69 6.50
N ARG I 119 16.61 -11.46 6.69
CA ARG I 119 17.00 -10.34 5.82
C ARG I 119 18.43 -9.84 6.09
N THR I 120 19.01 -10.28 7.20
CA THR I 120 20.37 -9.92 7.57
C THR I 120 21.04 -11.09 8.27
N VAL I 121 22.31 -11.37 7.94
CA VAL I 121 23.04 -12.44 8.61
C VAL I 121 23.25 -12.16 10.11
N ASP I 122 23.31 -10.87 10.45
CA ASP I 122 23.66 -10.43 11.81
C ASP I 122 23.06 -11.16 13.00
N VAL I 123 21.74 -11.04 13.13
CA VAL I 123 21.04 -11.49 14.32
C VAL I 123 20.93 -13.02 14.46
N PRO I 124 20.62 -13.74 13.34
CA PRO I 124 20.69 -15.21 13.37
C PRO I 124 22.07 -15.74 13.70
N LYS I 125 23.09 -15.12 13.13
CA LYS I 125 24.49 -15.45 13.38
C LYS I 125 24.79 -15.40 14.87
N LYS I 126 24.45 -14.28 15.50
CA LYS I 126 24.61 -14.11 16.93
C LYS I 126 23.84 -15.14 17.76
N THR I 127 22.59 -15.37 17.38
CA THR I 127 21.71 -16.31 18.09
C THR I 127 22.22 -17.75 18.00
N ALA I 128 22.67 -18.13 16.80
CA ALA I 128 23.18 -19.48 16.55
C ALA I 128 24.42 -19.83 17.38
N GLN I 129 25.37 -18.91 17.50
CA GLN I 129 26.54 -19.12 18.34
C GLN I 129 26.16 -19.17 19.81
N LEU I 130 25.35 -18.20 20.25
CA LEU I 130 24.84 -18.22 21.63
C LEU I 130 24.34 -19.61 21.95
N LEU I 131 23.54 -20.17 21.04
CA LEU I 131 22.96 -21.50 21.21
C LEU I 131 23.97 -22.66 21.11
N LYS I 132 24.85 -22.59 20.10
CA LYS I 132 25.89 -23.61 19.90
C LYS I 132 26.77 -23.78 21.13
N ASN I 133 27.07 -22.68 21.80
CA ASN I 133 27.82 -22.69 23.04
C ASN I 133 27.11 -23.43 24.18
N LYS I 134 25.78 -23.28 24.25
CA LYS I 134 25.00 -23.97 25.26
C LYS I 134 24.78 -25.45 24.91
N GLY I 135 25.35 -25.86 23.79
CA GLY I 135 25.32 -27.25 23.35
C GLY I 135 24.14 -27.63 22.46
N TYR I 136 23.46 -26.63 21.91
CA TYR I 136 22.35 -26.88 21.00
C TYR I 136 22.82 -27.29 19.62
N GLU I 137 22.11 -28.22 19.01
CA GLU I 137 22.21 -28.42 17.58
C GLU I 137 21.30 -27.39 16.91
N VAL I 138 21.91 -26.38 16.29
CA VAL I 138 21.21 -25.28 15.65
C VAL I 138 20.93 -25.58 14.18
N GLN I 139 19.72 -25.23 13.73
CA GLN I 139 19.24 -25.57 12.39
C GLN I 139 18.61 -24.37 11.67
N LEU I 140 18.61 -24.45 10.34
CA LEU I 140 17.98 -23.43 9.52
C LEU I 140 16.88 -24.04 8.67
N ALA I 141 15.65 -23.59 8.85
CA ALA I 141 14.52 -24.03 8.05
C ALA I 141 13.97 -22.83 7.30
N LEU I 142 13.78 -23.00 6.01
CA LEU I 142 13.42 -21.89 5.14
C LEU I 142 12.24 -22.25 4.25
N ILE I 143 11.38 -21.27 4.00
CA ILE I 143 10.34 -21.48 3.00
C ILE I 143 10.47 -20.44 1.88
N ALA I 144 10.28 -20.90 0.65
CA ALA I 144 10.46 -20.03 -0.50
C ALA I 144 9.42 -20.32 -1.55
N THR I 145 8.95 -19.25 -2.18
CA THR I 145 8.03 -19.35 -3.31
C THR I 145 8.32 -18.19 -4.24
N LYS I 146 7.79 -18.26 -5.44
CA LYS I 146 7.82 -17.14 -6.34
C LYS I 146 7.38 -15.90 -5.57
N PRO I 147 8.20 -14.84 -5.63
CA PRO I 147 7.87 -13.48 -5.19
C PRO I 147 6.41 -13.09 -5.44
N GLU I 148 5.96 -13.25 -6.68
CA GLU I 148 4.56 -12.96 -7.04
C GLU I 148 3.55 -13.63 -6.10
N LEU I 149 3.86 -14.82 -5.61
CA LEU I 149 2.95 -15.55 -4.74
C LEU I 149 2.92 -15.02 -3.31
N SER I 150 4.08 -14.74 -2.74
CA SER I 150 4.20 -14.17 -1.38
C SER I 150 3.42 -12.88 -1.24
N TYR I 151 3.73 -11.93 -2.13
CA TYR I 151 3.08 -10.64 -2.15
C TYR I 151 1.60 -10.84 -2.22
N LEU I 152 1.17 -11.69 -3.17
CA LEU I 152 -0.23 -11.99 -3.34
C LEU I 152 -0.82 -12.52 -2.04
N SER I 153 -0.14 -13.48 -1.41
CA SER I 153 -0.59 -14.03 -0.13
C SER I 153 -0.64 -12.93 0.94
N THR I 154 0.43 -12.15 1.02
CA THR I 154 0.51 -11.02 1.94
C THR I 154 -0.68 -10.09 1.83
N LEU I 155 -1.12 -9.84 0.60
CA LEU I 155 -2.28 -9.01 0.34
C LEU I 155 -3.56 -9.70 0.82
N ILE I 156 -3.65 -11.01 0.62
CA ILE I 156 -4.83 -11.77 1.03
C ILE I 156 -4.97 -11.78 2.56
N ARG I 157 -3.86 -11.95 3.27
CA ARG I 157 -3.83 -11.87 4.73
C ARG I 157 -4.47 -10.59 5.26
N TYR I 158 -4.15 -9.47 4.61
CA TYR I 158 -4.67 -8.15 4.96
C TYR I 158 -6.20 -8.11 4.84
N GLU I 159 -6.71 -8.31 3.62
CA GLU I 159 -8.15 -8.22 3.34
C GLU I 159 -9.01 -9.28 4.02
N GLU I 160 -8.44 -10.46 4.26
CA GLU I 160 -9.14 -11.50 5.02
C GLU I 160 -9.37 -11.02 6.45
N LEU I 161 -8.41 -10.23 6.95
CA LEU I 161 -8.52 -9.60 8.27
C LEU I 161 -9.47 -8.41 8.26
N TYR I 162 -9.58 -7.75 7.10
CA TYR I 162 -10.42 -6.54 6.99
C TYR I 162 -11.88 -6.79 7.39
N ILE I 163 -12.34 -8.02 7.16
CA ILE I 163 -13.67 -8.46 7.61
C ILE I 163 -13.60 -9.17 9.00
N ILE I 164 -12.64 -8.76 9.82
CA ILE I 164 -12.57 -9.12 11.26
C ILE I 164 -12.34 -7.85 12.10
N ASN I 165 -11.26 -7.12 11.81
CA ASN I 165 -11.03 -5.78 12.35
C ASN I 165 -11.62 -4.77 11.37
N PRO I 166 -12.70 -4.07 11.78
CA PRO I 166 -13.36 -3.12 10.88
C PRO I 166 -12.41 -2.06 10.33
N ASP I 178 9.40 -9.53 -1.51
CA ASP I 178 9.75 -8.15 -2.00
C ASP I 178 11.02 -7.49 -1.37
N PHE I 179 11.17 -7.62 -0.06
CA PHE I 179 12.40 -7.18 0.59
C PHE I 179 13.38 -8.35 0.42
N ILE I 180 13.01 -9.46 1.03
CA ILE I 180 13.82 -10.66 1.24
C ILE I 180 14.34 -11.39 -0.02
N VAL I 181 13.65 -11.27 -1.15
CA VAL I 181 14.03 -12.01 -2.36
C VAL I 181 15.50 -11.82 -2.77
N ASN I 182 16.02 -10.60 -2.61
CA ASN I 182 17.36 -10.25 -3.06
C ASN I 182 18.44 -10.54 -2.01
N HIS I 183 18.06 -10.55 -0.74
CA HIS I 183 19.00 -10.83 0.35
C HIS I 183 19.09 -12.31 0.68
N LEU I 184 17.98 -13.03 0.55
CA LEU I 184 17.91 -14.39 1.06
C LEU I 184 18.99 -15.32 0.51
N VAL I 185 19.10 -15.39 -0.83
CA VAL I 185 20.11 -16.25 -1.47
C VAL I 185 21.52 -15.92 -0.96
N ASP I 186 21.87 -14.64 -0.96
CA ASP I 186 23.18 -14.16 -0.51
C ASP I 186 23.46 -14.51 0.95
N ASN I 187 22.50 -14.22 1.83
CA ASN I 187 22.64 -14.50 3.25
C ASN I 187 22.78 -16.00 3.55
N THR I 188 22.00 -16.82 2.84
CA THR I 188 22.04 -18.27 3.04
C THR I 188 23.41 -18.81 2.66
N ARG I 189 23.94 -18.33 1.55
CA ARG I 189 25.26 -18.76 1.12
C ARG I 189 26.33 -18.42 2.14
N LYS I 190 26.31 -17.20 2.67
CA LYS I 190 27.30 -16.76 3.66
C LYS I 190 27.22 -17.60 4.94
N LEU I 191 26.00 -17.88 5.39
CA LEU I 191 25.77 -18.72 6.55
C LEU I 191 26.23 -20.18 6.33
N GLU I 192 26.15 -20.66 5.09
CA GLU I 192 26.73 -21.94 4.69
C GLU I 192 28.25 -21.86 4.72
N GLU I 193 28.78 -20.75 4.22
CA GLU I 193 30.20 -20.56 4.09
C GLU I 193 30.89 -20.41 5.45
N LEU I 194 30.10 -19.98 6.45
CA LEU I 194 30.61 -19.83 7.81
C LEU I 194 30.39 -21.08 8.67
N ALA I 195 29.84 -22.13 8.07
CA ALA I 195 29.58 -23.41 8.75
C ALA I 195 28.84 -23.24 10.07
N ILE I 196 27.88 -22.32 10.10
CA ILE I 196 27.17 -21.98 11.32
C ILE I 196 26.14 -23.02 11.78
N PHE I 197 25.26 -23.43 10.86
CA PHE I 197 24.20 -24.38 11.19
C PHE I 197 24.68 -25.80 10.99
N GLU I 198 24.14 -26.72 11.76
CA GLU I 198 24.48 -28.13 11.60
C GLU I 198 23.64 -28.71 10.47
N ARG I 199 22.48 -28.11 10.24
CA ARG I 199 21.53 -28.63 9.27
C ARG I 199 20.62 -27.57 8.66
N ILE I 200 20.66 -27.46 7.34
CA ILE I 200 19.80 -26.54 6.61
C ILE I 200 18.67 -27.31 5.91
N GLN I 201 17.44 -26.85 6.07
CA GLN I 201 16.29 -27.44 5.38
C GLN I 201 15.49 -26.39 4.64
N ILE I 202 14.87 -26.79 3.54
CA ILE I 202 13.98 -25.91 2.76
C ILE I 202 12.66 -26.59 2.41
N TYR I 203 11.56 -25.93 2.77
CA TYR I 203 10.22 -26.48 2.58
C TYR I 203 9.34 -25.70 1.60
N GLN I 204 8.33 -26.40 1.11
CA GLN I 204 7.35 -25.85 0.19
C GLN I 204 6.00 -25.83 0.90
N ARG I 205 5.06 -25.07 0.35
CA ARG I 205 3.76 -24.92 0.98
C ARG I 205 3.04 -26.25 1.25
N ASP I 206 3.36 -27.29 0.47
CA ASP I 206 2.71 -28.60 0.61
C ASP I 206 3.44 -29.49 1.60
N ARG I 207 4.30 -28.88 2.41
CA ARG I 207 5.08 -29.56 3.45
C ARG I 207 6.17 -30.53 2.96
N SER I 208 6.39 -30.58 1.64
CA SER I 208 7.45 -31.40 1.07
C SER I 208 8.77 -30.73 1.37
N CYS I 209 9.75 -31.51 1.80
CA CYS I 209 11.10 -30.96 1.99
C CYS I 209 11.84 -30.96 0.66
N VAL I 210 12.17 -29.78 0.15
CA VAL I 210 12.79 -29.67 -1.15
C VAL I 210 14.32 -29.82 -1.08
N TYR I 211 14.89 -29.52 0.08
CA TYR I 211 16.34 -29.60 0.30
C TYR I 211 16.67 -29.93 1.76
N ASP I 212 17.64 -30.81 1.95
CA ASP I 212 18.13 -31.17 3.27
C ASP I 212 19.64 -31.30 3.19
N SER I 213 20.36 -30.42 3.87
CA SER I 213 21.81 -30.37 3.82
C SER I 213 22.48 -31.63 4.35
N LYS I 214 21.71 -32.42 5.09
CA LYS I 214 22.17 -33.74 5.50
C LYS I 214 22.25 -34.67 4.30
N GLU I 215 21.34 -34.51 3.34
CA GLU I 215 21.22 -35.41 2.18
C GLU I 215 21.83 -34.86 0.89
N ASN I 216 21.88 -33.54 0.75
CA ASN I 216 22.42 -32.91 -0.47
C ASN I 216 23.73 -32.19 -0.18
N THR I 217 24.74 -32.47 -0.98
CA THR I 217 26.01 -31.74 -0.89
C THR I 217 25.87 -30.37 -1.54
N THR I 218 24.87 -30.25 -2.42
CA THR I 218 24.50 -29.01 -3.09
C THR I 218 24.20 -27.87 -2.09
N SER I 219 24.47 -26.64 -2.50
CA SER I 219 24.24 -25.46 -1.66
C SER I 219 22.74 -25.13 -1.59
N ALA I 220 22.28 -24.70 -0.41
CA ALA I 220 20.88 -24.33 -0.23
C ALA I 220 20.54 -23.09 -1.06
N ALA I 221 21.45 -22.12 -1.05
CA ALA I 221 21.31 -20.89 -1.83
C ALA I 221 21.01 -21.14 -3.32
N ASP I 222 21.64 -22.16 -3.90
CA ASP I 222 21.39 -22.53 -5.30
C ASP I 222 19.99 -23.08 -5.51
N VAL I 223 19.44 -23.70 -4.46
CA VAL I 223 18.10 -24.25 -4.50
C VAL I 223 17.12 -23.10 -4.40
N LEU I 224 17.47 -22.11 -3.59
CA LEU I 224 16.68 -20.90 -3.43
C LEU I 224 16.60 -20.12 -4.74
N GLN I 225 17.77 -19.85 -5.33
CA GLN I 225 17.88 -19.28 -6.66
C GLN I 225 16.85 -19.90 -7.62
N GLU I 226 16.81 -21.23 -7.64
CA GLU I 226 15.87 -21.98 -8.49
C GLU I 226 14.40 -21.71 -8.17
N LEU I 227 14.07 -21.68 -6.88
CA LEU I 227 12.69 -21.45 -6.44
C LEU I 227 12.20 -20.03 -6.71
N PHE I 228 13.09 -19.04 -6.56
CA PHE I 228 12.73 -17.66 -6.82
C PHE I 228 12.61 -17.37 -8.31
N PHE I 229 13.60 -17.79 -9.09
CA PHE I 229 13.71 -17.30 -10.47
C PHE I 229 13.50 -18.32 -11.61
N GLY I 230 13.35 -19.60 -11.28
CA GLY I 230 13.20 -20.62 -12.30
C GLY I 230 11.79 -20.76 -12.83
N GLU I 231 11.62 -21.59 -13.86
CA GLU I 231 10.33 -21.99 -14.41
C GLU I 231 9.25 -22.06 -13.32
N TRP I 232 8.07 -21.52 -13.60
CA TRP I 232 6.93 -21.73 -12.71
C TRP I 232 6.39 -23.15 -12.90
N SER I 233 6.01 -23.78 -11.81
CA SER I 233 5.39 -25.12 -11.85
C SER I 233 3.87 -25.03 -12.00
N GLN I 234 3.24 -26.14 -12.34
CA GLN I 234 1.79 -26.21 -12.47
C GLN I 234 1.09 -25.99 -11.12
N VAL I 235 1.70 -26.47 -10.04
CA VAL I 235 1.15 -26.27 -8.70
C VAL I 235 1.08 -24.78 -8.38
N GLU I 236 2.17 -24.07 -8.74
CA GLU I 236 2.30 -22.64 -8.47
C GLU I 236 1.34 -21.79 -9.27
N LYS I 237 1.25 -22.04 -10.58
CA LYS I 237 0.31 -21.32 -11.43
C LYS I 237 -1.12 -21.49 -10.92
N GLU I 238 -1.37 -22.64 -10.28
CA GLU I 238 -2.67 -22.97 -9.70
C GLU I 238 -2.93 -22.13 -8.46
N MET I 239 -1.86 -21.83 -7.73
CA MET I 239 -1.97 -20.96 -6.57
C MET I 239 -2.16 -19.51 -7.01
N LEU I 240 -1.50 -19.13 -8.10
CA LEU I 240 -1.69 -17.80 -8.67
C LEU I 240 -3.11 -17.65 -9.20
N GLN I 241 -3.77 -18.79 -9.45
CA GLN I 241 -5.17 -18.80 -9.85
C GLN I 241 -6.11 -18.63 -8.67
N VAL I 242 -5.91 -19.42 -7.62
CA VAL I 242 -6.75 -19.36 -6.40
C VAL I 242 -6.55 -18.05 -5.63
N GLY I 243 -5.31 -17.57 -5.58
CA GLY I 243 -4.99 -16.27 -5.01
C GLY I 243 -5.58 -15.11 -5.80
N GLU I 244 -5.46 -15.16 -7.13
CA GLU I 244 -5.96 -14.11 -8.02
C GLU I 244 -7.48 -13.97 -7.90
N LYS I 245 -8.20 -15.08 -7.92
CA LYS I 245 -9.67 -15.08 -7.80
C LYS I 245 -10.12 -14.51 -6.46
N ARG I 246 -9.60 -15.11 -5.39
CA ARG I 246 -9.90 -14.70 -4.03
C ARG I 246 -9.60 -13.21 -3.77
N LEU I 247 -8.75 -12.62 -4.60
CA LEU I 247 -8.41 -11.20 -4.47
C LEU I 247 -9.38 -10.29 -5.23
N ASN I 248 -9.83 -10.73 -6.40
CA ASN I 248 -10.84 -10.00 -7.16
C ASN I 248 -12.17 -10.02 -6.41
N GLU I 249 -12.39 -11.09 -5.66
CA GLU I 249 -13.63 -11.33 -4.92
C GLU I 249 -13.69 -10.57 -3.60
N LEU I 250 -12.55 -10.54 -2.91
CA LEU I 250 -12.43 -9.85 -1.63
C LEU I 250 -12.32 -8.32 -1.80
N LEU I 251 -12.02 -7.87 -3.02
CA LEU I 251 -12.05 -6.44 -3.36
C LEU I 251 -13.33 -6.05 -4.11
N GLU I 252 -14.38 -6.83 -3.90
CA GLU I 252 -15.73 -6.53 -4.40
C GLU I 252 -16.77 -7.05 -3.41
N LYS I 253 -16.28 -7.62 -2.30
CA LYS I 253 -17.12 -8.09 -1.19
C LYS I 253 -17.75 -6.94 -0.41
#